data_1ZQ1
#
_entry.id   1ZQ1
#
_cell.length_a   102.700
_cell.length_b   138.200
_cell.length_c   134.400
_cell.angle_alpha   90.00
_cell.angle_beta   109.60
_cell.angle_gamma   90.00
#
_symmetry.space_group_name_H-M   'P 1 21 1'
#
loop_
_entity.id
_entity.type
_entity.pdbx_description
1 polymer 'Glutamyl-tRNA(Gln) amidotransferase subunit D'
2 polymer 'Glutamyl-tRNA(Gln) amidotransferase subunit E'
3 non-polymer 'ASPARTIC ACID'
4 water water
#
loop_
_entity_poly.entity_id
_entity_poly.type
_entity_poly.pdbx_seq_one_letter_code
_entity_poly.pdbx_strand_id
1 'polypeptide(L)'
;(MSE)RVDEFLKERNINVGDFVRITKEEDGEEVTYEGYI(MSE)PPYELSAGDTLVLKLENGYNIGIALEKIRRIEVLER
AKVKPEVHFEALIEGKPGLPEVTIIGTGGTIASRIDYETGAVYPAFTAEELAKALPEIFEVANVKPKLLFNIFSED
(MSE)KPKHWVKIAHEVAKALNSGDYGVVVAHGTDT(MSE)GYTAAALSF(MSE)LRNLGKPVVLVGAQRSSDRPSSDAA
(MSE)NLICSVR(MSE)ATSEVAEV(MSE)VV(MSE)HGETGDTYCLAHRGTKVRK(MSE)HTSRRDAFRSINDVPIAKI
WPNGEIEFLRKDYRKRSDEEVEVDDKIEEKVALVKVYPGISSEIIDFLVDKGYKGIVIEGTGLGHTPNDIIPSIERAVEE
GVAVC(MSE)TSQCIYGRVNLNVYSTGRKLLKAGVIPCED(MSE)LPETAYVKL(MSE)WVLGHTQNLEEVRK(MSE)
(MSE)LTNYAGEITPYTRFDTYLR
;
A,B
2 'polypeptide(L)'
;MMVMTDKFNYEELGLKVGLEIHRQLDTKKLFSPVPSELSDKVEFTFQRRLRPTMSELGEIDPAALEEFKKGRVYVYEGNY
ELTDLVYMDEEPPRGPDREALEVALQIAYLLNAKPVDEVYYMRKIVIDGSNVSGFQRTAIIATDGKVETPWGAVGIPTIC
LEEDAARIIERKDKEVIYRLDRLGIPLIEISTTPDIHHPEQAKVVAKFIGDALRATKKVKRGLGTIRQDLNVSIKGGARI
EIKGVQELDMIPIIIEREVERQLNLLKIRDELRKRGVKPKDIKEEFYDVTDIFENTKSKIIARVIKKGGKVLAIKLPKFR
GLIGREIQPGRRLGTEFADRAKKYVPGIFHIDELPNYGISQEEVNKVIERLNLSEEDAFVLVAAEEEKAKNALREVIKRA
REAIEGVPEETRRALPDGNTEYMRPLPGKARMYPETDIPPLRIPDDLKKKIKENLPELPQAKVERYVKEYKLDRSLAQTL
VDDERDELFEELVSMGVKPSLAASILVVVLKGLRKEVPIENVTDEHIREAFQLYLEGKIAKEAFEEIFKELARNPSKSAR
EVAEEKGLTLLSEEEVTRIIEEVIQQNIEVVKAKGMGAMGLIMGRVMAKVRGKADGKLVSQIVRRKLQEISGG
;
C,D
#
# COMPACT_ATOMS: atom_id res chain seq x y z
N ARG A 2 -45.19 -10.85 16.69
CA ARG A 2 -46.47 -11.58 16.45
C ARG A 2 -46.36 -13.05 16.83
N VAL A 3 -45.13 -13.54 16.94
CA VAL A 3 -44.89 -14.93 17.28
C VAL A 3 -44.46 -15.09 18.72
N ASP A 4 -43.77 -14.08 19.24
CA ASP A 4 -43.30 -14.17 20.62
C ASP A 4 -44.49 -14.50 21.53
N GLU A 5 -45.51 -13.66 21.47
CA GLU A 5 -46.69 -13.87 22.28
C GLU A 5 -47.42 -15.16 21.90
N PHE A 6 -47.76 -15.31 20.62
CA PHE A 6 -48.44 -16.52 20.15
C PHE A 6 -47.87 -17.80 20.76
N LEU A 7 -46.55 -17.92 20.75
CA LEU A 7 -45.89 -19.09 21.30
C LEU A 7 -46.27 -19.23 22.77
N LYS A 8 -46.09 -18.15 23.53
CA LYS A 8 -46.41 -18.11 24.95
C LYS A 8 -47.90 -18.39 25.16
N GLU A 9 -48.73 -17.83 24.29
CA GLU A 9 -50.18 -18.01 24.34
C GLU A 9 -50.55 -19.48 24.46
N ARG A 10 -49.97 -20.29 23.58
CA ARG A 10 -50.24 -21.73 23.56
C ARG A 10 -49.38 -22.44 24.61
N ASN A 11 -48.79 -21.64 25.50
CA ASN A 11 -47.95 -22.13 26.58
C ASN A 11 -46.73 -22.95 26.14
N ILE A 12 -45.77 -22.27 25.52
CA ILE A 12 -44.55 -22.92 25.05
C ILE A 12 -43.32 -22.17 25.54
N ASN A 13 -42.24 -22.90 25.72
CA ASN A 13 -40.98 -22.32 26.18
C ASN A 13 -39.88 -22.54 25.15
N VAL A 14 -39.04 -21.53 24.96
CA VAL A 14 -37.96 -21.66 24.02
C VAL A 14 -37.07 -22.80 24.46
N GLY A 15 -36.91 -23.80 23.61
CA GLY A 15 -36.07 -24.93 23.96
C GLY A 15 -36.85 -26.22 24.07
N ASP A 16 -38.16 -26.11 24.21
CA ASP A 16 -39.02 -27.28 24.32
C ASP A 16 -38.94 -28.09 23.03
N PHE A 17 -38.83 -29.40 23.16
CA PHE A 17 -38.78 -30.29 22.00
C PHE A 17 -40.22 -30.45 21.55
N VAL A 18 -40.52 -30.07 20.32
CA VAL A 18 -41.89 -30.09 19.81
C VAL A 18 -42.11 -30.84 18.48
N ARG A 19 -43.38 -31.07 18.14
CA ARG A 19 -43.76 -31.69 16.88
C ARG A 19 -44.82 -30.84 16.21
N ILE A 20 -44.41 -30.06 15.22
CA ILE A 20 -45.32 -29.18 14.51
C ILE A 20 -45.89 -29.83 13.25
N THR A 21 -47.13 -29.46 12.93
CA THR A 21 -47.79 -29.93 11.73
C THR A 21 -48.24 -28.65 11.08
N LYS A 22 -48.04 -28.54 9.77
CA LYS A 22 -48.43 -27.33 9.08
C LYS A 22 -48.88 -27.64 7.66
N GLU A 23 -49.56 -26.69 7.04
CA GLU A 23 -50.04 -26.86 5.67
C GLU A 23 -49.20 -26.07 4.67
N GLU A 24 -48.98 -26.67 3.51
CA GLU A 24 -48.21 -26.06 2.44
C GLU A 24 -48.85 -26.43 1.10
N ASP A 25 -49.50 -25.46 0.46
CA ASP A 25 -50.14 -25.73 -0.82
C ASP A 25 -51.07 -26.94 -0.67
N GLY A 26 -51.95 -26.88 0.32
CA GLY A 26 -52.90 -27.95 0.56
C GLY A 26 -52.28 -29.33 0.73
N GLU A 27 -51.86 -29.62 1.95
CA GLU A 27 -51.25 -30.90 2.34
C GLU A 27 -50.45 -30.69 3.61
N GLU A 28 -50.30 -31.75 4.40
CA GLU A 28 -49.61 -31.66 5.67
C GLU A 28 -48.11 -31.93 5.67
N VAL A 29 -47.38 -31.07 6.36
CA VAL A 29 -45.93 -31.20 6.50
C VAL A 29 -45.71 -31.35 8.00
N THR A 30 -44.96 -32.36 8.40
CA THR A 30 -44.73 -32.59 9.82
C THR A 30 -43.26 -32.46 10.25
N TYR A 31 -43.00 -31.55 11.19
CA TYR A 31 -41.65 -31.31 11.70
C TYR A 31 -41.52 -31.77 13.16
N GLU A 32 -40.28 -31.80 13.67
CA GLU A 32 -40.00 -32.19 15.05
C GLU A 32 -38.67 -31.58 15.45
N GLY A 33 -38.71 -30.56 16.30
CA GLY A 33 -37.47 -29.95 16.72
C GLY A 33 -37.59 -29.17 18.00
N TYR A 34 -36.55 -28.41 18.33
CA TYR A 34 -36.55 -27.60 19.55
C TYR A 34 -36.76 -26.14 19.19
N ILE A 35 -37.79 -25.55 19.76
CA ILE A 35 -38.10 -24.16 19.48
C ILE A 35 -36.92 -23.25 19.81
N MSE A 36 -36.45 -22.52 18.80
CA MSE A 36 -35.31 -21.61 18.93
C MSE A 36 -35.75 -20.16 19.08
O MSE A 36 -36.88 -19.80 18.76
CB MSE A 36 -34.41 -21.73 17.70
CG MSE A 36 -33.80 -23.11 17.48
SE MSE A 36 -32.39 -23.55 18.72
CE MSE A 36 -31.03 -22.30 18.12
N PRO A 37 -34.84 -19.30 19.56
CA PRO A 37 -35.10 -17.87 19.74
C PRO A 37 -35.28 -17.19 18.39
N PRO A 38 -35.98 -16.05 18.37
CA PRO A 38 -36.23 -15.30 17.12
C PRO A 38 -34.99 -14.62 16.57
N TYR A 39 -34.95 -14.42 15.26
CA TYR A 39 -33.81 -13.75 14.62
C TYR A 39 -33.50 -12.45 15.35
N GLU A 40 -32.24 -12.30 15.70
CA GLU A 40 -31.73 -11.15 16.43
C GLU A 40 -32.20 -9.76 16.00
N LEU A 41 -33.17 -9.67 15.09
CA LEU A 41 -33.65 -8.36 14.68
C LEU A 41 -34.74 -8.36 13.63
N SER A 42 -35.89 -8.93 13.96
CA SER A 42 -37.01 -8.97 13.02
C SER A 42 -38.30 -9.52 13.62
N ALA A 43 -39.39 -8.78 13.46
CA ALA A 43 -40.68 -9.25 13.97
C ALA A 43 -40.88 -10.54 13.19
N GLY A 44 -41.58 -11.50 13.79
CA GLY A 44 -41.74 -12.75 13.09
C GLY A 44 -43.13 -13.24 12.78
N ASP A 45 -43.29 -13.66 11.54
CA ASP A 45 -44.53 -14.23 11.03
C ASP A 45 -44.00 -15.64 10.83
N THR A 46 -42.81 -15.84 11.42
CA THR A 46 -42.08 -17.08 11.33
C THR A 46 -41.55 -17.58 12.69
N LEU A 47 -41.52 -18.89 12.83
CA LEU A 47 -41.07 -19.56 14.04
C LEU A 47 -39.82 -20.36 13.72
N VAL A 48 -38.79 -20.28 14.57
CA VAL A 48 -37.56 -21.02 14.31
C VAL A 48 -37.51 -22.33 15.08
N LEU A 49 -37.24 -23.42 14.36
CA LEU A 49 -37.21 -24.74 14.96
C LEU A 49 -35.95 -25.49 14.57
N LYS A 50 -35.22 -26.01 15.55
CA LYS A 50 -34.02 -26.77 15.25
C LYS A 50 -34.41 -28.23 15.21
N LEU A 51 -34.09 -28.91 14.12
CA LEU A 51 -34.43 -30.32 13.96
C LEU A 51 -33.36 -31.20 14.58
N GLU A 52 -33.63 -32.49 14.65
CA GLU A 52 -32.67 -33.43 15.20
C GLU A 52 -31.60 -33.69 14.14
N ASN A 53 -31.24 -32.62 13.45
CA ASN A 53 -30.23 -32.64 12.40
C ASN A 53 -29.24 -31.59 12.85
N GLY A 54 -29.77 -30.62 13.58
CA GLY A 54 -28.99 -29.50 14.06
C GLY A 54 -29.42 -28.33 13.20
N TYR A 55 -29.91 -28.63 12.00
CA TYR A 55 -30.35 -27.62 11.05
C TYR A 55 -31.53 -26.78 11.52
N ASN A 56 -31.36 -25.47 11.49
CA ASN A 56 -32.42 -24.56 11.89
C ASN A 56 -33.37 -24.33 10.72
N ILE A 57 -34.66 -24.44 11.01
CA ILE A 57 -35.70 -24.27 10.00
C ILE A 57 -36.71 -23.19 10.36
N GLY A 58 -37.35 -22.62 9.34
CA GLY A 58 -38.34 -21.58 9.55
C GLY A 58 -39.75 -21.95 9.13
N ILE A 59 -40.72 -21.63 9.98
CA ILE A 59 -42.13 -21.94 9.71
C ILE A 59 -43.01 -20.70 9.87
N ALA A 60 -43.94 -20.52 8.94
CA ALA A 60 -44.84 -19.37 8.99
C ALA A 60 -46.02 -19.70 9.90
N LEU A 61 -46.24 -18.87 10.92
CA LEU A 61 -47.33 -19.08 11.89
C LEU A 61 -48.66 -19.53 11.31
N GLU A 62 -49.22 -18.72 10.41
CA GLU A 62 -50.49 -19.04 9.78
C GLU A 62 -50.62 -20.49 9.30
N LYS A 63 -49.51 -21.09 8.90
CA LYS A 63 -49.53 -22.47 8.40
C LYS A 63 -49.47 -23.56 9.46
N ILE A 64 -49.24 -23.17 10.72
CA ILE A 64 -49.18 -24.12 11.83
C ILE A 64 -50.58 -24.55 12.23
N ARG A 65 -50.87 -25.84 12.14
CA ARG A 65 -52.20 -26.33 12.50
C ARG A 65 -52.19 -27.09 13.83
N ARG A 66 -51.06 -27.70 14.17
CA ARG A 66 -50.91 -28.45 15.42
C ARG A 66 -49.46 -28.31 15.88
N ILE A 67 -49.24 -27.96 17.15
CA ILE A 67 -47.89 -27.81 17.67
C ILE A 67 -47.75 -28.47 19.03
N GLU A 68 -47.80 -29.80 19.05
CA GLU A 68 -47.67 -30.57 20.30
C GLU A 68 -46.29 -30.47 20.93
N VAL A 69 -46.23 -30.67 22.24
CA VAL A 69 -44.97 -30.61 22.98
C VAL A 69 -44.58 -32.01 23.44
N LEU A 70 -43.48 -32.52 22.92
CA LEU A 70 -43.01 -33.85 23.29
C LEU A 70 -42.21 -33.82 24.59
N GLU A 71 -41.05 -33.17 24.57
CA GLU A 71 -40.22 -33.05 25.75
C GLU A 71 -40.21 -31.56 26.05
N ARG A 72 -39.80 -31.16 27.24
CA ARG A 72 -39.79 -29.75 27.56
C ARG A 72 -38.39 -29.24 27.82
N ALA A 73 -38.27 -27.92 27.93
CA ALA A 73 -37.00 -27.24 28.16
C ALA A 73 -36.13 -27.94 29.21
N LYS A 74 -35.13 -28.67 28.75
CA LYS A 74 -34.24 -29.40 29.64
C LYS A 74 -33.14 -28.48 30.17
N VAL A 75 -33.54 -27.30 30.67
CA VAL A 75 -32.59 -26.32 31.22
C VAL A 75 -31.65 -27.00 32.23
N LYS A 76 -30.36 -26.67 32.15
CA LYS A 76 -29.36 -27.28 33.01
C LYS A 76 -28.23 -26.43 33.61
N PRO A 77 -27.36 -27.06 34.43
CA PRO A 77 -26.22 -26.47 35.12
C PRO A 77 -25.93 -24.97 35.25
N GLU A 78 -25.14 -24.41 34.34
CA GLU A 78 -24.69 -23.01 34.43
C GLU A 78 -23.32 -23.15 35.07
N VAL A 79 -22.44 -23.80 34.31
CA VAL A 79 -21.07 -24.10 34.73
C VAL A 79 -20.23 -22.86 34.95
N HIS A 80 -19.25 -22.99 35.83
CA HIS A 80 -18.39 -21.87 36.14
C HIS A 80 -16.93 -22.23 36.02
N PHE A 81 -16.10 -21.21 35.83
CA PHE A 81 -14.67 -21.42 35.67
C PHE A 81 -13.82 -20.61 36.65
N GLU A 82 -12.57 -21.04 36.86
CA GLU A 82 -11.67 -20.35 37.78
C GLU A 82 -11.18 -19.02 37.21
N ALA A 83 -11.56 -17.92 37.83
CA ALA A 83 -11.15 -16.59 37.39
C ALA A 83 -9.64 -16.48 37.13
N LEU A 84 -8.84 -16.71 38.16
CA LEU A 84 -7.38 -16.66 38.02
C LEU A 84 -6.82 -18.07 38.21
N ILE A 85 -5.61 -18.32 37.72
CA ILE A 85 -5.04 -19.65 37.83
C ILE A 85 -3.61 -19.64 38.37
N GLU A 86 -3.25 -20.76 38.99
CA GLU A 86 -1.92 -20.92 39.59
C GLU A 86 -0.79 -20.59 38.62
N GLY A 87 -0.11 -19.47 38.86
CA GLY A 87 0.98 -19.07 38.00
C GLY A 87 2.10 -20.10 37.92
N LYS A 88 3.22 -19.71 37.30
CA LYS A 88 4.38 -20.59 37.16
C LYS A 88 5.63 -19.87 37.65
N PRO A 89 6.55 -20.60 38.30
CA PRO A 89 7.80 -20.03 38.83
C PRO A 89 8.71 -19.44 37.74
N GLY A 90 9.09 -18.17 37.91
CA GLY A 90 9.98 -17.53 36.95
C GLY A 90 9.32 -16.98 35.69
N LEU A 91 8.07 -16.55 35.80
CA LEU A 91 7.35 -15.99 34.66
C LEU A 91 6.76 -14.63 35.01
N PRO A 92 6.87 -13.67 34.08
CA PRO A 92 6.35 -12.31 34.27
C PRO A 92 4.85 -12.30 34.55
N GLU A 93 4.38 -11.24 35.19
CA GLU A 93 2.96 -11.14 35.48
C GLU A 93 2.35 -10.13 34.51
N VAL A 94 1.52 -10.60 33.59
CA VAL A 94 0.86 -9.71 32.65
C VAL A 94 -0.64 -9.81 32.89
N THR A 95 -1.24 -8.66 33.16
CA THR A 95 -2.66 -8.59 33.43
C THR A 95 -3.39 -8.14 32.15
N ILE A 96 -4.42 -8.88 31.77
CA ILE A 96 -5.20 -8.56 30.58
C ILE A 96 -6.46 -7.79 30.94
N ILE A 97 -6.41 -6.47 30.75
CA ILE A 97 -7.57 -5.64 31.05
C ILE A 97 -8.61 -5.85 29.96
N GLY A 98 -9.75 -6.42 30.36
CA GLY A 98 -10.83 -6.66 29.41
C GLY A 98 -11.66 -5.42 29.22
N THR A 99 -11.63 -4.88 28.00
CA THR A 99 -12.37 -3.67 27.68
C THR A 99 -13.66 -3.97 26.93
N GLY A 100 -13.88 -5.23 26.61
CA GLY A 100 -15.08 -5.59 25.89
C GLY A 100 -14.77 -6.42 24.65
N GLY A 101 -13.54 -6.31 24.14
CA GLY A 101 -13.15 -7.07 22.96
C GLY A 101 -12.86 -8.51 23.36
N THR A 102 -13.70 -9.44 22.93
CA THR A 102 -13.51 -10.84 23.30
C THR A 102 -12.38 -11.60 22.60
N ILE A 103 -11.54 -12.26 23.38
CA ILE A 103 -10.39 -12.98 22.85
C ILE A 103 -10.57 -14.49 22.81
N ALA A 104 -11.73 -14.97 23.25
CA ALA A 104 -12.00 -16.41 23.24
C ALA A 104 -13.48 -16.64 23.46
N SER A 105 -13.91 -17.88 23.35
CA SER A 105 -15.31 -18.17 23.56
C SER A 105 -15.66 -19.64 23.52
N ARG A 106 -16.75 -19.98 24.20
CA ARG A 106 -17.22 -21.34 24.23
C ARG A 106 -18.50 -21.32 23.43
N ILE A 107 -18.78 -22.40 22.72
CA ILE A 107 -20.01 -22.43 21.96
C ILE A 107 -20.74 -23.73 22.29
N ASP A 108 -22.01 -23.59 22.68
CA ASP A 108 -22.83 -24.74 23.03
C ASP A 108 -23.47 -25.24 21.75
N TYR A 109 -22.91 -26.31 21.19
CA TYR A 109 -23.42 -26.83 19.94
C TYR A 109 -24.90 -27.22 19.99
N GLU A 110 -25.28 -28.00 21.00
CA GLU A 110 -26.68 -28.42 21.11
C GLU A 110 -27.62 -27.21 21.16
N THR A 111 -27.21 -26.16 21.87
CA THR A 111 -28.01 -24.95 22.00
C THR A 111 -27.78 -23.96 20.85
N GLY A 112 -26.56 -23.96 20.33
CA GLY A 112 -26.21 -23.08 19.24
C GLY A 112 -25.76 -21.70 19.70
N ALA A 113 -25.69 -21.51 21.01
CA ALA A 113 -25.28 -20.23 21.57
C ALA A 113 -23.78 -20.16 21.76
N VAL A 114 -23.27 -18.93 21.73
CA VAL A 114 -21.84 -18.68 21.89
C VAL A 114 -21.62 -17.70 23.02
N TYR A 115 -20.87 -18.11 24.04
CA TYR A 115 -20.61 -17.22 25.16
C TYR A 115 -19.16 -16.76 25.17
N PRO A 116 -18.93 -15.45 25.40
CA PRO A 116 -17.58 -14.90 25.44
C PRO A 116 -16.81 -15.62 26.53
N ALA A 117 -15.50 -15.42 26.58
CA ALA A 117 -14.69 -16.07 27.59
C ALA A 117 -13.50 -15.20 27.96
N PHE A 118 -13.36 -14.92 29.25
CA PHE A 118 -12.26 -14.10 29.71
C PHE A 118 -11.68 -14.66 31.01
N THR A 119 -12.18 -15.82 31.42
CA THR A 119 -11.74 -16.50 32.63
C THR A 119 -10.41 -17.21 32.37
N ALA A 120 -9.47 -17.09 33.31
CA ALA A 120 -8.16 -17.72 33.16
C ALA A 120 -8.23 -19.22 32.86
N GLU A 121 -9.19 -19.92 33.46
CA GLU A 121 -9.33 -21.35 33.23
C GLU A 121 -9.76 -21.59 31.80
N GLU A 122 -10.41 -20.59 31.20
CA GLU A 122 -10.87 -20.69 29.82
C GLU A 122 -9.75 -20.32 28.86
N LEU A 123 -9.11 -19.18 29.12
CA LEU A 123 -8.00 -18.73 28.29
C LEU A 123 -6.89 -19.76 28.32
N ALA A 124 -6.96 -20.66 29.29
CA ALA A 124 -5.98 -21.72 29.43
C ALA A 124 -6.22 -22.87 28.44
N LYS A 125 -7.43 -23.42 28.46
CA LYS A 125 -7.79 -24.51 27.59
C LYS A 125 -7.95 -24.00 26.15
N ALA A 126 -8.41 -22.77 26.01
CA ALA A 126 -8.61 -22.18 24.70
C ALA A 126 -7.31 -21.74 24.08
N LEU A 127 -6.52 -20.99 24.83
CA LEU A 127 -5.25 -20.49 24.32
C LEU A 127 -4.09 -20.74 25.28
N PRO A 128 -3.57 -21.97 25.33
CA PRO A 128 -2.46 -22.36 26.20
C PRO A 128 -1.20 -21.50 26.05
N GLU A 129 -0.80 -21.32 24.80
CA GLU A 129 0.39 -20.54 24.44
C GLU A 129 0.84 -19.43 25.39
N ILE A 130 -0.09 -18.56 25.78
CA ILE A 130 0.27 -17.45 26.67
C ILE A 130 0.85 -17.86 28.04
N PHE A 131 0.30 -18.92 28.62
CA PHE A 131 0.74 -19.41 29.93
C PHE A 131 2.12 -20.06 29.96
N GLU A 132 2.79 -20.10 28.83
CA GLU A 132 4.12 -20.66 28.74
C GLU A 132 4.98 -19.47 28.33
N VAL A 133 4.50 -18.28 28.66
CA VAL A 133 5.21 -17.07 28.29
C VAL A 133 5.14 -16.08 29.44
N ALA A 134 4.06 -16.16 30.19
CA ALA A 134 3.85 -15.28 31.33
C ALA A 134 2.64 -15.73 32.13
N ASN A 135 2.52 -15.25 33.36
CA ASN A 135 1.37 -15.59 34.19
C ASN A 135 0.31 -14.58 33.82
N VAL A 136 -0.73 -15.05 33.13
CA VAL A 136 -1.79 -14.18 32.66
C VAL A 136 -2.88 -13.92 33.69
N LYS A 137 -3.12 -12.64 33.97
CA LYS A 137 -4.13 -12.24 34.95
C LYS A 137 -5.29 -11.48 34.32
N PRO A 138 -6.37 -12.18 33.95
CA PRO A 138 -7.56 -11.58 33.34
C PRO A 138 -8.27 -10.62 34.30
N LYS A 139 -8.40 -9.35 33.92
CA LYS A 139 -9.07 -8.38 34.76
C LYS A 139 -10.23 -7.67 34.06
N LEU A 140 -11.45 -8.07 34.40
CA LEU A 140 -12.66 -7.48 33.82
C LEU A 140 -12.84 -6.01 34.16
N LEU A 141 -12.55 -5.10 33.23
CA LEU A 141 -12.75 -3.68 33.53
C LEU A 141 -14.17 -3.24 33.16
N PHE A 142 -14.69 -3.75 32.05
CA PHE A 142 -16.06 -3.51 31.54
C PHE A 142 -16.28 -4.04 30.14
N ASN A 143 -17.47 -4.57 29.90
CA ASN A 143 -17.82 -5.16 28.60
C ASN A 143 -18.43 -4.14 27.65
N ILE A 144 -17.65 -3.62 26.73
CA ILE A 144 -18.12 -2.61 25.80
C ILE A 144 -17.61 -2.80 24.38
N PHE A 145 -18.41 -2.34 23.41
CA PHE A 145 -18.06 -2.42 22.01
C PHE A 145 -17.30 -1.18 21.59
N SER A 146 -16.14 -1.36 20.98
CA SER A 146 -15.32 -0.25 20.54
C SER A 146 -16.11 0.84 19.85
N GLU A 147 -17.27 0.48 19.33
CA GLU A 147 -18.16 1.40 18.63
C GLU A 147 -18.70 2.49 19.53
N ASP A 148 -19.27 2.08 20.66
CA ASP A 148 -19.83 3.06 21.59
C ASP A 148 -18.99 3.17 22.85
N MSE A 149 -17.78 3.69 22.66
CA MSE A 149 -16.87 3.90 23.76
C MSE A 149 -16.55 5.38 23.76
O MSE A 149 -16.25 5.94 22.72
CB MSE A 149 -15.58 3.12 23.57
CG MSE A 149 -14.64 3.32 24.72
SE MSE A 149 -13.61 1.75 25.03
CE MSE A 149 -14.99 0.62 25.75
N LYS A 150 -16.63 6.00 24.94
CA LYS A 150 -16.36 7.43 25.06
C LYS A 150 -15.02 7.71 25.74
N PRO A 151 -14.56 8.97 25.69
CA PRO A 151 -13.28 9.33 26.31
C PRO A 151 -13.22 8.85 27.76
N LYS A 152 -14.29 9.11 28.52
CA LYS A 152 -14.33 8.71 29.93
C LYS A 152 -13.86 7.27 30.13
N HIS A 153 -14.14 6.40 29.17
CA HIS A 153 -13.73 5.01 29.24
C HIS A 153 -12.21 4.92 29.13
N TRP A 154 -11.63 5.69 28.22
CA TRP A 154 -10.19 5.66 28.06
C TRP A 154 -9.56 5.90 29.41
N VAL A 155 -10.09 6.90 30.12
CA VAL A 155 -9.61 7.26 31.44
C VAL A 155 -9.65 6.05 32.38
N LYS A 156 -10.84 5.46 32.54
CA LYS A 156 -10.97 4.30 33.40
C LYS A 156 -9.95 3.23 33.00
N ILE A 157 -9.49 3.29 31.76
CA ILE A 157 -8.51 2.31 31.29
C ILE A 157 -7.11 2.66 31.81
N ALA A 158 -6.65 3.86 31.47
CA ALA A 158 -5.32 4.32 31.89
C ALA A 158 -5.01 3.96 33.33
N HIS A 159 -5.92 4.33 34.23
CA HIS A 159 -5.73 4.04 35.63
C HIS A 159 -5.49 2.58 35.88
N GLU A 160 -6.45 1.75 35.45
CA GLU A 160 -6.34 0.32 35.63
C GLU A 160 -5.03 -0.26 35.06
N VAL A 161 -4.51 0.38 34.02
CA VAL A 161 -3.25 -0.06 33.42
C VAL A 161 -2.13 0.41 34.33
N ALA A 162 -2.14 1.70 34.62
CA ALA A 162 -1.16 2.32 35.50
C ALA A 162 -1.07 1.49 36.78
N LYS A 163 -2.23 1.28 37.38
CA LYS A 163 -2.34 0.48 38.59
C LYS A 163 -1.58 -0.82 38.35
N ALA A 164 -2.28 -1.84 37.87
CA ALA A 164 -1.66 -3.14 37.60
C ALA A 164 -0.20 -3.06 37.19
N LEU A 165 0.10 -2.14 36.28
CA LEU A 165 1.46 -1.98 35.81
C LEU A 165 2.38 -1.66 36.99
N ASN A 166 2.09 -0.56 37.68
CA ASN A 166 2.88 -0.15 38.83
C ASN A 166 2.73 -1.11 40.01
N SER A 167 1.71 -1.96 39.98
CA SER A 167 1.47 -2.94 41.04
C SER A 167 2.32 -4.17 40.78
N GLY A 168 3.48 -3.97 40.17
CA GLY A 168 4.39 -5.07 39.91
C GLY A 168 4.29 -5.84 38.61
N ASP A 169 3.19 -5.71 37.87
CA ASP A 169 3.03 -6.43 36.61
C ASP A 169 4.12 -6.04 35.62
N TYR A 170 4.65 -7.05 34.92
CA TYR A 170 5.74 -6.84 33.97
C TYR A 170 5.33 -6.04 32.74
N GLY A 171 4.07 -6.23 32.35
CA GLY A 171 3.52 -5.53 31.20
C GLY A 171 2.02 -5.73 31.21
N VAL A 172 1.30 -4.88 30.49
CA VAL A 172 -0.15 -4.97 30.43
C VAL A 172 -0.65 -5.19 29.00
N VAL A 173 -1.78 -5.87 28.87
CA VAL A 173 -2.41 -6.16 27.58
C VAL A 173 -3.91 -5.88 27.62
N VAL A 174 -4.33 -4.83 26.91
CA VAL A 174 -5.74 -4.42 26.84
C VAL A 174 -6.51 -5.10 25.71
N ALA A 175 -7.52 -5.91 26.05
CA ALA A 175 -8.33 -6.61 25.04
C ALA A 175 -9.52 -5.74 24.64
N HIS A 176 -9.27 -4.86 23.66
CA HIS A 176 -10.21 -3.88 23.14
C HIS A 176 -10.94 -4.39 21.88
N GLY A 177 -12.03 -3.74 21.53
CA GLY A 177 -12.76 -4.12 20.33
C GLY A 177 -11.97 -3.54 19.18
N THR A 178 -12.31 -3.89 17.94
CA THR A 178 -11.55 -3.39 16.81
C THR A 178 -11.92 -2.05 16.19
N ASP A 179 -13.20 -1.77 16.05
CA ASP A 179 -13.64 -0.52 15.44
C ASP A 179 -12.96 0.75 15.92
N THR A 180 -12.86 0.96 17.22
CA THR A 180 -12.26 2.21 17.73
C THR A 180 -10.84 2.12 18.29
N MSE A 181 -10.30 0.89 18.36
CA MSE A 181 -8.96 0.67 18.89
C MSE A 181 -7.93 1.77 18.63
O MSE A 181 -7.20 2.17 19.53
CB MSE A 181 -8.42 -0.65 18.35
CG MSE A 181 -7.21 -1.14 19.11
SE MSE A 181 -6.82 -2.97 18.74
CE MSE A 181 -8.04 -3.85 19.96
N GLY A 182 -7.88 2.26 17.40
CA GLY A 182 -6.94 3.32 17.10
C GLY A 182 -7.17 4.59 17.88
N TYR A 183 -8.42 4.87 18.23
CA TYR A 183 -8.73 6.07 19.00
C TYR A 183 -8.24 5.84 20.42
N THR A 184 -8.61 4.69 20.98
CA THR A 184 -8.21 4.28 22.30
C THR A 184 -6.69 4.34 22.42
N ALA A 185 -6.02 3.70 21.47
CA ALA A 185 -4.57 3.67 21.45
C ALA A 185 -3.99 5.06 21.62
N ALA A 186 -4.46 5.99 20.80
CA ALA A 186 -3.97 7.37 20.86
C ALA A 186 -4.22 7.94 22.25
N ALA A 187 -5.39 7.64 22.83
CA ALA A 187 -5.75 8.12 24.15
C ALA A 187 -4.69 7.74 25.20
N LEU A 188 -4.62 6.46 25.55
CA LEU A 188 -3.65 5.97 26.53
C LEU A 188 -2.27 6.57 26.26
N SER A 189 -1.86 6.56 25.00
CA SER A 189 -0.57 7.11 24.63
C SER A 189 -0.27 8.43 25.35
N PHE A 190 -1.20 9.38 25.25
CA PHE A 190 -1.04 10.68 25.88
C PHE A 190 -1.29 10.63 27.38
N MSE A 191 -2.16 9.71 27.79
CA MSE A 191 -2.49 9.58 29.19
C MSE A 191 -1.41 8.94 30.05
O MSE A 191 -1.08 9.46 31.13
CB MSE A 191 -3.82 8.86 29.33
CG MSE A 191 -4.94 9.86 29.51
SE MSE A 191 -6.71 9.28 29.01
CE MSE A 191 -6.67 7.44 29.55
N LEU A 192 -0.85 7.82 29.60
CA LEU A 192 0.19 7.17 30.36
C LEU A 192 1.48 7.95 30.23
N ARG A 193 1.63 8.98 31.06
CA ARG A 193 2.82 9.81 31.06
C ARG A 193 3.97 9.10 31.77
N ASN A 194 5.17 9.22 31.20
CA ASN A 194 6.35 8.59 31.77
C ASN A 194 6.08 7.11 32.01
N LEU A 195 6.07 6.34 30.92
CA LEU A 195 5.82 4.90 30.97
C LEU A 195 7.14 4.16 30.84
N GLY A 196 7.29 3.06 31.58
CA GLY A 196 8.52 2.30 31.51
C GLY A 196 8.25 0.85 31.14
N LYS A 197 6.99 0.54 30.89
CA LYS A 197 6.59 -0.82 30.53
C LYS A 197 5.62 -0.91 29.35
N PRO A 198 5.55 -2.08 28.71
CA PRO A 198 4.68 -2.37 27.56
C PRO A 198 3.17 -2.35 27.81
N VAL A 199 2.46 -1.60 26.99
CA VAL A 199 0.99 -1.54 27.06
C VAL A 199 0.55 -2.01 25.67
N VAL A 200 -0.29 -3.03 25.60
CA VAL A 200 -0.70 -3.59 24.31
C VAL A 200 -2.20 -3.76 24.01
N LEU A 201 -2.74 -2.94 23.10
CA LEU A 201 -4.15 -3.06 22.71
C LEU A 201 -4.26 -4.22 21.71
N VAL A 202 -5.21 -5.14 21.90
CA VAL A 202 -5.34 -6.25 20.97
C VAL A 202 -6.77 -6.71 20.84
N GLY A 203 -7.15 -7.11 19.61
CA GLY A 203 -8.49 -7.59 19.35
C GLY A 203 -8.55 -8.49 18.13
N ALA A 204 -9.73 -9.06 17.87
CA ALA A 204 -9.92 -9.95 16.72
C ALA A 204 -10.81 -9.34 15.65
N GLN A 205 -10.45 -9.64 14.41
CA GLN A 205 -11.19 -9.17 13.24
C GLN A 205 -12.25 -10.26 12.96
N ARG A 206 -11.89 -11.50 13.23
CA ARG A 206 -12.78 -12.64 13.06
C ARG A 206 -13.14 -13.02 14.47
N SER A 207 -14.43 -13.25 14.74
CA SER A 207 -14.87 -13.59 16.09
C SER A 207 -14.19 -14.80 16.71
N SER A 208 -13.89 -14.71 18.00
CA SER A 208 -13.21 -15.78 18.75
C SER A 208 -13.69 -17.22 18.56
N ASP A 209 -14.94 -17.39 18.16
CA ASP A 209 -15.53 -18.72 17.99
C ASP A 209 -15.17 -19.47 16.71
N ARG A 210 -14.91 -18.72 15.65
CA ARG A 210 -14.57 -19.35 14.39
C ARG A 210 -13.16 -19.91 14.39
N PRO A 211 -13.02 -21.20 14.01
CA PRO A 211 -11.75 -21.92 13.96
C PRO A 211 -10.65 -21.12 13.28
N SER A 212 -11.06 -20.17 12.46
CA SER A 212 -10.13 -19.33 11.73
C SER A 212 -9.90 -18.00 12.41
N SER A 213 -10.36 -17.83 13.64
CA SER A 213 -10.20 -16.53 14.25
C SER A 213 -8.75 -16.08 14.37
N ASP A 214 -8.52 -14.79 14.23
CA ASP A 214 -7.17 -14.27 14.34
C ASP A 214 -6.93 -13.89 15.80
N ALA A 215 -7.91 -14.20 16.65
CA ALA A 215 -7.83 -13.88 18.07
C ALA A 215 -6.62 -14.49 18.74
N ALA A 216 -6.48 -15.81 18.66
CA ALA A 216 -5.35 -16.51 19.27
C ALA A 216 -4.01 -15.87 18.93
N MSE A 217 -3.56 -16.01 17.68
CA MSE A 217 -2.28 -15.45 17.28
C MSE A 217 -2.08 -14.01 17.71
O MSE A 217 -0.97 -13.59 18.01
CB MSE A 217 -2.07 -15.54 15.77
CG MSE A 217 -0.76 -14.91 15.38
SE MSE A 217 -0.33 -15.02 13.53
CE MSE A 217 -0.42 -16.94 13.37
N ASN A 218 -3.15 -13.24 17.71
CA ASN A 218 -3.01 -11.85 18.11
C ASN A 218 -2.66 -11.77 19.58
N LEU A 219 -3.32 -12.60 20.38
CA LEU A 219 -3.06 -12.65 21.82
C LEU A 219 -1.62 -13.04 22.06
N ILE A 220 -1.22 -14.21 21.56
CA ILE A 220 0.15 -14.64 21.74
C ILE A 220 1.11 -13.49 21.42
N CYS A 221 1.08 -13.03 20.19
CA CYS A 221 1.97 -11.95 19.82
C CYS A 221 1.89 -10.77 20.77
N SER A 222 0.68 -10.42 21.19
CA SER A 222 0.54 -9.28 22.09
C SER A 222 1.23 -9.52 23.44
N VAL A 223 1.05 -10.70 24.02
CA VAL A 223 1.66 -11.00 25.30
C VAL A 223 3.20 -10.99 25.18
N ARG A 224 3.72 -11.65 24.14
CA ARG A 224 5.16 -11.66 23.91
C ARG A 224 5.72 -10.22 23.91
N MSE A 225 4.87 -9.27 23.54
CA MSE A 225 5.24 -7.86 23.46
C MSE A 225 5.12 -7.17 24.78
O MSE A 225 5.89 -6.27 25.09
CB MSE A 225 4.40 -7.13 22.43
CG MSE A 225 4.73 -7.48 21.00
SE MSE A 225 6.57 -7.10 20.54
CE MSE A 225 6.62 -5.19 20.94
N ALA A 226 4.12 -7.59 25.57
CA ALA A 226 3.89 -7.02 26.89
C ALA A 226 5.16 -7.36 27.67
N THR A 227 5.78 -8.45 27.24
CA THR A 227 7.01 -9.02 27.78
C THR A 227 8.26 -8.40 27.15
N SER A 228 8.10 -7.47 26.22
CA SER A 228 9.24 -6.88 25.54
C SER A 228 9.95 -5.76 26.23
N GLU A 229 10.93 -5.20 25.52
CA GLU A 229 11.74 -4.11 26.01
C GLU A 229 11.24 -2.78 25.46
N VAL A 230 10.02 -2.78 24.93
CA VAL A 230 9.42 -1.57 24.35
C VAL A 230 8.52 -0.90 25.35
N ALA A 231 8.94 0.28 25.80
CA ALA A 231 8.19 1.03 26.79
C ALA A 231 7.22 2.05 26.23
N GLU A 232 6.20 1.59 25.52
CA GLU A 232 5.20 2.51 24.99
C GLU A 232 3.91 1.78 24.63
N VAL A 233 2.85 2.54 24.38
CA VAL A 233 1.54 1.98 24.04
C VAL A 233 1.55 1.51 22.59
N MSE A 234 1.18 0.26 22.35
CA MSE A 234 1.19 -0.29 21.00
C MSE A 234 -0.04 -1.11 20.67
O MSE A 234 -0.74 -1.58 21.56
CB MSE A 234 2.40 -1.21 20.80
CG MSE A 234 3.65 -0.78 21.52
SE MSE A 234 5.05 -2.13 21.41
CE MSE A 234 4.14 -3.61 22.30
N VAL A 235 -0.29 -1.27 19.38
CA VAL A 235 -1.40 -2.10 18.93
C VAL A 235 -0.71 -3.24 18.20
N VAL A 236 -1.17 -4.44 18.45
CA VAL A 236 -0.58 -5.64 17.87
C VAL A 236 -1.66 -6.44 17.16
N MSE A 237 -1.55 -6.51 15.84
CA MSE A 237 -2.52 -7.23 15.01
C MSE A 237 -1.77 -7.89 13.88
O MSE A 237 -0.59 -7.56 13.68
CB MSE A 237 -3.53 -6.23 14.42
CG MSE A 237 -4.36 -5.50 15.45
SE MSE A 237 -5.49 -6.77 16.35
CE MSE A 237 -7.13 -5.71 16.43
N HIS A 238 -2.40 -8.78 13.13
CA HIS A 238 -1.71 -9.41 12.00
C HIS A 238 -1.03 -8.35 11.16
N GLY A 239 0.05 -8.73 10.49
CA GLY A 239 0.77 -7.81 9.64
C GLY A 239 0.31 -8.00 8.20
N GLU A 240 -0.01 -9.24 7.86
CA GLU A 240 -0.47 -9.62 6.54
C GLU A 240 -1.83 -10.31 6.68
N THR A 241 -2.22 -11.04 5.63
CA THR A 241 -3.49 -11.72 5.67
C THR A 241 -3.35 -13.12 6.20
N GLY A 242 -2.20 -13.75 6.01
CA GLY A 242 -2.03 -15.10 6.50
C GLY A 242 -1.51 -15.17 7.92
N ASP A 243 -1.60 -16.34 8.54
CA ASP A 243 -1.09 -16.52 9.88
C ASP A 243 0.43 -16.54 9.74
N THR A 244 1.04 -15.38 9.95
CA THR A 244 2.46 -15.23 9.81
C THR A 244 3.05 -14.51 10.99
N TYR A 245 3.02 -13.19 10.95
CA TYR A 245 3.56 -12.40 12.02
C TYR A 245 2.66 -11.21 12.27
N CYS A 246 2.71 -10.69 13.49
CA CYS A 246 1.93 -9.52 13.81
C CYS A 246 2.85 -8.32 13.68
N LEU A 247 2.27 -7.14 13.70
CA LEU A 247 3.03 -5.92 13.63
C LEU A 247 2.67 -5.18 14.89
N ALA A 248 3.64 -4.48 15.47
CA ALA A 248 3.37 -3.74 16.68
C ALA A 248 3.48 -2.29 16.27
N HIS A 249 2.34 -1.61 16.17
CA HIS A 249 2.37 -0.22 15.75
C HIS A 249 2.37 0.68 16.95
N ARG A 250 2.98 1.84 16.79
CA ARG A 250 3.02 2.84 17.82
C ARG A 250 1.62 3.47 17.90
N GLY A 251 0.95 3.28 19.03
CA GLY A 251 -0.39 3.79 19.24
C GLY A 251 -0.83 5.20 18.89
N THR A 252 -0.06 5.94 18.13
CA THR A 252 -0.47 7.28 17.73
C THR A 252 -0.35 7.42 16.21
N LYS A 253 0.00 6.31 15.55
CA LYS A 253 0.16 6.27 14.11
C LYS A 253 -0.49 5.02 13.52
N VAL A 254 -1.58 4.57 14.12
CA VAL A 254 -2.29 3.38 13.64
C VAL A 254 -3.68 3.79 13.26
N ARG A 255 -4.17 3.25 12.16
CA ARG A 255 -5.55 3.58 11.75
C ARG A 255 -6.12 2.29 11.24
N LYS A 256 -7.42 2.13 11.33
CA LYS A 256 -8.02 0.92 10.79
C LYS A 256 -8.14 1.36 9.33
N MSE A 257 -7.54 0.60 8.42
CA MSE A 257 -7.56 0.94 7.02
C MSE A 257 -8.38 -0.05 6.22
O MSE A 257 -8.45 0.04 5.01
CB MSE A 257 -6.15 1.00 6.47
CG MSE A 257 -5.33 2.09 7.06
SE MSE A 257 -5.79 3.87 6.48
CE MSE A 257 -5.07 3.81 4.68
N HIS A 258 -8.98 -1.00 6.89
CA HIS A 258 -9.79 -1.92 6.17
C HIS A 258 -10.98 -2.37 6.99
N THR A 259 -12.10 -2.46 6.32
CA THR A 259 -13.37 -2.84 6.91
C THR A 259 -13.43 -4.24 7.57
N SER A 260 -12.65 -5.20 7.11
CA SER A 260 -12.76 -6.53 7.69
C SER A 260 -11.52 -7.41 7.73
N ARG A 261 -10.47 -6.99 7.03
CA ARG A 261 -9.24 -7.75 6.98
C ARG A 261 -8.42 -7.73 8.28
N ARG A 262 -7.49 -8.68 8.38
CA ARG A 262 -6.58 -8.75 9.51
C ARG A 262 -5.48 -7.69 9.25
N ASP A 263 -5.19 -7.44 7.97
CA ASP A 263 -4.20 -6.42 7.58
C ASP A 263 -4.75 -5.07 8.00
N ALA A 264 -6.02 -5.05 8.41
CA ALA A 264 -6.70 -3.82 8.75
C ALA A 264 -5.87 -2.73 9.42
N PHE A 265 -5.08 -3.07 10.44
CA PHE A 265 -4.32 -2.02 11.09
C PHE A 265 -2.96 -1.73 10.50
N ARG A 266 -2.73 -0.46 10.18
CA ARG A 266 -1.49 0.00 9.55
C ARG A 266 -0.84 1.16 10.30
N SER A 267 0.46 1.33 10.12
CA SER A 267 1.13 2.46 10.73
C SER A 267 1.08 3.50 9.65
N ILE A 268 0.82 4.75 10.02
CA ILE A 268 0.70 5.81 9.04
C ILE A 268 1.67 6.94 9.22
N ASN A 269 2.37 7.30 8.15
CA ASN A 269 3.34 8.39 8.19
C ASN A 269 4.57 8.05 9.00
N ASP A 270 4.57 6.86 9.58
CA ASP A 270 5.70 6.40 10.38
C ASP A 270 5.76 4.88 10.30
N VAL A 271 6.94 4.33 10.52
CA VAL A 271 7.14 2.89 10.42
C VAL A 271 6.69 2.11 11.66
N PRO A 272 6.28 0.83 11.49
CA PRO A 272 5.87 0.14 12.72
C PRO A 272 7.11 -0.05 13.59
N ILE A 273 6.88 -0.46 14.83
CA ILE A 273 7.96 -0.68 15.79
C ILE A 273 8.67 -2.01 15.52
N ALA A 274 7.88 -3.07 15.35
CA ALA A 274 8.50 -4.36 15.07
C ALA A 274 7.55 -5.44 14.59
N LYS A 275 8.13 -6.56 14.16
CA LYS A 275 7.38 -7.72 13.71
C LYS A 275 7.56 -8.76 14.82
N ILE A 276 6.48 -9.43 15.20
CA ILE A 276 6.55 -10.47 16.20
C ILE A 276 5.90 -11.69 15.61
N TRP A 277 6.37 -12.87 16.00
CA TRP A 277 5.80 -14.10 15.49
C TRP A 277 5.23 -14.84 16.69
N PRO A 278 4.12 -15.55 16.51
CA PRO A 278 3.57 -16.25 17.68
C PRO A 278 4.68 -17.13 18.25
N ASN A 279 5.51 -17.58 17.34
CA ASN A 279 6.65 -18.43 17.63
C ASN A 279 7.63 -17.85 18.65
N GLY A 280 7.83 -16.54 18.62
CA GLY A 280 8.74 -15.92 19.57
C GLY A 280 9.76 -14.96 18.96
N GLU A 281 10.18 -15.22 17.73
CA GLU A 281 11.17 -14.35 17.09
C GLU A 281 10.60 -12.95 16.98
N ILE A 282 11.48 -11.96 16.98
CA ILE A 282 11.02 -10.59 16.85
C ILE A 282 11.93 -9.90 15.85
N GLU A 283 11.53 -8.72 15.38
CA GLU A 283 12.35 -7.99 14.44
C GLU A 283 12.02 -6.52 14.45
N PHE A 284 12.71 -5.75 15.26
CA PHE A 284 12.43 -4.32 15.30
C PHE A 284 12.69 -3.77 13.92
N LEU A 285 11.89 -2.78 13.54
CA LEU A 285 12.02 -2.18 12.22
C LEU A 285 12.48 -0.77 12.45
N ARG A 286 12.70 -0.46 13.72
CA ARG A 286 13.11 0.85 14.12
C ARG A 286 13.99 0.74 15.36
N LYS A 287 14.90 1.68 15.53
CA LYS A 287 15.77 1.67 16.70
C LYS A 287 15.29 2.63 17.77
N ASP A 288 14.60 3.69 17.37
CA ASP A 288 14.15 4.71 18.31
C ASP A 288 12.82 4.49 19.01
N TYR A 289 12.76 3.54 19.93
CA TYR A 289 11.53 3.27 20.69
C TYR A 289 11.86 3.36 22.17
N ARG A 290 10.91 3.80 22.99
CA ARG A 290 11.18 3.91 24.42
C ARG A 290 11.52 2.53 24.98
N LYS A 291 12.58 2.47 25.79
CA LYS A 291 13.04 1.21 26.37
C LYS A 291 12.53 0.93 27.77
N ARG A 292 12.71 -0.31 28.22
CA ARG A 292 12.32 -0.75 29.56
C ARG A 292 13.01 0.15 30.58
N SER A 293 12.28 0.48 31.65
CA SER A 293 12.86 1.29 32.72
C SER A 293 12.15 0.95 34.01
N ASP A 294 12.44 1.69 35.08
CA ASP A 294 11.80 1.43 36.36
C ASP A 294 10.91 2.59 36.76
N GLU A 295 10.92 3.64 35.95
CA GLU A 295 10.10 4.80 36.21
C GLU A 295 8.64 4.41 36.43
N GLU A 296 7.97 5.09 37.35
CA GLU A 296 6.57 4.79 37.62
C GLU A 296 5.66 5.53 36.67
N VAL A 297 4.74 4.79 36.05
CA VAL A 297 3.81 5.37 35.11
C VAL A 297 2.88 6.36 35.81
N GLU A 298 2.72 7.55 35.24
CA GLU A 298 1.85 8.56 35.81
C GLU A 298 0.69 8.90 34.88
N VAL A 299 -0.51 8.53 35.28
CA VAL A 299 -1.70 8.79 34.48
C VAL A 299 -2.03 10.28 34.46
N ASP A 300 -2.40 10.80 33.29
CA ASP A 300 -2.77 12.21 33.15
C ASP A 300 -4.20 12.32 32.62
N ASP A 301 -5.16 12.40 33.53
CA ASP A 301 -6.59 12.48 33.21
C ASP A 301 -7.06 13.63 32.33
N LYS A 302 -6.93 14.85 32.84
CA LYS A 302 -7.35 16.06 32.14
C LYS A 302 -7.73 15.95 30.66
N ILE A 303 -9.02 16.09 30.34
CA ILE A 303 -9.48 16.07 28.95
C ILE A 303 -10.81 16.78 28.71
N GLU A 304 -10.78 17.81 27.87
CA GLU A 304 -11.97 18.58 27.50
C GLU A 304 -12.64 17.85 26.34
N GLU A 305 -13.70 17.09 26.59
CA GLU A 305 -14.33 16.35 25.50
C GLU A 305 -15.36 17.08 24.63
N LYS A 306 -15.43 18.39 24.75
CA LYS A 306 -16.34 19.21 23.95
C LYS A 306 -15.66 19.59 22.64
N VAL A 307 -15.08 18.58 21.98
CA VAL A 307 -14.38 18.79 20.72
C VAL A 307 -14.92 17.89 19.63
N ALA A 308 -15.09 18.46 18.44
CA ALA A 308 -15.62 17.69 17.31
C ALA A 308 -14.64 17.57 16.17
N LEU A 309 -14.82 16.50 15.40
CA LEU A 309 -14.00 16.20 14.24
C LEU A 309 -14.87 16.43 13.02
N VAL A 310 -14.51 17.41 12.20
CA VAL A 310 -15.29 17.72 11.01
C VAL A 310 -14.49 17.47 9.73
N LYS A 311 -14.98 16.55 8.91
CA LYS A 311 -14.35 16.21 7.64
C LYS A 311 -14.95 17.11 6.58
N VAL A 312 -14.11 17.89 5.92
CA VAL A 312 -14.59 18.79 4.90
C VAL A 312 -14.94 18.03 3.63
N TYR A 313 -15.58 18.71 2.70
CA TYR A 313 -15.99 18.15 1.42
C TYR A 313 -16.62 19.22 0.56
N PRO A 314 -16.52 19.08 -0.78
CA PRO A 314 -17.11 20.07 -1.68
C PRO A 314 -18.61 20.20 -1.42
N GLY A 315 -19.03 21.39 -1.02
CA GLY A 315 -20.44 21.59 -0.77
C GLY A 315 -20.85 21.70 0.68
N ILE A 316 -19.89 21.81 1.61
CA ILE A 316 -20.26 21.95 3.01
C ILE A 316 -20.69 23.37 3.21
N SER A 317 -21.69 23.56 4.07
CA SER A 317 -22.18 24.90 4.39
C SER A 317 -21.49 25.35 5.67
N SER A 318 -21.32 26.66 5.81
CA SER A 318 -20.66 27.19 6.99
C SER A 318 -21.53 26.89 8.22
N GLU A 319 -22.80 26.55 7.96
CA GLU A 319 -23.76 26.25 9.03
C GLU A 319 -23.29 25.12 9.94
N ILE A 320 -22.59 24.14 9.37
CA ILE A 320 -22.09 23.00 10.13
C ILE A 320 -21.09 23.46 11.18
N ILE A 321 -20.36 24.54 10.87
CA ILE A 321 -19.38 25.08 11.79
C ILE A 321 -19.97 26.14 12.70
N ASP A 322 -20.96 26.87 12.20
CA ASP A 322 -21.63 27.87 13.02
C ASP A 322 -22.30 27.09 14.14
N PHE A 323 -22.96 26.01 13.78
CA PHE A 323 -23.65 25.17 14.76
C PHE A 323 -22.73 24.73 15.90
N LEU A 324 -21.52 24.31 15.57
CA LEU A 324 -20.60 23.85 16.61
C LEU A 324 -20.19 24.97 17.55
N VAL A 325 -19.72 26.08 17.00
CA VAL A 325 -19.30 27.20 17.81
C VAL A 325 -20.47 27.52 18.72
N ASP A 326 -21.63 27.67 18.10
CA ASP A 326 -22.87 27.96 18.79
C ASP A 326 -23.22 27.06 19.95
N LYS A 327 -23.01 25.74 19.82
CA LYS A 327 -23.35 24.87 20.94
C LYS A 327 -22.23 24.68 21.94
N GLY A 328 -21.32 25.65 21.99
CA GLY A 328 -20.23 25.60 22.94
C GLY A 328 -19.22 24.47 22.85
N TYR A 329 -18.59 24.35 21.68
CA TYR A 329 -17.56 23.36 21.48
C TYR A 329 -16.27 24.15 21.64
N LYS A 330 -15.32 23.61 22.39
CA LYS A 330 -14.07 24.31 22.62
C LYS A 330 -13.02 23.97 21.59
N GLY A 331 -13.17 22.80 20.96
CA GLY A 331 -12.21 22.40 19.95
C GLY A 331 -12.80 21.73 18.71
N ILE A 332 -12.24 22.07 17.55
CA ILE A 332 -12.67 21.49 16.29
C ILE A 332 -11.46 21.01 15.49
N VAL A 333 -11.39 19.71 15.25
CA VAL A 333 -10.30 19.17 14.43
C VAL A 333 -10.90 18.99 13.03
N ILE A 334 -10.53 19.90 12.12
CA ILE A 334 -11.02 19.83 10.75
C ILE A 334 -10.16 18.91 9.92
N GLU A 335 -10.71 17.82 9.44
CA GLU A 335 -9.92 16.94 8.60
C GLU A 335 -10.31 17.36 7.18
N GLY A 336 -9.52 18.32 6.69
CA GLY A 336 -9.72 18.95 5.41
C GLY A 336 -9.23 18.28 4.16
N THR A 337 -8.88 19.13 3.19
CA THR A 337 -8.47 18.69 1.88
C THR A 337 -6.98 18.89 1.56
N GLY A 338 -6.40 17.91 0.87
CA GLY A 338 -4.99 17.99 0.47
C GLY A 338 -3.97 18.43 1.52
N LEU A 339 -3.17 19.43 1.20
CA LEU A 339 -2.18 19.89 2.16
C LEU A 339 -2.85 20.47 3.41
N GLY A 340 -4.18 20.47 3.44
CA GLY A 340 -4.88 21.00 4.61
C GLY A 340 -5.67 22.24 4.25
N HIS A 341 -6.62 22.06 3.36
CA HIS A 341 -7.43 23.15 2.91
C HIS A 341 -8.88 22.97 3.25
N THR A 342 -9.62 24.05 3.04
CA THR A 342 -11.04 24.15 3.29
C THR A 342 -11.59 25.03 2.17
N PRO A 343 -12.87 24.87 1.83
CA PRO A 343 -13.44 25.71 0.77
C PRO A 343 -13.36 27.13 1.29
N ASN A 344 -13.03 28.10 0.44
CA ASN A 344 -12.95 29.47 0.94
C ASN A 344 -14.28 30.03 1.44
N ASP A 345 -15.38 29.48 0.94
CA ASP A 345 -16.69 29.95 1.36
C ASP A 345 -16.93 29.57 2.80
N ILE A 346 -15.96 28.93 3.43
CA ILE A 346 -16.11 28.51 4.81
C ILE A 346 -15.00 29.02 5.73
N ILE A 347 -14.02 29.70 5.18
CA ILE A 347 -12.94 30.24 5.99
C ILE A 347 -13.46 31.28 6.99
N PRO A 348 -14.64 31.88 6.71
CA PRO A 348 -15.12 32.86 7.67
C PRO A 348 -15.72 32.24 8.93
N SER A 349 -16.45 31.14 8.79
CA SER A 349 -17.04 30.50 9.95
C SER A 349 -15.93 29.98 10.86
N ILE A 350 -14.76 29.70 10.26
CA ILE A 350 -13.59 29.20 11.00
C ILE A 350 -12.90 30.41 11.62
N GLU A 351 -12.88 31.49 10.86
CA GLU A 351 -12.29 32.75 11.28
C GLU A 351 -13.02 33.17 12.54
N ARG A 352 -14.34 32.99 12.52
CA ARG A 352 -15.19 33.33 13.65
C ARG A 352 -15.01 32.40 14.85
N ALA A 353 -14.77 31.11 14.58
CA ALA A 353 -14.59 30.14 15.67
C ALA A 353 -13.32 30.44 16.46
N VAL A 354 -12.32 31.01 15.80
CA VAL A 354 -11.09 31.33 16.51
C VAL A 354 -11.36 32.56 17.36
N GLU A 355 -12.11 33.50 16.81
CA GLU A 355 -12.46 34.73 17.53
C GLU A 355 -13.20 34.37 18.82
N GLU A 356 -13.96 33.27 18.78
CA GLU A 356 -14.70 32.82 19.94
C GLU A 356 -13.80 31.90 20.74
N GLY A 357 -12.49 32.06 20.56
CA GLY A 357 -11.53 31.26 21.28
C GLY A 357 -11.72 29.76 21.19
N VAL A 358 -12.02 29.27 20.00
CA VAL A 358 -12.19 27.85 19.79
C VAL A 358 -10.87 27.38 19.22
N ALA A 359 -10.49 26.14 19.50
CA ALA A 359 -9.24 25.59 18.97
C ALA A 359 -9.55 24.88 17.65
N VAL A 360 -9.05 25.41 16.55
CA VAL A 360 -9.29 24.78 15.26
C VAL A 360 -7.99 24.20 14.75
N CYS A 361 -7.98 22.89 14.60
CA CYS A 361 -6.79 22.20 14.13
C CYS A 361 -6.98 21.65 12.73
N MSE A 362 -5.92 21.66 11.95
CA MSE A 362 -6.01 21.18 10.58
C MSE A 362 -5.22 19.90 10.31
O MSE A 362 -4.04 19.81 10.65
CB MSE A 362 -5.55 22.27 9.63
CG MSE A 362 -5.70 21.90 8.17
SE MSE A 362 -7.55 21.57 7.72
CE MSE A 362 -8.08 23.41 7.51
N THR A 363 -5.90 18.94 9.71
CA THR A 363 -5.29 17.68 9.32
C THR A 363 -5.91 17.41 7.95
N SER A 364 -5.54 16.30 7.30
CA SER A 364 -6.09 16.03 5.96
C SER A 364 -6.80 14.70 5.73
N GLN A 365 -7.83 14.73 4.89
CA GLN A 365 -8.62 13.53 4.54
C GLN A 365 -7.74 12.47 3.90
N CYS A 366 -6.61 12.90 3.34
CA CYS A 366 -5.67 11.98 2.71
C CYS A 366 -5.02 11.40 3.93
N ILE A 367 -5.43 10.24 4.41
CA ILE A 367 -4.79 9.74 5.62
C ILE A 367 -3.27 9.98 5.68
N TYR A 368 -2.51 9.48 4.72
CA TYR A 368 -1.05 9.69 4.69
C TYR A 368 -0.61 11.11 4.30
N GLY A 369 0.64 11.46 4.62
CA GLY A 369 1.13 12.79 4.28
C GLY A 369 1.14 13.74 5.47
N ARG A 370 1.60 14.96 5.23
CA ARG A 370 1.71 15.99 6.27
C ARG A 370 1.02 17.30 5.84
N VAL A 371 0.33 17.96 6.78
CA VAL A 371 -0.36 19.21 6.50
C VAL A 371 0.61 20.41 6.48
N ASN A 372 0.57 21.21 5.42
CA ASN A 372 1.41 22.39 5.29
C ASN A 372 0.61 23.53 4.70
N LEU A 373 0.27 24.53 5.50
CA LEU A 373 -0.55 25.65 5.04
C LEU A 373 0.12 26.91 4.53
N ASN A 374 1.35 26.81 4.05
CA ASN A 374 2.01 28.00 3.53
C ASN A 374 2.06 28.04 1.99
N VAL A 375 2.10 26.86 1.39
CA VAL A 375 2.17 26.73 -0.05
C VAL A 375 1.12 27.51 -0.83
N TYR A 376 -0.12 27.08 -0.69
CA TYR A 376 -1.23 27.68 -1.39
C TYR A 376 -1.96 28.79 -0.62
N SER A 377 -2.57 29.71 -1.37
CA SER A 377 -3.31 30.84 -0.81
C SER A 377 -4.36 30.45 0.22
N THR A 378 -5.20 29.49 -0.12
CA THR A 378 -6.24 29.03 0.78
C THR A 378 -5.62 28.69 2.14
N GLY A 379 -4.46 28.05 2.11
CA GLY A 379 -3.78 27.69 3.35
C GLY A 379 -3.39 28.93 4.14
N ARG A 380 -2.75 29.88 3.48
CA ARG A 380 -2.34 31.10 4.15
C ARG A 380 -3.57 31.77 4.76
N LYS A 381 -4.70 31.68 4.08
CA LYS A 381 -5.92 32.28 4.58
C LYS A 381 -6.35 31.58 5.87
N LEU A 382 -6.28 30.26 5.86
CA LEU A 382 -6.64 29.50 7.06
C LEU A 382 -5.65 29.78 8.18
N LEU A 383 -4.42 30.14 7.80
CA LEU A 383 -3.42 30.44 8.81
C LEU A 383 -3.80 31.74 9.49
N LYS A 384 -4.07 32.77 8.68
CA LYS A 384 -4.45 34.07 9.21
C LYS A 384 -5.61 33.91 10.18
N ALA A 385 -6.59 33.09 9.85
CA ALA A 385 -7.72 32.92 10.73
C ALA A 385 -7.27 32.25 12.02
N GLY A 386 -5.98 31.98 12.12
CA GLY A 386 -5.45 31.35 13.32
C GLY A 386 -5.64 29.85 13.47
N VAL A 387 -5.77 29.14 12.34
CA VAL A 387 -5.93 27.69 12.39
C VAL A 387 -4.59 27.02 12.73
N ILE A 388 -4.64 25.99 13.58
CA ILE A 388 -3.43 25.29 14.00
C ILE A 388 -3.09 24.07 13.16
N PRO A 389 -2.01 24.16 12.37
CA PRO A 389 -1.53 23.09 11.49
C PRO A 389 -0.99 21.97 12.36
N CYS A 390 -1.44 20.74 12.14
CA CYS A 390 -0.98 19.63 12.95
C CYS A 390 0.00 18.68 12.29
N GLU A 391 0.87 19.26 11.46
CA GLU A 391 1.89 18.50 10.77
C GLU A 391 1.34 17.21 10.16
N ASP A 392 2.01 16.09 10.45
CA ASP A 392 1.60 14.80 9.92
C ASP A 392 0.88 13.95 10.94
N MSE A 393 0.03 14.57 11.74
CA MSE A 393 -0.71 13.85 12.77
C MSE A 393 -2.03 13.27 12.30
O MSE A 393 -2.88 13.97 11.77
CB MSE A 393 -0.94 14.77 13.95
CG MSE A 393 -1.41 14.06 15.19
SE MSE A 393 -1.75 15.29 16.62
CE MSE A 393 -0.26 16.49 16.32
N LEU A 394 -2.22 11.98 12.51
CA LEU A 394 -3.46 11.31 12.10
C LEU A 394 -4.70 12.09 12.53
N PRO A 395 -5.66 12.30 11.60
CA PRO A 395 -6.85 13.05 12.00
C PRO A 395 -7.50 12.53 13.28
N GLU A 396 -7.60 11.21 13.42
CA GLU A 396 -8.21 10.69 14.65
C GLU A 396 -7.31 11.06 15.84
N THR A 397 -6.01 10.79 15.73
CA THR A 397 -5.07 11.15 16.79
C THR A 397 -5.22 12.61 17.21
N ALA A 398 -5.26 13.52 16.24
CA ALA A 398 -5.41 14.93 16.52
C ALA A 398 -6.69 15.21 17.30
N TYR A 399 -7.73 14.44 17.05
CA TYR A 399 -9.00 14.64 17.75
C TYR A 399 -8.79 14.36 19.24
N VAL A 400 -8.36 13.14 19.53
CA VAL A 400 -8.09 12.70 20.87
C VAL A 400 -7.19 13.72 21.56
N LYS A 401 -6.06 14.01 20.92
CA LYS A 401 -5.08 14.97 21.44
C LYS A 401 -5.71 16.32 21.83
N LEU A 402 -6.45 16.96 20.92
CA LEU A 402 -7.05 18.24 21.25
C LEU A 402 -7.89 18.20 22.50
N MSE A 403 -8.65 17.11 22.70
CA MSE A 403 -9.47 16.98 23.90
C MSE A 403 -8.55 17.05 25.12
O MSE A 403 -8.74 17.88 26.02
CB MSE A 403 -10.23 15.65 23.90
CG MSE A 403 -11.15 15.49 22.69
SE MSE A 403 -12.56 14.18 22.94
CE MSE A 403 -11.44 12.66 23.31
N TRP A 404 -7.54 16.18 25.14
CA TRP A 404 -6.55 16.12 26.20
C TRP A 404 -5.92 17.50 26.40
N VAL A 405 -5.39 18.07 25.33
CA VAL A 405 -4.76 19.37 25.44
C VAL A 405 -5.69 20.50 25.89
N LEU A 406 -6.96 20.44 25.49
CA LEU A 406 -7.91 21.47 25.91
C LEU A 406 -8.28 21.19 27.36
N GLY A 407 -7.91 20.00 27.82
CA GLY A 407 -8.17 19.62 29.19
C GLY A 407 -7.08 20.19 30.08
N HIS A 408 -6.10 20.85 29.46
CA HIS A 408 -5.01 21.45 30.20
C HIS A 408 -5.05 22.97 30.08
N THR A 409 -5.32 23.47 28.88
CA THR A 409 -5.39 24.92 28.66
C THR A 409 -6.62 25.29 27.84
N GLN A 410 -6.87 26.59 27.78
CA GLN A 410 -7.99 27.13 27.03
C GLN A 410 -7.39 28.30 26.25
N ASN A 411 -6.13 28.57 26.53
CA ASN A 411 -5.40 29.64 25.86
C ASN A 411 -4.86 29.07 24.57
N LEU A 412 -5.23 29.68 23.45
CA LEU A 412 -4.81 29.20 22.14
C LEU A 412 -3.30 29.14 21.89
N GLU A 413 -2.55 30.18 22.29
CA GLU A 413 -1.10 30.19 22.09
C GLU A 413 -0.47 28.97 22.74
N GLU A 414 -1.07 28.54 23.85
CA GLU A 414 -0.60 27.39 24.61
C GLU A 414 -1.08 26.09 23.96
N VAL A 415 -2.28 26.12 23.40
CA VAL A 415 -2.82 24.93 22.74
C VAL A 415 -1.97 24.64 21.51
N ARG A 416 -1.48 25.71 20.88
CA ARG A 416 -0.63 25.58 19.72
C ARG A 416 0.62 24.77 20.11
N LYS A 417 1.40 25.29 21.05
CA LYS A 417 2.61 24.61 21.49
C LYS A 417 2.38 23.15 21.84
N MSE A 418 1.38 22.89 22.67
CA MSE A 418 1.06 21.53 23.09
C MSE A 418 0.70 20.60 21.94
O MSE A 418 1.26 19.50 21.83
CB MSE A 418 -0.09 21.54 24.08
CG MSE A 418 0.30 21.98 25.48
SE MSE A 418 -0.96 21.29 26.78
CE MSE A 418 -0.48 19.42 26.67
N MSE A 419 -0.25 21.03 21.12
CA MSE A 419 -0.68 20.25 19.98
C MSE A 419 0.56 19.88 19.21
O MSE A 419 0.83 18.70 19.01
CB MSE A 419 -1.62 21.07 19.10
CG MSE A 419 -3.07 20.97 19.48
SE MSE A 419 -3.58 19.12 19.56
CE MSE A 419 -4.37 19.09 21.27
N LEU A 420 1.31 20.90 18.81
CA LEU A 420 2.54 20.71 18.07
C LEU A 420 3.69 20.04 18.83
N THR A 421 3.55 19.86 20.15
CA THR A 421 4.62 19.20 20.92
C THR A 421 4.47 17.70 20.77
N ASN A 422 5.61 17.01 20.63
CA ASN A 422 5.58 15.57 20.40
C ASN A 422 5.70 14.63 21.60
N TYR A 423 4.59 14.43 22.31
CA TYR A 423 4.59 13.54 23.48
C TYR A 423 4.74 12.06 23.10
N ALA A 424 4.17 11.66 21.95
CA ALA A 424 4.31 10.28 21.46
C ALA A 424 4.67 10.35 19.98
N GLY A 425 4.71 9.21 19.31
CA GLY A 425 5.06 9.23 17.89
C GLY A 425 4.16 10.11 17.04
N GLU A 426 3.09 10.63 17.65
CA GLU A 426 2.09 11.48 17.00
C GLU A 426 2.58 12.30 15.80
N ILE A 427 3.69 12.99 15.97
CA ILE A 427 4.24 13.79 14.89
C ILE A 427 5.61 13.23 14.49
N THR A 428 6.14 13.71 13.38
CA THR A 428 7.40 13.22 12.88
C THR A 428 8.26 14.38 12.46
N PRO A 429 9.59 14.24 12.56
CA PRO A 429 10.43 15.37 12.15
C PRO A 429 10.34 15.51 10.64
N TYR A 430 10.38 14.38 9.94
CA TYR A 430 10.32 14.38 8.49
C TYR A 430 9.67 13.10 7.95
N THR A 431 9.22 13.14 6.70
CA THR A 431 8.55 11.97 6.14
C THR A 431 9.42 10.99 5.37
N ARG A 432 9.41 9.76 5.82
CA ARG A 432 10.20 8.73 5.17
C ARG A 432 9.52 8.28 3.89
N PHE A 433 10.33 7.91 2.91
CA PHE A 433 9.78 7.46 1.65
C PHE A 433 9.03 6.14 1.80
N ASP A 434 9.44 5.32 2.77
CA ASP A 434 8.82 4.01 2.97
C ASP A 434 7.74 4.01 4.04
N THR A 435 7.01 5.12 4.10
CA THR A 435 5.97 5.31 5.10
C THR A 435 4.54 5.56 4.55
N TYR A 436 4.26 5.08 3.34
CA TYR A 436 2.98 5.29 2.66
C TYR A 436 2.42 3.99 2.14
N LEU A 437 1.11 3.80 2.33
CA LEU A 437 0.45 2.60 1.84
C LEU A 437 1.13 1.33 2.28
N ARG A 438 1.64 1.32 3.50
CA ARG A 438 2.31 0.13 3.99
C ARG A 438 1.59 -0.48 5.19
N ARG B 2 0.40 48.87 6.86
CA ARG B 2 1.09 50.11 7.33
C ARG B 2 2.21 50.51 6.38
N VAL B 3 2.67 49.56 5.58
CA VAL B 3 3.74 49.82 4.62
C VAL B 3 3.14 50.27 3.31
N ASP B 4 1.96 49.73 3.05
CA ASP B 4 1.24 50.02 1.83
C ASP B 4 1.04 51.52 1.61
N GLU B 5 0.39 52.18 2.58
CA GLU B 5 0.11 53.60 2.48
C GLU B 5 1.39 54.42 2.64
N PHE B 6 2.17 54.11 3.67
CA PHE B 6 3.42 54.82 3.91
C PHE B 6 4.22 54.92 2.60
N LEU B 7 4.16 53.84 1.82
CA LEU B 7 4.87 53.79 0.55
C LEU B 7 4.33 54.80 -0.45
N LYS B 8 3.03 54.70 -0.73
CA LYS B 8 2.37 55.58 -1.69
C LYS B 8 2.59 57.05 -1.38
N GLU B 9 2.38 57.42 -0.11
CA GLU B 9 2.57 58.79 0.34
C GLU B 9 3.82 59.38 -0.30
N ARG B 10 4.97 58.83 0.09
CA ARG B 10 6.26 59.29 -0.41
C ARG B 10 6.39 59.05 -1.91
N ASN B 11 5.26 58.78 -2.56
CA ASN B 11 5.21 58.53 -4.00
C ASN B 11 6.22 57.46 -4.39
N ILE B 12 5.86 56.22 -4.14
CA ILE B 12 6.75 55.11 -4.49
C ILE B 12 5.88 54.01 -5.10
N ASN B 13 6.07 53.77 -6.40
CA ASN B 13 5.32 52.75 -7.11
C ASN B 13 5.99 51.39 -7.11
N VAL B 14 5.20 50.34 -6.89
CA VAL B 14 5.73 49.00 -6.90
C VAL B 14 6.37 48.80 -8.26
N GLY B 15 7.63 48.40 -8.26
CA GLY B 15 8.35 48.20 -9.52
C GLY B 15 9.37 49.29 -9.77
N ASP B 16 9.33 50.34 -8.96
CA ASP B 16 10.26 51.45 -9.08
C ASP B 16 11.63 51.07 -8.53
N PHE B 17 12.69 51.42 -9.24
CA PHE B 17 14.05 51.13 -8.78
C PHE B 17 14.34 52.21 -7.74
N VAL B 18 14.71 51.81 -6.53
CA VAL B 18 14.93 52.80 -5.48
C VAL B 18 16.27 52.65 -4.75
N ARG B 19 16.58 53.62 -3.90
CA ARG B 19 17.78 53.61 -3.07
C ARG B 19 17.30 54.02 -1.69
N ILE B 20 17.27 53.05 -0.77
CA ILE B 20 16.81 53.30 0.58
C ILE B 20 17.97 53.17 1.55
N THR B 21 17.93 53.93 2.64
CA THR B 21 18.95 53.86 3.67
C THR B 21 18.21 53.69 4.98
N LYS B 22 18.71 52.80 5.83
CA LYS B 22 18.08 52.54 7.12
C LYS B 22 19.10 52.35 8.22
N GLU B 23 18.75 52.76 9.44
CA GLU B 23 19.65 52.62 10.58
C GLU B 23 19.48 51.30 11.31
N GLU B 24 20.45 50.41 11.11
CA GLU B 24 20.43 49.11 11.77
C GLU B 24 21.42 49.19 12.94
N ASP B 25 20.91 49.10 14.17
CA ASP B 25 21.74 49.16 15.37
C ASP B 25 22.69 50.35 15.30
N GLY B 26 22.13 51.56 15.19
CA GLY B 26 22.96 52.74 15.12
C GLY B 26 23.69 52.89 13.80
N GLU B 27 24.17 51.76 13.28
CA GLU B 27 24.88 51.71 12.00
C GLU B 27 24.06 52.27 10.85
N GLU B 28 24.70 52.49 9.71
CA GLU B 28 23.99 52.99 8.53
C GLU B 28 24.14 51.96 7.40
N VAL B 29 23.02 51.60 6.79
CA VAL B 29 23.02 50.65 5.70
C VAL B 29 22.26 51.24 4.51
N THR B 30 22.68 50.87 3.31
CA THR B 30 22.02 51.38 2.12
C THR B 30 21.84 50.30 1.04
N TYR B 31 20.61 50.16 0.56
CA TYR B 31 20.27 49.19 -0.47
C TYR B 31 19.82 49.86 -1.76
N GLU B 32 19.83 49.11 -2.85
CA GLU B 32 19.40 49.61 -4.15
C GLU B 32 18.74 48.47 -4.92
N GLY B 33 17.42 48.54 -5.04
CA GLY B 33 16.69 47.49 -5.75
C GLY B 33 15.33 47.95 -6.19
N TYR B 34 14.59 47.05 -6.82
CA TYR B 34 13.26 47.37 -7.31
C TYR B 34 12.23 46.97 -6.22
N ILE B 35 11.28 47.86 -5.96
CA ILE B 35 10.28 47.60 -4.93
C ILE B 35 9.34 46.45 -5.29
N MSE B 36 9.16 45.54 -4.34
CA MSE B 36 8.32 44.36 -4.55
C MSE B 36 7.01 44.32 -3.76
O MSE B 36 6.81 45.04 -2.78
CB MSE B 36 9.12 43.11 -4.21
CG MSE B 36 10.36 42.95 -5.04
SE MSE B 36 9.96 42.52 -6.87
CE MSE B 36 9.37 40.69 -6.59
N PRO B 37 6.09 43.44 -4.19
CA PRO B 37 4.78 43.28 -3.55
C PRO B 37 4.96 42.60 -2.19
N PRO B 38 4.09 42.92 -1.22
CA PRO B 38 4.12 42.37 0.14
C PRO B 38 3.68 40.91 0.19
N TYR B 39 4.43 40.07 0.88
CA TYR B 39 4.09 38.65 0.99
C TYR B 39 2.59 38.47 1.20
N GLU B 40 2.02 37.53 0.44
CA GLU B 40 0.59 37.21 0.50
C GLU B 40 -0.14 37.93 1.63
N LEU B 41 0.09 37.48 2.85
CA LEU B 41 -0.55 38.11 3.99
C LEU B 41 0.39 38.27 5.18
N SER B 42 0.91 39.48 5.31
CA SER B 42 1.84 39.89 6.37
C SER B 42 1.90 41.40 6.28
N ALA B 43 0.97 42.06 6.98
CA ALA B 43 0.85 43.52 6.95
C ALA B 43 1.92 44.36 7.65
N GLY B 44 2.08 45.56 7.11
CA GLY B 44 3.01 46.55 7.63
C GLY B 44 4.45 46.22 7.95
N ASP B 45 5.02 47.08 8.79
CA ASP B 45 6.39 47.03 9.31
C ASP B 45 7.55 46.60 8.41
N THR B 46 7.27 46.07 7.23
CA THR B 46 8.36 45.63 6.37
C THR B 46 8.15 45.86 4.89
N LEU B 47 9.20 46.34 4.23
CA LEU B 47 9.19 46.62 2.80
C LEU B 47 10.10 45.62 2.12
N VAL B 48 9.64 45.04 1.02
CA VAL B 48 10.44 44.06 0.29
C VAL B 48 11.12 44.73 -0.90
N LEU B 49 12.42 44.48 -1.05
CA LEU B 49 13.18 45.07 -2.15
C LEU B 49 13.94 44.00 -2.90
N LYS B 50 14.02 44.14 -4.21
CA LYS B 50 14.74 43.17 -5.01
C LYS B 50 16.03 43.82 -5.51
N LEU B 51 17.14 43.41 -4.91
CA LEU B 51 18.46 43.91 -5.27
C LEU B 51 18.83 43.47 -6.68
N GLU B 52 19.79 44.14 -7.29
CA GLU B 52 20.18 43.78 -8.64
C GLU B 52 20.71 42.35 -8.67
N ASN B 53 20.86 41.76 -7.49
CA ASN B 53 21.33 40.37 -7.37
C ASN B 53 20.14 39.51 -7.72
N GLY B 54 18.96 40.12 -7.68
CA GLY B 54 17.74 39.40 -7.96
C GLY B 54 17.19 38.92 -6.64
N TYR B 55 18.05 38.90 -5.63
CA TYR B 55 17.68 38.48 -4.27
C TYR B 55 16.69 39.42 -3.60
N ASN B 56 15.74 38.84 -2.88
CA ASN B 56 14.73 39.62 -2.17
C ASN B 56 15.14 39.92 -0.74
N ILE B 57 14.92 41.16 -0.33
CA ILE B 57 15.27 41.61 1.01
C ILE B 57 14.11 42.26 1.75
N GLY B 58 14.21 42.32 3.07
CA GLY B 58 13.19 42.94 3.89
C GLY B 58 13.74 44.17 4.62
N ILE B 59 13.02 45.27 4.55
CA ILE B 59 13.43 46.51 5.22
C ILE B 59 12.37 46.98 6.21
N ALA B 60 12.73 47.06 7.48
CA ALA B 60 11.78 47.51 8.49
C ALA B 60 11.48 49.00 8.27
N LEU B 61 10.30 49.31 7.73
CA LEU B 61 9.88 50.70 7.47
C LEU B 61 10.43 51.62 8.52
N GLU B 62 10.10 51.31 9.76
CA GLU B 62 10.54 52.09 10.91
C GLU B 62 11.94 52.62 10.70
N LYS B 63 12.87 51.69 10.44
CA LYS B 63 14.26 52.02 10.23
C LYS B 63 14.62 52.82 8.99
N ILE B 64 13.67 52.99 8.05
CA ILE B 64 13.96 53.74 6.83
C ILE B 64 14.15 55.23 7.14
N ARG B 65 15.22 55.81 6.61
CA ARG B 65 15.51 57.22 6.85
C ARG B 65 15.51 57.98 5.53
N ARG B 66 15.73 57.27 4.43
CA ARG B 66 15.75 57.91 3.11
C ARG B 66 15.31 56.98 1.99
N ILE B 67 14.39 57.46 1.17
CA ILE B 67 13.88 56.70 0.03
C ILE B 67 13.92 57.59 -1.19
N GLU B 68 14.82 57.29 -2.13
CA GLU B 68 14.91 58.09 -3.34
C GLU B 68 14.68 57.22 -4.55
N VAL B 69 13.87 57.70 -5.47
CA VAL B 69 13.59 56.96 -6.69
C VAL B 69 14.68 57.29 -7.72
N LEU B 70 15.39 56.28 -8.18
CA LEU B 70 16.45 56.48 -9.16
C LEU B 70 15.84 56.39 -10.56
N GLU B 71 15.22 55.26 -10.86
CA GLU B 71 14.57 55.05 -12.15
C GLU B 71 13.12 54.70 -11.86
N ARG B 72 12.27 54.77 -12.89
CA ARG B 72 10.87 54.48 -12.69
C ARG B 72 10.52 53.04 -13.01
N ALA B 73 9.24 52.70 -12.87
CA ALA B 73 8.75 51.36 -13.15
C ALA B 73 8.72 51.09 -14.65
N LYS B 74 9.76 50.43 -15.13
CA LYS B 74 9.90 50.09 -16.55
C LYS B 74 8.65 49.44 -17.14
N VAL B 75 7.84 48.79 -16.29
CA VAL B 75 6.61 48.09 -16.70
C VAL B 75 6.11 48.44 -18.11
N LYS B 76 6.20 47.49 -19.05
CA LYS B 76 5.75 47.76 -20.41
C LYS B 76 5.10 46.66 -21.30
N PRO B 77 5.84 46.14 -22.31
CA PRO B 77 5.34 45.12 -23.25
C PRO B 77 3.91 44.60 -23.21
N GLU B 78 3.68 43.52 -22.46
CA GLU B 78 2.35 42.92 -22.41
C GLU B 78 2.15 42.21 -23.74
N VAL B 79 2.40 40.90 -23.73
CA VAL B 79 2.26 40.09 -24.93
C VAL B 79 1.16 39.06 -24.77
N HIS B 80 0.49 38.73 -25.87
CA HIS B 80 -0.57 37.73 -25.85
C HIS B 80 -0.25 36.61 -26.84
N PHE B 81 -0.81 35.43 -26.58
CA PHE B 81 -0.55 34.25 -27.41
C PHE B 81 -1.83 33.77 -28.07
N GLU B 82 -1.67 33.09 -29.20
CA GLU B 82 -2.81 32.59 -29.96
C GLU B 82 -3.52 31.42 -29.29
N ALA B 83 -4.73 31.69 -28.79
CA ALA B 83 -5.55 30.68 -28.13
C ALA B 83 -5.50 29.27 -28.75
N LEU B 84 -5.94 29.13 -30.00
CA LEU B 84 -5.94 27.84 -30.68
C LEU B 84 -4.95 27.81 -31.84
N ILE B 85 -4.65 26.61 -32.34
CA ILE B 85 -3.70 26.49 -33.45
C ILE B 85 -4.06 25.39 -34.44
N GLU B 86 -3.48 25.54 -35.62
CA GLU B 86 -3.64 24.63 -36.75
C GLU B 86 -3.22 23.19 -36.45
N GLY B 87 -4.17 22.29 -36.51
CA GLY B 87 -3.88 20.89 -36.23
C GLY B 87 -3.04 20.22 -37.28
N LYS B 88 -2.49 19.06 -36.93
CA LYS B 88 -1.67 18.28 -37.85
C LYS B 88 -2.55 17.23 -38.52
N PRO B 89 -2.23 16.89 -39.78
CA PRO B 89 -3.03 15.90 -40.50
C PRO B 89 -3.18 14.58 -39.77
N GLY B 90 -4.38 14.01 -39.83
CA GLY B 90 -4.65 12.71 -39.23
C GLY B 90 -4.85 12.53 -37.73
N LEU B 91 -4.30 13.44 -36.92
CA LEU B 91 -4.42 13.37 -35.46
C LEU B 91 -5.85 13.58 -34.97
N PRO B 92 -6.19 12.95 -33.84
CA PRO B 92 -7.54 13.08 -33.28
C PRO B 92 -7.75 14.45 -32.62
N GLU B 93 -9.00 14.84 -32.48
CA GLU B 93 -9.34 16.10 -31.84
C GLU B 93 -9.53 15.82 -30.34
N VAL B 94 -8.91 16.65 -29.51
CA VAL B 94 -9.04 16.49 -28.07
C VAL B 94 -9.20 17.85 -27.42
N THR B 95 -10.27 18.02 -26.66
CA THR B 95 -10.50 19.29 -26.00
C THR B 95 -10.09 19.21 -24.52
N ILE B 96 -9.34 20.21 -24.08
CA ILE B 96 -8.91 20.26 -22.68
C ILE B 96 -9.76 21.34 -22.01
N ILE B 97 -10.72 20.90 -21.22
CA ILE B 97 -11.59 21.83 -20.50
C ILE B 97 -10.84 22.35 -19.28
N GLY B 98 -10.67 23.67 -19.23
CA GLY B 98 -9.96 24.27 -18.11
C GLY B 98 -10.85 24.57 -16.93
N THR B 99 -10.64 23.84 -15.85
CA THR B 99 -11.42 24.00 -14.63
C THR B 99 -10.67 24.77 -13.57
N GLY B 100 -9.49 25.28 -13.91
CA GLY B 100 -8.72 26.02 -12.94
C GLY B 100 -7.42 25.35 -12.50
N GLY B 101 -7.24 24.07 -12.85
CA GLY B 101 -6.02 23.37 -12.49
C GLY B 101 -4.92 23.65 -13.51
N THR B 102 -4.17 24.73 -13.33
CA THR B 102 -3.12 25.10 -14.26
C THR B 102 -2.14 23.96 -14.61
N ILE B 103 -1.90 23.77 -15.90
CA ILE B 103 -1.02 22.72 -16.38
C ILE B 103 0.23 23.26 -17.05
N ALA B 104 0.46 24.55 -16.90
CA ALA B 104 1.64 25.15 -17.48
C ALA B 104 1.67 26.58 -17.04
N SER B 105 2.85 27.19 -17.06
CA SER B 105 2.95 28.57 -16.68
C SER B 105 4.21 29.22 -17.22
N ARG B 106 4.16 30.52 -17.37
CA ARG B 106 5.30 31.27 -17.82
C ARG B 106 5.74 31.88 -16.49
N ILE B 107 6.94 32.43 -16.44
CA ILE B 107 7.38 33.01 -15.19
C ILE B 107 8.30 34.16 -15.52
N ASP B 108 7.93 35.35 -15.05
CA ASP B 108 8.72 36.55 -15.26
C ASP B 108 9.84 36.54 -14.24
N TYR B 109 11.03 36.10 -14.66
CA TYR B 109 12.16 36.02 -13.74
C TYR B 109 12.63 37.34 -13.15
N GLU B 110 12.55 38.42 -13.93
CA GLU B 110 12.98 39.73 -13.45
C GLU B 110 11.90 40.43 -12.66
N THR B 111 10.72 39.82 -12.59
CA THR B 111 9.61 40.39 -11.85
C THR B 111 9.32 39.48 -10.67
N GLY B 112 9.43 38.17 -10.90
CA GLY B 112 9.18 37.21 -9.85
C GLY B 112 7.76 36.66 -9.90
N ALA B 113 6.99 37.11 -10.89
CA ALA B 113 5.61 36.66 -11.05
C ALA B 113 5.52 35.34 -11.80
N VAL B 114 4.45 34.59 -11.56
CA VAL B 114 4.24 33.32 -12.24
C VAL B 114 2.84 33.34 -12.83
N TYR B 115 2.76 33.31 -14.15
CA TYR B 115 1.45 33.34 -14.81
C TYR B 115 0.99 32.00 -15.34
N PRO B 116 -0.25 31.63 -15.05
CA PRO B 116 -0.81 30.36 -15.51
C PRO B 116 -0.96 30.43 -17.03
N ALA B 117 -0.68 29.32 -17.73
CA ALA B 117 -0.81 29.30 -19.18
C ALA B 117 -1.83 28.25 -19.61
N PHE B 118 -2.62 28.58 -20.63
CA PHE B 118 -3.61 27.61 -21.09
C PHE B 118 -3.90 27.69 -22.58
N THR B 119 -3.21 28.59 -23.25
CA THR B 119 -3.32 28.79 -24.69
C THR B 119 -2.82 27.55 -25.44
N ALA B 120 -3.26 27.34 -26.68
CA ALA B 120 -2.76 26.20 -27.43
C ALA B 120 -1.32 26.53 -27.73
N GLU B 121 -1.06 27.80 -28.04
CA GLU B 121 0.30 28.23 -28.34
C GLU B 121 1.21 27.99 -27.14
N GLU B 122 0.76 28.41 -25.95
CA GLU B 122 1.52 28.22 -24.73
C GLU B 122 1.69 26.74 -24.41
N LEU B 123 0.62 25.97 -24.56
CA LEU B 123 0.69 24.54 -24.30
C LEU B 123 1.67 23.85 -25.24
N ALA B 124 1.76 24.36 -26.47
CA ALA B 124 2.66 23.76 -27.45
C ALA B 124 4.09 24.14 -27.09
N LYS B 125 4.28 25.40 -26.74
CA LYS B 125 5.58 25.91 -26.36
C LYS B 125 6.04 25.22 -25.08
N ALA B 126 5.10 24.62 -24.35
CA ALA B 126 5.45 23.95 -23.10
C ALA B 126 5.38 22.45 -23.18
N LEU B 127 4.42 21.94 -23.95
CA LEU B 127 4.23 20.49 -24.09
C LEU B 127 4.11 19.94 -25.48
N PRO B 128 5.11 20.20 -26.30
CA PRO B 128 5.12 19.72 -27.68
C PRO B 128 4.50 18.31 -27.73
N GLU B 129 4.97 17.46 -26.83
CA GLU B 129 4.53 16.07 -26.77
C GLU B 129 3.07 15.80 -27.02
N ILE B 130 2.17 16.64 -26.49
CA ILE B 130 0.75 16.36 -26.70
C ILE B 130 0.32 16.73 -28.11
N PHE B 131 0.88 17.82 -28.64
CA PHE B 131 0.52 18.22 -29.98
C PHE B 131 1.04 17.25 -31.03
N GLU B 132 1.57 16.13 -30.58
CA GLU B 132 2.11 15.10 -31.45
C GLU B 132 1.26 13.85 -31.33
N VAL B 133 0.41 13.82 -30.31
CA VAL B 133 -0.45 12.69 -30.05
C VAL B 133 -1.82 12.96 -30.63
N ALA B 134 -2.32 14.17 -30.39
CA ALA B 134 -3.62 14.57 -30.89
C ALA B 134 -3.66 16.08 -31.04
N ASN B 135 -4.71 16.60 -31.67
CA ASN B 135 -4.90 18.03 -31.86
C ASN B 135 -5.62 18.61 -30.64
N VAL B 136 -4.87 19.32 -29.81
CA VAL B 136 -5.40 19.87 -28.58
C VAL B 136 -6.06 21.22 -28.65
N LYS B 137 -7.35 21.22 -28.32
CA LYS B 137 -8.15 22.43 -28.32
C LYS B 137 -8.49 22.78 -26.87
N PRO B 138 -7.78 23.75 -26.29
CA PRO B 138 -8.03 24.18 -24.90
C PRO B 138 -9.28 25.05 -24.85
N LYS B 139 -10.23 24.75 -23.98
CA LYS B 139 -11.40 25.60 -23.85
C LYS B 139 -11.57 25.99 -22.40
N LEU B 140 -11.36 27.27 -22.09
CA LEU B 140 -11.48 27.75 -20.71
C LEU B 140 -12.90 27.86 -20.14
N LEU B 141 -13.31 26.90 -19.32
CA LEU B 141 -14.63 26.93 -18.72
C LEU B 141 -14.66 27.87 -17.51
N PHE B 142 -13.74 27.67 -16.56
CA PHE B 142 -13.60 28.51 -15.36
C PHE B 142 -12.38 28.23 -14.47
N ASN B 143 -11.64 29.27 -14.14
CA ASN B 143 -10.44 29.17 -13.32
C ASN B 143 -10.77 29.10 -11.83
N ILE B 144 -10.88 27.90 -11.29
CA ILE B 144 -11.22 27.70 -9.88
C ILE B 144 -10.35 26.67 -9.14
N PHE B 145 -10.09 26.90 -7.86
CA PHE B 145 -9.31 25.98 -7.04
C PHE B 145 -10.24 24.82 -6.69
N SER B 146 -9.75 23.58 -6.80
CA SER B 146 -10.61 22.44 -6.50
C SER B 146 -11.09 22.55 -5.06
N GLU B 147 -10.26 23.11 -4.20
CA GLU B 147 -10.59 23.31 -2.79
C GLU B 147 -12.03 23.77 -2.67
N ASP B 148 -12.34 24.91 -3.29
CA ASP B 148 -13.69 25.40 -3.26
C ASP B 148 -14.42 25.23 -4.60
N MSE B 149 -14.74 23.98 -4.89
CA MSE B 149 -15.45 23.57 -6.09
C MSE B 149 -16.79 23.07 -5.56
O MSE B 149 -16.83 22.51 -4.45
CB MSE B 149 -14.72 22.42 -6.79
CG MSE B 149 -15.45 21.83 -7.99
SE MSE B 149 -14.70 22.34 -9.72
CE MSE B 149 -14.48 24.24 -9.48
N LYS B 150 -17.86 23.26 -6.31
CA LYS B 150 -19.21 22.83 -5.87
C LYS B 150 -20.01 22.14 -6.98
N PRO B 151 -21.08 21.41 -6.60
CA PRO B 151 -21.96 20.68 -7.54
C PRO B 151 -22.39 21.48 -8.77
N LYS B 152 -22.76 22.73 -8.58
CA LYS B 152 -23.17 23.56 -9.70
C LYS B 152 -22.12 23.52 -10.81
N HIS B 153 -20.88 23.24 -10.43
CA HIS B 153 -19.77 23.15 -11.36
C HIS B 153 -19.69 21.79 -12.04
N TRP B 154 -19.93 20.72 -11.28
CA TRP B 154 -19.88 19.39 -11.86
C TRP B 154 -20.97 19.24 -12.91
N VAL B 155 -21.84 20.23 -12.99
CA VAL B 155 -22.89 20.21 -13.97
C VAL B 155 -22.38 20.95 -15.19
N LYS B 156 -21.82 22.13 -14.96
CA LYS B 156 -21.28 22.93 -16.05
C LYS B 156 -20.18 22.17 -16.78
N ILE B 157 -19.47 21.31 -16.05
CA ILE B 157 -18.38 20.50 -16.61
C ILE B 157 -18.97 19.39 -17.48
N ALA B 158 -19.86 18.59 -16.89
CA ALA B 158 -20.50 17.50 -17.59
C ALA B 158 -21.10 17.95 -18.93
N HIS B 159 -21.71 19.13 -18.94
CA HIS B 159 -22.29 19.65 -20.17
C HIS B 159 -21.18 20.01 -21.13
N GLU B 160 -20.29 20.88 -20.70
CA GLU B 160 -19.17 21.31 -21.53
C GLU B 160 -18.49 20.08 -22.15
N VAL B 161 -18.38 19.00 -21.37
CA VAL B 161 -17.76 17.77 -21.86
C VAL B 161 -18.56 17.18 -23.00
N ALA B 162 -19.83 16.86 -22.74
CA ALA B 162 -20.73 16.27 -23.74
C ALA B 162 -20.76 17.08 -25.04
N LYS B 163 -20.81 18.41 -24.89
CA LYS B 163 -20.80 19.27 -26.05
C LYS B 163 -19.61 18.88 -26.89
N ALA B 164 -18.41 19.13 -26.36
CA ALA B 164 -17.19 18.79 -27.07
C ALA B 164 -17.18 17.32 -27.51
N LEU B 165 -17.58 16.46 -26.60
CA LEU B 165 -17.58 15.05 -26.91
C LEU B 165 -18.47 14.74 -28.10
N ASN B 166 -19.65 15.38 -28.14
CA ASN B 166 -20.59 15.17 -29.24
C ASN B 166 -20.30 16.02 -30.48
N SER B 167 -19.58 17.13 -30.29
CA SER B 167 -19.19 17.97 -31.40
C SER B 167 -18.43 17.05 -32.33
N GLY B 168 -17.76 16.07 -31.72
CA GLY B 168 -16.98 15.13 -32.50
C GLY B 168 -15.53 14.99 -32.07
N ASP B 169 -15.20 15.44 -30.87
CA ASP B 169 -13.84 15.30 -30.37
C ASP B 169 -13.62 13.82 -30.11
N TYR B 170 -12.39 13.37 -30.25
CA TYR B 170 -12.11 11.96 -30.06
C TYR B 170 -12.16 11.58 -28.58
N GLY B 171 -11.87 12.55 -27.72
CA GLY B 171 -11.89 12.34 -26.29
C GLY B 171 -11.70 13.70 -25.64
N VAL B 172 -11.99 13.79 -24.34
CA VAL B 172 -11.86 15.05 -23.61
C VAL B 172 -10.93 14.94 -22.41
N VAL B 173 -10.22 16.03 -22.14
CA VAL B 173 -9.31 16.08 -21.00
C VAL B 173 -9.69 17.30 -20.14
N VAL B 174 -9.95 17.08 -18.86
CA VAL B 174 -10.34 18.17 -17.93
C VAL B 174 -9.26 18.55 -16.92
N ALA B 175 -8.69 19.73 -17.06
CA ALA B 175 -7.65 20.19 -16.14
C ALA B 175 -8.25 20.61 -14.79
N HIS B 176 -8.31 19.67 -13.85
CA HIS B 176 -8.88 19.90 -12.53
C HIS B 176 -7.79 20.16 -11.46
N GLY B 177 -8.21 20.49 -10.24
CA GLY B 177 -7.26 20.71 -9.16
C GLY B 177 -7.05 19.38 -8.47
N THR B 178 -6.00 19.26 -7.67
CA THR B 178 -5.70 18.00 -6.98
C THR B 178 -6.66 17.62 -5.88
N ASP B 179 -6.86 18.54 -4.94
CA ASP B 179 -7.73 18.32 -3.79
C ASP B 179 -9.06 17.61 -4.05
N THR B 180 -9.97 18.28 -4.73
CA THR B 180 -11.30 17.74 -5.00
C THR B 180 -11.44 16.70 -6.12
N MSE B 181 -10.49 16.68 -7.04
CA MSE B 181 -10.54 15.80 -8.18
C MSE B 181 -11.28 14.46 -8.07
O MSE B 181 -11.98 14.06 -8.99
CB MSE B 181 -9.13 15.57 -8.69
CG MSE B 181 -9.10 15.05 -10.10
SE MSE B 181 -7.33 14.94 -10.77
CE MSE B 181 -7.02 16.79 -11.24
N GLY B 182 -11.12 13.75 -6.96
CA GLY B 182 -11.81 12.47 -6.82
C GLY B 182 -13.29 12.62 -6.54
N TYR B 183 -13.72 13.84 -6.26
CA TYR B 183 -15.14 14.06 -6.01
C TYR B 183 -15.69 14.27 -7.40
N THR B 184 -15.17 15.29 -8.05
CA THR B 184 -15.54 15.64 -9.41
C THR B 184 -15.56 14.38 -10.26
N ALA B 185 -14.47 13.59 -10.18
CA ALA B 185 -14.36 12.36 -10.95
C ALA B 185 -15.61 11.51 -10.85
N ALA B 186 -16.11 11.36 -9.62
CA ALA B 186 -17.30 10.56 -9.39
C ALA B 186 -18.56 11.28 -9.87
N ALA B 187 -18.55 12.61 -9.88
CA ALA B 187 -19.71 13.32 -10.36
C ALA B 187 -19.84 13.04 -11.86
N LEU B 188 -18.82 13.44 -12.62
CA LEU B 188 -18.82 13.21 -14.06
C LEU B 188 -19.08 11.75 -14.38
N SER B 189 -18.95 10.85 -13.42
CA SER B 189 -19.17 9.46 -13.75
C SER B 189 -20.64 9.12 -13.83
N PHE B 190 -21.45 9.71 -12.95
CA PHE B 190 -22.88 9.46 -12.96
C PHE B 190 -23.60 10.37 -13.97
N MSE B 191 -23.22 11.64 -14.01
CA MSE B 191 -23.84 12.59 -14.93
C MSE B 191 -23.63 12.24 -16.41
O MSE B 191 -24.57 12.32 -17.22
CB MSE B 191 -23.35 14.01 -14.65
CG MSE B 191 -23.88 14.59 -13.37
SE MSE B 191 -23.09 16.28 -12.98
CE MSE B 191 -23.65 16.45 -11.14
N LEU B 192 -22.41 11.85 -16.77
CA LEU B 192 -22.14 11.49 -18.15
C LEU B 192 -22.70 10.10 -18.41
N ARG B 193 -24.01 10.08 -18.71
CA ARG B 193 -24.73 8.85 -18.97
C ARG B 193 -24.51 8.32 -20.40
N ASN B 194 -24.46 7.00 -20.51
CA ASN B 194 -24.26 6.36 -21.78
C ASN B 194 -23.06 6.89 -22.56
N LEU B 195 -21.90 6.92 -21.90
CA LEU B 195 -20.65 7.41 -22.50
C LEU B 195 -20.10 6.45 -23.57
N GLY B 196 -19.38 7.02 -24.52
CA GLY B 196 -18.80 6.22 -25.58
C GLY B 196 -17.36 6.59 -25.86
N LYS B 197 -16.95 7.75 -25.38
CA LYS B 197 -15.58 8.19 -25.57
C LYS B 197 -14.86 8.40 -24.22
N PRO B 198 -13.53 8.58 -24.25
CA PRO B 198 -12.75 8.80 -23.03
C PRO B 198 -12.89 10.18 -22.41
N VAL B 199 -13.12 10.23 -21.11
CA VAL B 199 -13.18 11.50 -20.40
C VAL B 199 -12.09 11.38 -19.32
N VAL B 200 -11.17 12.34 -19.29
CA VAL B 200 -10.04 12.30 -18.36
C VAL B 200 -9.76 13.50 -17.46
N LEU B 201 -9.87 13.29 -16.15
CA LEU B 201 -9.53 14.34 -15.19
C LEU B 201 -7.99 14.34 -15.02
N VAL B 202 -7.36 15.50 -14.89
CA VAL B 202 -5.91 15.51 -14.73
C VAL B 202 -5.43 16.80 -14.10
N GLY B 203 -4.49 16.66 -13.16
CA GLY B 203 -3.92 17.82 -12.50
C GLY B 203 -2.50 17.55 -12.08
N ALA B 204 -1.85 18.57 -11.50
CA ALA B 204 -0.47 18.41 -11.04
C ALA B 204 -0.31 18.61 -9.55
N GLN B 205 0.31 17.62 -8.92
CA GLN B 205 0.56 17.63 -7.48
C GLN B 205 1.59 18.70 -7.14
N ARG B 206 2.57 18.83 -8.02
CA ARG B 206 3.63 19.81 -7.88
C ARG B 206 3.23 20.94 -8.83
N SER B 207 3.23 22.19 -8.37
CA SER B 207 2.83 23.29 -9.25
C SER B 207 3.48 23.10 -10.62
N SER B 208 2.87 23.62 -11.67
CA SER B 208 3.40 23.44 -13.03
C SER B 208 4.38 24.51 -13.47
N ASP B 209 5.12 25.11 -12.55
CA ASP B 209 6.05 26.14 -12.97
C ASP B 209 7.42 25.72 -12.51
N ARG B 210 7.46 24.73 -11.64
CA ARG B 210 8.73 24.26 -11.15
C ARG B 210 9.20 23.09 -12.02
N PRO B 211 10.43 23.22 -12.57
CA PRO B 211 11.15 22.29 -13.44
C PRO B 211 10.92 20.83 -13.13
N SER B 212 10.46 20.56 -11.92
CA SER B 212 10.22 19.20 -11.47
C SER B 212 8.77 18.78 -11.56
N SER B 213 7.87 19.73 -11.84
CA SER B 213 6.43 19.45 -11.91
C SER B 213 6.01 18.13 -12.54
N ASP B 214 4.83 17.62 -12.17
CA ASP B 214 4.34 16.39 -12.77
C ASP B 214 3.20 16.69 -13.78
N ALA B 215 2.97 17.99 -13.98
CA ALA B 215 1.93 18.48 -14.90
C ALA B 215 2.13 17.87 -16.29
N ALA B 216 3.29 18.15 -16.87
CA ALA B 216 3.65 17.65 -18.20
C ALA B 216 3.34 16.17 -18.38
N MSE B 217 4.13 15.30 -17.76
CA MSE B 217 3.92 13.88 -17.93
C MSE B 217 2.48 13.46 -17.70
O MSE B 217 2.00 12.54 -18.37
CB MSE B 217 4.82 13.08 -17.00
CG MSE B 217 4.57 11.60 -17.16
SE MSE B 217 5.61 10.49 -16.01
CE MSE B 217 7.31 10.98 -16.76
N ASN B 218 1.80 14.08 -16.75
CA ASN B 218 0.42 13.71 -16.50
C ASN B 218 -0.42 14.12 -17.71
N LEU B 219 -0.22 15.35 -18.18
CA LEU B 219 -0.95 15.84 -19.34
C LEU B 219 -0.73 14.84 -20.47
N ILE B 220 0.55 14.63 -20.79
CA ILE B 220 0.93 13.71 -21.85
C ILE B 220 0.24 12.36 -21.74
N CYS B 221 0.22 11.78 -20.56
CA CYS B 221 -0.43 10.49 -20.41
C CYS B 221 -1.93 10.67 -20.52
N SER B 222 -2.40 11.85 -20.12
CA SER B 222 -3.83 12.12 -20.16
C SER B 222 -4.37 12.20 -21.56
N VAL B 223 -3.68 12.97 -22.41
CA VAL B 223 -4.10 13.08 -23.79
C VAL B 223 -4.05 11.72 -24.47
N ARG B 224 -3.07 10.90 -24.10
CA ARG B 224 -2.97 9.57 -24.69
C ARG B 224 -4.18 8.75 -24.30
N MSE B 225 -4.64 8.91 -23.07
CA MSE B 225 -5.80 8.14 -22.65
C MSE B 225 -7.05 8.68 -23.32
O MSE B 225 -7.99 7.94 -23.59
CB MSE B 225 -5.94 8.12 -21.12
CG MSE B 225 -4.97 7.18 -20.41
SE MSE B 225 -4.95 5.30 -20.96
CE MSE B 225 -6.63 4.67 -20.25
N ALA B 226 -7.07 9.98 -23.61
CA ALA B 226 -8.23 10.58 -24.27
C ALA B 226 -8.44 9.80 -25.56
N THR B 227 -7.33 9.35 -26.13
CA THR B 227 -7.30 8.57 -27.36
C THR B 227 -7.51 7.07 -27.16
N SER B 228 -7.80 6.65 -25.94
CA SER B 228 -7.98 5.21 -25.67
C SER B 228 -9.22 4.61 -26.29
N GLU B 229 -9.35 3.32 -26.05
CA GLU B 229 -10.49 2.56 -26.51
C GLU B 229 -11.37 2.44 -25.28
N VAL B 230 -11.03 3.22 -24.26
CA VAL B 230 -11.76 3.20 -22.99
C VAL B 230 -12.84 4.27 -22.88
N ALA B 231 -14.07 3.82 -22.73
CA ALA B 231 -15.20 4.73 -22.65
C ALA B 231 -15.70 5.04 -21.24
N GLU B 232 -14.88 5.72 -20.46
CA GLU B 232 -15.29 6.13 -19.12
C GLU B 232 -14.48 7.26 -18.55
N VAL B 233 -14.97 7.79 -17.43
CA VAL B 233 -14.28 8.90 -16.76
C VAL B 233 -13.19 8.29 -15.91
N MSE B 234 -11.98 8.79 -16.08
CA MSE B 234 -10.87 8.27 -15.36
C MSE B 234 -10.02 9.40 -14.82
O MSE B 234 -10.14 10.56 -15.25
CB MSE B 234 -9.97 7.45 -16.27
CG MSE B 234 -10.67 6.38 -17.08
SE MSE B 234 -9.54 5.84 -18.58
CE MSE B 234 -9.44 7.50 -19.52
N VAL B 235 -9.18 9.06 -13.86
CA VAL B 235 -8.22 10.00 -13.33
C VAL B 235 -6.95 9.34 -13.78
N VAL B 236 -6.05 10.16 -14.31
CA VAL B 236 -4.77 9.71 -14.81
C VAL B 236 -3.70 10.56 -14.14
N MSE B 237 -2.99 9.92 -13.22
CA MSE B 237 -1.94 10.56 -12.45
C MSE B 237 -0.75 9.60 -12.29
O MSE B 237 -0.89 8.42 -12.64
CB MSE B 237 -2.47 10.94 -11.06
CG MSE B 237 -3.57 11.99 -11.05
SE MSE B 237 -2.96 13.80 -11.43
CE MSE B 237 -1.03 13.61 -11.33
N HIS B 238 0.37 10.09 -11.77
CA HIS B 238 1.55 9.26 -11.53
C HIS B 238 1.17 7.99 -10.79
N GLY B 239 1.90 6.92 -11.06
CA GLY B 239 1.63 5.67 -10.38
C GLY B 239 2.65 5.47 -9.28
N GLU B 240 3.74 6.24 -9.34
CA GLU B 240 4.84 6.17 -8.38
C GLU B 240 5.50 7.52 -8.19
N THR B 241 6.60 7.55 -7.44
CA THR B 241 7.31 8.80 -7.18
C THR B 241 8.03 9.22 -8.40
N GLY B 242 8.52 8.23 -9.14
CA GLY B 242 9.30 8.51 -10.32
C GLY B 242 8.52 8.85 -11.56
N ASP B 243 9.23 9.42 -12.52
CA ASP B 243 8.61 9.75 -13.77
C ASP B 243 8.65 8.48 -14.60
N THR B 244 7.94 7.47 -14.10
CA THR B 244 7.81 6.16 -14.74
C THR B 244 6.56 6.18 -15.61
N TYR B 245 5.48 5.63 -15.06
CA TYR B 245 4.18 5.55 -15.71
C TYR B 245 3.07 6.21 -14.87
N CYS B 246 1.94 6.48 -15.50
CA CYS B 246 0.78 7.06 -14.82
C CYS B 246 -0.24 5.95 -14.65
N LEU B 247 -1.21 6.16 -13.78
CA LEU B 247 -2.21 5.14 -13.60
C LEU B 247 -3.54 5.74 -14.03
N ALA B 248 -4.36 4.93 -14.68
CA ALA B 248 -5.66 5.40 -15.14
C ALA B 248 -6.66 4.75 -14.22
N HIS B 249 -7.19 5.54 -13.29
CA HIS B 249 -8.14 5.00 -12.32
C HIS B 249 -9.58 5.25 -12.71
N ARG B 250 -10.42 4.25 -12.52
CA ARG B 250 -11.83 4.44 -12.80
C ARG B 250 -12.33 5.53 -11.81
N GLY B 251 -12.85 6.62 -12.36
CA GLY B 251 -13.32 7.76 -11.61
C GLY B 251 -14.28 7.67 -10.43
N THR B 252 -14.52 6.49 -9.90
CA THR B 252 -15.43 6.36 -8.75
C THR B 252 -14.82 5.50 -7.64
N LYS B 253 -13.62 5.00 -7.91
CA LYS B 253 -12.89 4.17 -6.97
C LYS B 253 -11.53 4.83 -6.81
N VAL B 254 -11.49 6.12 -7.05
CA VAL B 254 -10.25 6.87 -6.95
C VAL B 254 -10.30 7.74 -5.71
N ARG B 255 -9.22 7.75 -4.95
CA ARG B 255 -9.16 8.60 -3.76
C ARG B 255 -7.80 9.23 -3.69
N LYS B 256 -7.72 10.36 -3.01
CA LYS B 256 -6.44 11.03 -2.86
C LYS B 256 -5.90 10.58 -1.49
N MSE B 257 -5.09 9.52 -1.50
CA MSE B 257 -4.54 8.92 -0.28
C MSE B 257 -3.38 9.64 0.43
O MSE B 257 -3.19 9.48 1.62
CB MSE B 257 -4.13 7.49 -0.58
CG MSE B 257 -5.32 6.61 -0.87
SE MSE B 257 -6.60 6.74 0.54
CE MSE B 257 -7.08 4.92 0.79
N HIS B 258 -2.61 10.44 -0.31
CA HIS B 258 -1.50 11.13 0.30
C HIS B 258 -1.68 12.62 0.16
N THR B 259 -1.02 13.36 1.04
CA THR B 259 -1.13 14.81 1.06
C THR B 259 -0.35 15.58 -0.01
N SER B 260 0.71 14.99 -0.56
CA SER B 260 1.49 15.75 -1.53
C SER B 260 2.30 14.99 -2.57
N ARG B 261 2.35 13.67 -2.48
CA ARG B 261 3.12 12.89 -3.45
C ARG B 261 2.34 12.83 -4.76
N ARG B 262 3.05 12.59 -5.86
CA ARG B 262 2.39 12.43 -7.15
C ARG B 262 1.72 11.05 -7.04
N ASP B 263 2.28 10.23 -6.17
CA ASP B 263 1.84 8.88 -5.85
C ASP B 263 0.43 8.94 -5.25
N ALA B 264 0.00 10.16 -4.89
CA ALA B 264 -1.26 10.45 -4.20
C ALA B 264 -2.61 9.81 -4.55
N PHE B 265 -2.89 9.60 -5.83
CA PHE B 265 -4.16 9.00 -6.18
C PHE B 265 -4.13 7.49 -6.38
N ARG B 266 -4.92 6.80 -5.57
CA ARG B 266 -5.00 5.35 -5.57
C ARG B 266 -6.40 4.80 -5.84
N SER B 267 -6.47 3.61 -6.41
CA SER B 267 -7.75 2.98 -6.71
C SER B 267 -8.13 2.17 -5.51
N ILE B 268 -9.18 2.62 -4.82
CA ILE B 268 -9.66 1.95 -3.64
C ILE B 268 -10.71 0.86 -3.92
N ASN B 269 -10.39 -0.37 -3.57
CA ASN B 269 -11.33 -1.48 -3.72
C ASN B 269 -11.53 -2.07 -5.10
N ASP B 270 -10.66 -1.67 -6.02
CA ASP B 270 -10.71 -2.20 -7.38
C ASP B 270 -9.37 -1.84 -7.99
N VAL B 271 -9.07 -2.47 -9.12
CA VAL B 271 -7.81 -2.23 -9.78
C VAL B 271 -7.90 -1.05 -10.72
N PRO B 272 -6.77 -0.42 -11.03
CA PRO B 272 -6.80 0.72 -11.96
C PRO B 272 -7.17 0.13 -13.33
N ILE B 273 -7.54 0.96 -14.29
CA ILE B 273 -7.90 0.43 -15.61
C ILE B 273 -6.64 -0.02 -16.35
N ALA B 274 -5.58 0.79 -16.30
CA ALA B 274 -4.32 0.45 -16.96
C ALA B 274 -3.15 1.40 -16.68
N LYS B 275 -1.92 0.90 -16.89
CA LYS B 275 -0.71 1.68 -16.73
C LYS B 275 -0.35 2.27 -18.09
N ILE B 276 0.04 3.55 -18.11
CA ILE B 276 0.44 4.20 -19.35
C ILE B 276 1.73 4.97 -19.18
N TRP B 277 2.55 4.97 -20.22
CA TRP B 277 3.83 5.67 -20.17
C TRP B 277 3.80 6.83 -21.13
N PRO B 278 4.39 7.98 -20.77
CA PRO B 278 4.40 9.14 -21.67
C PRO B 278 4.82 8.59 -23.03
N ASN B 279 5.73 7.64 -22.93
CA ASN B 279 6.29 6.89 -24.04
C ASN B 279 5.21 6.62 -25.08
N GLY B 280 4.03 6.18 -24.59
CA GLY B 280 2.92 5.85 -25.45
C GLY B 280 2.41 4.45 -25.17
N GLU B 281 3.22 3.64 -24.49
CA GLU B 281 2.82 2.27 -24.18
C GLU B 281 1.70 2.18 -23.15
N ILE B 282 0.88 1.14 -23.26
CA ILE B 282 -0.24 0.95 -22.34
C ILE B 282 -0.33 -0.49 -21.91
N GLU B 283 -0.57 -0.71 -20.62
CA GLU B 283 -0.75 -2.06 -20.12
C GLU B 283 -2.04 -2.13 -19.34
N PHE B 284 -3.06 -2.80 -19.87
CA PHE B 284 -4.32 -2.89 -19.14
C PHE B 284 -4.22 -3.82 -17.95
N LEU B 285 -4.76 -3.38 -16.83
CA LEU B 285 -4.71 -4.15 -15.61
C LEU B 285 -5.98 -4.94 -15.42
N ARG B 286 -6.93 -4.72 -16.33
CA ARG B 286 -8.20 -5.45 -16.31
C ARG B 286 -8.73 -5.62 -17.73
N LYS B 287 -9.78 -6.43 -17.89
CA LYS B 287 -10.36 -6.60 -19.21
C LYS B 287 -11.75 -5.97 -19.23
N ASP B 288 -12.38 -5.90 -18.07
CA ASP B 288 -13.72 -5.36 -17.97
C ASP B 288 -13.83 -3.84 -17.79
N TYR B 289 -13.72 -3.11 -18.90
CA TYR B 289 -13.88 -1.67 -18.90
C TYR B 289 -14.72 -1.38 -20.13
N ARG B 290 -15.47 -0.28 -20.12
CA ARG B 290 -16.33 0.07 -21.25
C ARG B 290 -15.56 0.43 -22.52
N LYS B 291 -15.90 -0.24 -23.62
CA LYS B 291 -15.23 0.01 -24.88
C LYS B 291 -15.80 1.24 -25.59
N ARG B 292 -14.98 1.84 -26.43
CA ARG B 292 -15.36 3.00 -27.21
C ARG B 292 -16.48 2.58 -28.15
N SER B 293 -17.38 3.50 -28.45
CA SER B 293 -18.50 3.22 -29.33
C SER B 293 -18.92 4.52 -29.97
N ASP B 294 -19.99 4.47 -30.76
CA ASP B 294 -20.50 5.67 -31.41
C ASP B 294 -21.50 6.36 -30.49
N GLU B 295 -22.02 5.62 -29.52
CA GLU B 295 -22.98 6.14 -28.56
C GLU B 295 -22.77 7.62 -28.28
N GLU B 296 -23.85 8.41 -28.34
CA GLU B 296 -23.75 9.82 -28.03
C GLU B 296 -23.99 9.96 -26.53
N VAL B 297 -23.23 10.85 -25.90
CA VAL B 297 -23.34 11.05 -24.46
C VAL B 297 -24.55 11.87 -24.02
N GLU B 298 -25.18 11.42 -22.95
CA GLU B 298 -26.35 12.11 -22.43
C GLU B 298 -26.09 12.56 -21.00
N VAL B 299 -26.06 13.87 -20.77
CA VAL B 299 -25.84 14.41 -19.44
C VAL B 299 -27.03 14.06 -18.55
N ASP B 300 -26.95 14.35 -17.25
CA ASP B 300 -28.04 14.03 -16.32
C ASP B 300 -27.89 14.87 -15.04
N ASP B 301 -28.07 16.19 -15.19
CA ASP B 301 -27.95 17.18 -14.11
C ASP B 301 -28.63 16.92 -12.78
N LYS B 302 -29.72 16.17 -12.80
CA LYS B 302 -30.47 15.93 -11.58
C LYS B 302 -29.66 15.64 -10.31
N ILE B 303 -29.64 16.60 -9.38
CA ILE B 303 -28.93 16.43 -8.12
C ILE B 303 -29.40 17.32 -6.99
N GLU B 304 -29.78 16.70 -5.88
CA GLU B 304 -30.23 17.43 -4.70
C GLU B 304 -29.00 17.72 -3.85
N GLU B 305 -28.43 18.90 -3.99
CA GLU B 305 -27.23 19.17 -3.21
C GLU B 305 -27.36 19.38 -1.71
N LYS B 306 -28.51 19.10 -1.14
CA LYS B 306 -28.69 19.27 0.29
C LYS B 306 -28.28 18.00 1.03
N VAL B 307 -27.09 17.50 0.74
CA VAL B 307 -26.58 16.28 1.36
C VAL B 307 -25.30 16.53 2.15
N ALA B 308 -25.22 15.91 3.34
CA ALA B 308 -24.06 16.06 4.21
C ALA B 308 -23.30 14.76 4.41
N LEU B 309 -21.99 14.89 4.60
CA LEU B 309 -21.12 13.75 4.83
C LEU B 309 -20.68 13.86 6.28
N VAL B 310 -20.95 12.81 7.06
CA VAL B 310 -20.61 12.82 8.48
C VAL B 310 -19.72 11.69 9.00
N LYS B 311 -18.53 12.05 9.46
CA LYS B 311 -17.61 11.05 9.99
C LYS B 311 -17.82 10.84 11.49
N VAL B 312 -18.16 9.61 11.84
CA VAL B 312 -18.37 9.19 13.22
C VAL B 312 -17.05 9.01 13.96
N TYR B 313 -17.05 9.32 15.26
CA TYR B 313 -15.87 9.18 16.12
C TYR B 313 -16.35 8.93 17.55
N PRO B 314 -15.50 8.32 18.41
CA PRO B 314 -15.91 8.05 19.79
C PRO B 314 -16.48 9.28 20.46
N GLY B 315 -17.76 9.17 20.85
CA GLY B 315 -18.44 10.26 21.51
C GLY B 315 -18.92 11.43 20.67
N ILE B 316 -19.90 11.21 19.80
CA ILE B 316 -20.44 12.30 18.99
C ILE B 316 -21.86 12.50 19.48
N SER B 317 -22.23 13.72 19.81
CA SER B 317 -23.58 13.99 20.28
C SER B 317 -24.52 13.81 19.10
N SER B 318 -25.59 13.05 19.32
CA SER B 318 -26.54 12.83 18.25
C SER B 318 -27.08 14.19 17.77
N GLU B 319 -26.69 15.24 18.48
CA GLU B 319 -27.09 16.60 18.18
C GLU B 319 -26.64 17.04 16.80
N ILE B 320 -25.51 16.51 16.33
CA ILE B 320 -25.00 16.89 15.01
C ILE B 320 -25.85 16.30 13.90
N ILE B 321 -26.41 15.12 14.14
CA ILE B 321 -27.29 14.50 13.17
C ILE B 321 -28.61 15.25 13.25
N ASP B 322 -29.03 15.55 14.47
CA ASP B 322 -30.27 16.28 14.69
C ASP B 322 -30.25 17.63 14.01
N PHE B 323 -29.14 18.36 14.11
CA PHE B 323 -29.03 19.66 13.48
C PHE B 323 -29.31 19.52 11.99
N LEU B 324 -28.66 18.54 11.38
CA LEU B 324 -28.80 18.26 9.96
C LEU B 324 -30.25 18.00 9.60
N VAL B 325 -30.93 17.19 10.40
CA VAL B 325 -32.33 16.88 10.14
C VAL B 325 -33.18 18.15 10.25
N ASP B 326 -33.11 18.81 11.41
CA ASP B 326 -33.88 20.03 11.61
C ASP B 326 -33.68 21.00 10.48
N LYS B 327 -32.43 21.14 10.03
CA LYS B 327 -32.12 22.06 8.94
C LYS B 327 -32.67 21.61 7.60
N GLY B 328 -33.25 20.42 7.58
CA GLY B 328 -33.84 19.91 6.34
C GLY B 328 -32.92 19.38 5.25
N TYR B 329 -32.08 18.41 5.62
CA TYR B 329 -31.17 17.80 4.67
C TYR B 329 -31.94 16.62 4.11
N LYS B 330 -31.80 16.36 2.82
CA LYS B 330 -32.53 15.24 2.21
C LYS B 330 -31.76 13.92 2.31
N GLY B 331 -30.43 14.02 2.40
CA GLY B 331 -29.61 12.84 2.50
C GLY B 331 -28.38 13.04 3.37
N ILE B 332 -27.99 11.97 4.08
CA ILE B 332 -26.80 11.98 4.94
C ILE B 332 -25.96 10.71 4.73
N VAL B 333 -24.71 10.88 4.29
CA VAL B 333 -23.82 9.74 4.10
C VAL B 333 -22.93 9.70 5.33
N ILE B 334 -23.00 8.59 6.06
CA ILE B 334 -22.20 8.44 7.27
C ILE B 334 -20.90 7.69 7.09
N GLU B 335 -19.78 8.33 7.39
CA GLU B 335 -18.49 7.66 7.30
C GLU B 335 -18.42 6.87 8.61
N GLY B 336 -18.97 5.66 8.55
CA GLY B 336 -19.02 4.81 9.72
C GLY B 336 -17.74 4.20 10.26
N THR B 337 -17.92 3.11 10.99
CA THR B 337 -16.80 2.42 11.61
C THR B 337 -16.77 0.94 11.25
N GLY B 338 -15.57 0.41 11.03
CA GLY B 338 -15.45 -1.00 10.68
C GLY B 338 -16.39 -1.40 9.56
N LEU B 339 -17.16 -2.47 9.79
CA LEU B 339 -18.12 -2.94 8.79
C LEU B 339 -19.31 -2.00 8.67
N GLY B 340 -19.16 -0.77 9.18
CA GLY B 340 -20.22 0.22 9.08
C GLY B 340 -21.04 0.41 10.33
N HIS B 341 -20.40 0.90 11.38
CA HIS B 341 -21.07 1.12 12.65
C HIS B 341 -21.06 2.55 13.12
N THR B 342 -21.97 2.83 14.04
CA THR B 342 -22.17 4.13 14.67
C THR B 342 -22.38 3.81 16.13
N PRO B 343 -21.93 4.68 17.05
CA PRO B 343 -22.15 4.40 18.48
C PRO B 343 -23.65 4.19 18.69
N ASN B 344 -24.07 3.20 19.48
CA ASN B 344 -25.52 2.97 19.69
C ASN B 344 -26.12 4.26 20.25
N ASP B 345 -25.27 5.00 20.93
CA ASP B 345 -25.56 6.28 21.55
C ASP B 345 -26.17 7.26 20.52
N ILE B 346 -26.06 6.91 19.24
CA ILE B 346 -26.56 7.76 18.16
C ILE B 346 -27.67 7.17 17.28
N ILE B 347 -27.75 5.84 17.23
CA ILE B 347 -28.76 5.19 16.39
C ILE B 347 -30.10 5.93 16.40
N PRO B 348 -30.63 6.27 17.58
CA PRO B 348 -31.90 6.98 17.71
C PRO B 348 -32.03 8.21 16.81
N SER B 349 -31.05 9.11 16.87
CA SER B 349 -31.11 10.32 16.04
C SER B 349 -31.20 9.95 14.55
N ILE B 350 -30.51 8.88 14.17
CA ILE B 350 -30.51 8.41 12.78
C ILE B 350 -31.89 7.89 12.48
N GLU B 351 -32.39 7.07 13.39
CA GLU B 351 -33.72 6.45 13.29
C GLU B 351 -34.79 7.49 13.04
N ARG B 352 -34.63 8.67 13.61
CA ARG B 352 -35.59 9.75 13.42
C ARG B 352 -35.48 10.37 12.01
N ALA B 353 -34.25 10.74 11.67
CA ALA B 353 -33.97 11.34 10.38
C ALA B 353 -34.57 10.48 9.29
N VAL B 354 -34.53 9.17 9.47
CA VAL B 354 -35.09 8.26 8.48
C VAL B 354 -36.62 8.41 8.45
N GLU B 355 -37.22 8.43 9.63
CA GLU B 355 -38.68 8.59 9.76
C GLU B 355 -39.07 9.96 9.24
N GLU B 356 -38.08 10.86 9.18
CA GLU B 356 -38.31 12.19 8.67
C GLU B 356 -38.08 12.22 7.16
N GLY B 357 -37.97 11.03 6.57
CA GLY B 357 -37.76 10.91 5.13
C GLY B 357 -36.38 11.27 4.62
N VAL B 358 -35.39 11.21 5.50
CA VAL B 358 -34.00 11.51 5.13
C VAL B 358 -33.35 10.24 4.62
N ALA B 359 -32.48 10.37 3.63
CA ALA B 359 -31.77 9.23 3.08
C ALA B 359 -30.46 9.06 3.86
N VAL B 360 -30.35 7.97 4.61
CA VAL B 360 -29.16 7.71 5.39
C VAL B 360 -28.36 6.52 4.84
N CYS B 361 -27.15 6.79 4.41
CA CYS B 361 -26.32 5.75 3.85
C CYS B 361 -25.09 5.48 4.71
N MSE B 362 -24.66 4.23 4.72
CA MSE B 362 -23.51 3.84 5.52
C MSE B 362 -22.26 3.45 4.70
O MSE B 362 -22.31 2.52 3.88
CB MSE B 362 -23.90 2.70 6.45
CG MSE B 362 -22.85 2.31 7.49
SE MSE B 362 -22.24 3.84 8.52
CE MSE B 362 -23.91 4.32 9.36
N THR B 363 -21.16 4.16 4.92
CA THR B 363 -19.88 3.87 4.28
C THR B 363 -18.92 3.48 5.40
N SER B 364 -17.64 3.76 5.32
CA SER B 364 -16.77 3.35 6.42
C SER B 364 -15.46 4.11 6.55
N GLN B 365 -15.18 4.53 7.78
CA GLN B 365 -13.97 5.26 8.09
C GLN B 365 -12.72 4.64 7.45
N CYS B 366 -12.63 3.32 7.44
CA CYS B 366 -11.49 2.66 6.81
C CYS B 366 -11.83 2.77 5.36
N ILE B 367 -11.04 3.48 4.58
CA ILE B 367 -11.33 3.63 3.15
C ILE B 367 -11.59 2.30 2.42
N TYR B 368 -10.72 1.34 2.61
CA TYR B 368 -10.86 0.04 1.97
C TYR B 368 -11.81 -0.90 2.69
N GLY B 369 -12.24 -1.94 1.99
CA GLY B 369 -13.15 -2.88 2.60
C GLY B 369 -14.61 -2.67 2.23
N ARG B 370 -15.46 -3.55 2.71
CA ARG B 370 -16.86 -3.47 2.40
C ARG B 370 -17.81 -3.45 3.57
N VAL B 371 -18.58 -2.38 3.64
CA VAL B 371 -19.57 -2.22 4.68
C VAL B 371 -20.52 -3.41 4.63
N ASN B 372 -20.99 -3.84 5.79
CA ASN B 372 -21.94 -4.94 5.90
C ASN B 372 -22.52 -4.90 7.30
N LEU B 373 -23.79 -4.49 7.39
CA LEU B 373 -24.49 -4.37 8.67
C LEU B 373 -25.28 -5.59 9.12
N ASN B 374 -24.85 -6.79 8.77
CA ASN B 374 -25.56 -8.01 9.17
C ASN B 374 -24.80 -8.86 10.18
N VAL B 375 -23.48 -8.67 10.20
CA VAL B 375 -22.61 -9.43 11.07
C VAL B 375 -22.77 -9.09 12.54
N TYR B 376 -22.63 -7.81 12.86
CA TYR B 376 -22.73 -7.38 14.24
C TYR B 376 -24.07 -6.79 14.63
N SER B 377 -24.31 -6.82 15.94
CA SER B 377 -25.55 -6.34 16.54
C SER B 377 -25.83 -4.88 16.21
N THR B 378 -24.83 -4.02 16.38
CA THR B 378 -24.97 -2.61 16.10
C THR B 378 -25.40 -2.40 14.64
N GLY B 379 -24.86 -3.22 13.74
CA GLY B 379 -25.21 -3.11 12.34
C GLY B 379 -26.67 -3.45 12.15
N ARG B 380 -27.06 -4.59 12.71
CA ARG B 380 -28.44 -5.01 12.59
C ARG B 380 -29.37 -3.93 13.11
N LYS B 381 -28.92 -3.19 14.11
CA LYS B 381 -29.74 -2.11 14.65
C LYS B 381 -29.92 -1.05 13.58
N LEU B 382 -28.80 -0.57 13.06
CA LEU B 382 -28.85 0.44 12.01
C LEU B 382 -29.68 0.00 10.79
N LEU B 383 -29.68 -1.30 10.49
CA LEU B 383 -30.47 -1.77 9.36
C LEU B 383 -31.95 -1.54 9.67
N LYS B 384 -32.37 -2.06 10.82
CA LYS B 384 -33.75 -1.96 11.28
C LYS B 384 -34.21 -0.50 11.33
N ALA B 385 -33.25 0.43 11.34
CA ALA B 385 -33.57 1.85 11.37
C ALA B 385 -33.66 2.42 9.97
N GLY B 386 -33.59 1.54 8.98
CA GLY B 386 -33.69 1.97 7.60
C GLY B 386 -32.47 2.68 7.04
N VAL B 387 -31.28 2.27 7.47
CA VAL B 387 -30.08 2.88 6.94
C VAL B 387 -29.64 2.07 5.73
N ILE B 388 -29.42 2.77 4.62
CA ILE B 388 -28.99 2.13 3.37
C ILE B 388 -27.50 1.81 3.41
N PRO B 389 -27.15 0.52 3.47
CA PRO B 389 -25.76 0.06 3.51
C PRO B 389 -25.18 0.11 2.11
N CYS B 390 -24.19 0.98 1.90
CA CYS B 390 -23.61 1.15 0.57
C CYS B 390 -22.44 0.25 0.17
N GLU B 391 -22.58 -1.06 0.36
CA GLU B 391 -21.56 -2.03 -0.03
C GLU B 391 -20.11 -1.55 0.12
N ASP B 392 -19.34 -1.58 -0.97
CA ASP B 392 -17.94 -1.16 -0.92
C ASP B 392 -17.68 0.13 -1.63
N MSE B 393 -18.63 1.05 -1.55
CA MSE B 393 -18.51 2.35 -2.17
C MSE B 393 -17.68 3.32 -1.33
O MSE B 393 -17.71 3.29 -0.10
CB MSE B 393 -19.89 2.92 -2.41
CG MSE B 393 -19.94 4.08 -3.39
SE MSE B 393 -21.77 4.57 -3.74
CE MSE B 393 -22.63 2.85 -3.60
N LEU B 394 -16.95 4.19 -1.99
CA LEU B 394 -16.11 5.17 -1.33
C LEU B 394 -16.99 6.17 -0.60
N PRO B 395 -16.59 6.63 0.59
CA PRO B 395 -17.43 7.61 1.30
C PRO B 395 -17.67 8.82 0.40
N GLU B 396 -16.60 9.39 -0.14
CA GLU B 396 -16.77 10.56 -0.99
C GLU B 396 -17.57 10.24 -2.25
N THR B 397 -17.49 9.02 -2.73
CA THR B 397 -18.26 8.67 -3.91
C THR B 397 -19.74 8.52 -3.53
N ALA B 398 -20.01 7.95 -2.36
CA ALA B 398 -21.38 7.80 -1.87
C ALA B 398 -22.04 9.17 -1.63
N TYR B 399 -21.26 10.13 -1.14
CA TYR B 399 -21.79 11.46 -0.90
C TYR B 399 -22.32 11.97 -2.22
N VAL B 400 -21.44 12.03 -3.20
CA VAL B 400 -21.79 12.49 -4.54
C VAL B 400 -22.91 11.66 -5.19
N LYS B 401 -22.87 10.34 -5.04
CA LYS B 401 -23.90 9.50 -5.64
C LYS B 401 -25.28 9.77 -5.03
N LEU B 402 -25.31 10.20 -3.77
CA LEU B 402 -26.58 10.46 -3.10
C LEU B 402 -27.21 11.78 -3.54
N MSE B 403 -26.40 12.81 -3.76
CA MSE B 403 -26.95 14.08 -4.19
C MSE B 403 -27.63 13.87 -5.53
O MSE B 403 -28.67 14.46 -5.81
CB MSE B 403 -25.87 15.14 -4.32
CG MSE B 403 -25.28 15.50 -3.00
SE MSE B 403 -24.03 16.93 -3.12
CE MSE B 403 -24.41 17.52 -4.90
N TRP B 404 -27.03 13.02 -6.34
CA TRP B 404 -27.53 12.70 -7.65
C TRP B 404 -28.79 11.85 -7.51
N VAL B 405 -28.70 10.78 -6.71
CA VAL B 405 -29.85 9.89 -6.53
C VAL B 405 -31.06 10.58 -5.94
N LEU B 406 -30.82 11.57 -5.07
CA LEU B 406 -31.95 12.27 -4.46
C LEU B 406 -32.54 13.25 -5.45
N GLY B 407 -31.68 13.84 -6.28
CA GLY B 407 -32.16 14.75 -7.29
C GLY B 407 -33.04 14.01 -8.29
N HIS B 408 -33.20 12.70 -8.09
CA HIS B 408 -34.02 11.88 -8.97
C HIS B 408 -35.25 11.34 -8.25
N THR B 409 -35.17 11.25 -6.93
CA THR B 409 -36.28 10.72 -6.16
C THR B 409 -36.14 11.07 -4.70
N GLN B 410 -37.22 10.86 -3.96
CA GLN B 410 -37.25 11.11 -2.53
C GLN B 410 -37.74 9.85 -1.86
N ASN B 411 -38.26 8.92 -2.67
CA ASN B 411 -38.75 7.66 -2.15
C ASN B 411 -37.58 6.83 -1.66
N LEU B 412 -37.51 6.59 -0.36
CA LEU B 412 -36.40 5.84 0.18
C LEU B 412 -36.24 4.42 -0.37
N GLU B 413 -37.33 3.77 -0.78
CA GLU B 413 -37.23 2.42 -1.34
C GLU B 413 -36.48 2.56 -2.65
N GLU B 414 -36.78 3.66 -3.35
CA GLU B 414 -36.15 3.92 -4.63
C GLU B 414 -34.70 4.32 -4.40
N VAL B 415 -34.47 5.18 -3.41
CA VAL B 415 -33.12 5.61 -3.12
C VAL B 415 -32.21 4.39 -2.96
N ARG B 416 -32.70 3.33 -2.32
CA ARG B 416 -31.89 2.11 -2.20
C ARG B 416 -31.50 1.70 -3.61
N LYS B 417 -32.43 1.04 -4.31
CA LYS B 417 -32.19 0.61 -5.68
C LYS B 417 -31.17 1.52 -6.34
N MSE B 418 -31.50 2.80 -6.43
CA MSE B 418 -30.60 3.77 -7.02
C MSE B 418 -29.19 3.54 -6.47
O MSE B 418 -28.30 3.02 -7.15
CB MSE B 418 -31.05 5.18 -6.66
CG MSE B 418 -32.39 5.64 -7.23
SE MSE B 418 -32.24 6.50 -8.96
CE MSE B 418 -31.45 8.18 -8.51
N MSE B 419 -28.99 3.94 -5.21
CA MSE B 419 -27.71 3.78 -4.52
C MSE B 419 -27.10 2.41 -4.78
O MSE B 419 -25.98 2.31 -5.29
CB MSE B 419 -27.88 4.00 -3.01
CG MSE B 419 -28.15 5.42 -2.62
SE MSE B 419 -26.80 6.60 -3.34
CE MSE B 419 -25.65 6.82 -1.80
N LEU B 420 -27.82 1.36 -4.43
CA LEU B 420 -27.33 -0.01 -4.61
C LEU B 420 -27.25 -0.52 -6.05
N THR B 421 -27.44 0.37 -7.03
CA THR B 421 -27.37 -0.01 -8.43
C THR B 421 -26.09 0.56 -9.04
N ASN B 422 -25.32 -0.31 -9.68
CA ASN B 422 -24.06 0.08 -10.27
C ASN B 422 -24.09 0.85 -11.59
N TYR B 423 -24.11 2.18 -11.56
CA TYR B 423 -24.11 2.97 -12.79
C TYR B 423 -22.72 3.14 -13.41
N ALA B 424 -21.69 3.13 -12.57
CA ALA B 424 -20.30 3.25 -13.03
C ALA B 424 -19.49 2.32 -12.13
N GLY B 425 -18.20 2.56 -11.98
CA GLY B 425 -17.48 1.70 -11.07
C GLY B 425 -17.73 2.26 -9.68
N GLU B 426 -18.51 1.60 -8.83
CA GLU B 426 -18.70 2.19 -7.51
C GLU B 426 -18.91 1.08 -6.53
N ILE B 427 -19.73 0.12 -6.93
CA ILE B 427 -20.00 -1.03 -6.12
C ILE B 427 -19.24 -2.12 -6.89
N THR B 428 -18.77 -3.11 -6.18
CA THR B 428 -17.98 -4.17 -6.76
C THR B 428 -18.68 -5.48 -6.44
N PRO B 429 -18.70 -6.42 -7.40
CA PRO B 429 -19.36 -7.71 -7.15
C PRO B 429 -18.79 -8.37 -5.91
N TYR B 430 -17.47 -8.33 -5.82
CA TYR B 430 -16.74 -8.93 -4.72
C TYR B 430 -15.38 -8.27 -4.62
N THR B 431 -14.80 -8.30 -3.42
CA THR B 431 -13.50 -7.67 -3.21
C THR B 431 -12.36 -8.60 -3.56
N ARG B 432 -11.48 -8.12 -4.44
CA ARG B 432 -10.31 -8.90 -4.84
C ARG B 432 -9.21 -8.74 -3.79
N PHE B 433 -8.27 -9.68 -3.75
CA PHE B 433 -7.18 -9.62 -2.80
C PHE B 433 -6.16 -8.52 -3.11
N ASP B 434 -5.89 -8.30 -4.39
CA ASP B 434 -4.93 -7.29 -4.82
C ASP B 434 -5.53 -5.91 -4.97
N THR B 435 -6.38 -5.54 -4.03
CA THR B 435 -7.09 -4.27 -4.08
C THR B 435 -6.80 -3.34 -2.90
N TYR B 436 -6.12 -3.87 -1.89
CA TYR B 436 -5.81 -3.15 -0.66
C TYR B 436 -4.43 -2.53 -0.57
N LEU B 437 -4.41 -1.24 -0.23
CA LEU B 437 -3.16 -0.52 -0.07
C LEU B 437 -2.34 -0.48 -1.33
N ARG B 438 -2.88 -1.05 -2.39
CA ARG B 438 -2.18 -1.12 -3.67
C ARG B 438 -2.00 0.24 -4.34
N THR C 5 -35.14 -62.32 -12.04
CA THR C 5 -34.70 -63.22 -10.93
C THR C 5 -33.48 -62.61 -10.23
N ASP C 6 -33.67 -62.22 -8.98
CA ASP C 6 -32.61 -61.60 -8.16
C ASP C 6 -31.63 -62.65 -7.65
N LYS C 7 -30.54 -62.19 -7.02
CA LYS C 7 -29.53 -63.11 -6.50
C LYS C 7 -29.89 -63.64 -5.11
N PHE C 8 -30.39 -62.76 -4.26
CA PHE C 8 -30.77 -63.13 -2.91
C PHE C 8 -32.20 -62.68 -2.74
N ASN C 9 -32.92 -63.22 -1.75
CA ASN C 9 -34.28 -62.77 -1.54
C ASN C 9 -34.18 -61.60 -0.58
N TYR C 10 -33.68 -60.49 -1.12
CA TYR C 10 -33.45 -59.26 -0.38
C TYR C 10 -34.49 -58.87 0.65
N GLU C 11 -35.56 -59.66 0.76
CA GLU C 11 -36.57 -59.35 1.75
C GLU C 11 -36.22 -60.09 3.02
N GLU C 12 -35.76 -61.32 2.86
CA GLU C 12 -35.36 -62.14 4.00
C GLU C 12 -34.23 -61.41 4.69
N LEU C 13 -33.15 -61.19 3.95
CA LEU C 13 -32.01 -60.44 4.49
C LEU C 13 -32.61 -59.04 4.57
N GLY C 14 -32.72 -58.47 5.76
CA GLY C 14 -33.31 -57.14 5.88
C GLY C 14 -32.57 -56.03 5.17
N LEU C 15 -32.38 -56.16 3.86
CA LEU C 15 -31.67 -55.15 3.10
C LEU C 15 -32.24 -53.76 3.24
N LYS C 16 -31.39 -52.82 3.63
CA LYS C 16 -31.78 -51.43 3.77
C LYS C 16 -30.71 -50.65 3.03
N VAL C 17 -31.13 -49.78 2.13
CA VAL C 17 -30.17 -48.96 1.38
C VAL C 17 -30.59 -47.50 1.43
N GLY C 18 -29.60 -46.62 1.43
CA GLY C 18 -29.88 -45.20 1.48
C GLY C 18 -29.10 -44.55 0.36
N LEU C 19 -29.49 -43.34 -0.01
CA LEU C 19 -28.81 -42.64 -1.08
C LEU C 19 -28.48 -41.24 -0.65
N GLU C 20 -27.29 -40.79 -1.02
CA GLU C 20 -26.84 -39.46 -0.65
C GLU C 20 -26.27 -38.92 -1.94
N ILE C 21 -26.69 -37.74 -2.36
CA ILE C 21 -26.20 -37.18 -3.59
C ILE C 21 -25.83 -35.71 -3.53
N HIS C 22 -24.61 -35.41 -3.95
CA HIS C 22 -24.12 -34.03 -3.97
C HIS C 22 -24.02 -33.67 -5.43
N ARG C 23 -24.30 -32.42 -5.77
CA ARG C 23 -24.21 -31.96 -7.15
C ARG C 23 -23.95 -30.46 -7.14
N GLN C 24 -23.08 -29.98 -8.03
CA GLN C 24 -22.77 -28.56 -8.07
C GLN C 24 -23.69 -27.79 -9.01
N LEU C 25 -24.08 -26.59 -8.61
CA LEU C 25 -24.94 -25.77 -9.44
C LEU C 25 -24.04 -24.87 -10.26
N ASP C 26 -24.39 -24.70 -11.52
CA ASP C 26 -23.60 -23.88 -12.41
C ASP C 26 -23.97 -22.43 -12.18
N THR C 27 -23.84 -21.98 -10.94
CA THR C 27 -24.16 -20.59 -10.64
C THR C 27 -22.91 -19.89 -10.07
N LYS C 28 -23.10 -18.76 -9.42
CA LYS C 28 -21.95 -18.08 -8.85
C LYS C 28 -21.77 -18.74 -7.49
N LYS C 29 -20.62 -18.50 -6.83
CA LYS C 29 -20.39 -19.12 -5.53
C LYS C 29 -21.50 -18.69 -4.56
N LEU C 30 -21.94 -19.65 -3.74
CA LEU C 30 -23.03 -19.48 -2.77
C LEU C 30 -23.04 -18.27 -1.86
N PHE C 31 -21.87 -17.76 -1.47
CA PHE C 31 -21.85 -16.62 -0.59
C PHE C 31 -21.00 -15.46 -1.03
N SER C 32 -20.86 -15.32 -2.34
CA SER C 32 -20.14 -14.21 -2.94
C SER C 32 -20.27 -14.26 -4.47
N PRO C 33 -20.69 -13.14 -5.08
CA PRO C 33 -20.89 -12.93 -6.53
C PRO C 33 -19.67 -13.34 -7.35
N VAL C 34 -19.18 -14.56 -7.13
CA VAL C 34 -18.01 -15.01 -7.84
C VAL C 34 -18.27 -16.18 -8.77
N PRO C 35 -17.75 -16.10 -9.99
CA PRO C 35 -17.89 -17.14 -11.01
C PRO C 35 -17.44 -18.49 -10.47
N SER C 36 -18.25 -19.53 -10.63
CA SER C 36 -17.82 -20.82 -10.16
C SER C 36 -16.89 -21.46 -11.19
N GLU C 37 -15.93 -20.66 -11.64
CA GLU C 37 -14.91 -21.06 -12.59
C GLU C 37 -13.76 -21.70 -11.84
N LEU C 38 -13.07 -22.64 -12.47
CA LEU C 38 -11.89 -23.24 -11.88
C LEU C 38 -10.74 -22.72 -12.70
N SER C 39 -9.57 -22.62 -12.08
CA SER C 39 -8.40 -22.12 -12.77
C SER C 39 -7.15 -22.77 -12.26
N ASP C 40 -6.23 -23.08 -13.17
CA ASP C 40 -4.98 -23.69 -12.78
C ASP C 40 -3.94 -22.60 -12.64
N LYS C 41 -4.37 -21.36 -12.70
CA LYS C 41 -3.47 -20.23 -12.54
C LYS C 41 -3.50 -19.89 -11.06
N VAL C 42 -2.35 -20.01 -10.40
CA VAL C 42 -2.22 -19.68 -8.98
C VAL C 42 -1.29 -18.48 -8.95
N GLU C 43 -1.82 -17.31 -8.67
CA GLU C 43 -0.99 -16.11 -8.70
C GLU C 43 -0.43 -15.65 -7.37
N PHE C 44 -1.01 -16.16 -6.28
CA PHE C 44 -0.55 -15.78 -4.96
C PHE C 44 -0.97 -16.89 -4.02
N THR C 45 -0.45 -16.83 -2.81
CA THR C 45 -0.74 -17.86 -1.84
C THR C 45 -0.66 -17.30 -0.43
N PHE C 46 -1.37 -17.92 0.50
CA PHE C 46 -1.31 -17.47 1.86
C PHE C 46 -1.42 -18.69 2.73
N GLN C 47 -0.80 -18.60 3.91
CA GLN C 47 -0.72 -19.70 4.87
C GLN C 47 -1.63 -19.46 6.09
N ARG C 48 -2.23 -20.54 6.59
CA ARG C 48 -3.15 -20.41 7.70
C ARG C 48 -3.19 -21.64 8.60
N ARG C 49 -3.62 -21.42 9.85
CA ARG C 49 -3.74 -22.50 10.83
C ARG C 49 -5.10 -22.38 11.49
N LEU C 50 -5.81 -23.49 11.65
CA LEU C 50 -7.12 -23.49 12.30
C LEU C 50 -6.97 -24.02 13.71
N ARG C 51 -7.90 -23.67 14.59
CA ARG C 51 -7.82 -24.10 15.98
C ARG C 51 -9.18 -24.50 16.52
N PRO C 52 -9.25 -25.63 17.25
CA PRO C 52 -10.49 -26.12 17.83
C PRO C 52 -11.22 -25.09 18.66
N THR C 53 -12.42 -25.43 19.12
CA THR C 53 -13.20 -24.50 19.94
C THR C 53 -13.79 -25.20 21.14
N MET C 54 -13.82 -24.50 22.27
CA MET C 54 -14.37 -25.06 23.49
C MET C 54 -15.86 -25.30 23.33
N SER C 55 -16.39 -26.23 24.12
CA SER C 55 -17.81 -26.56 24.11
C SER C 55 -18.40 -25.75 25.24
N GLU C 56 -19.71 -25.83 25.43
CA GLU C 56 -20.35 -25.07 26.48
C GLU C 56 -19.60 -25.24 27.79
N LEU C 57 -18.95 -26.38 27.96
CA LEU C 57 -18.19 -26.65 29.18
C LEU C 57 -16.72 -26.99 28.93
N GLY C 58 -16.01 -26.01 28.39
CA GLY C 58 -14.58 -26.11 28.11
C GLY C 58 -13.97 -27.32 27.42
N GLU C 59 -14.78 -28.17 26.81
CA GLU C 59 -14.25 -29.34 26.14
C GLU C 59 -13.75 -29.07 24.72
N ILE C 60 -12.76 -29.85 24.29
CA ILE C 60 -12.23 -29.70 22.95
C ILE C 60 -12.50 -31.00 22.22
N ASP C 61 -13.09 -30.91 21.04
CA ASP C 61 -13.40 -32.10 20.26
C ASP C 61 -12.12 -32.92 20.04
N PRO C 62 -12.14 -34.20 20.44
CA PRO C 62 -10.95 -35.06 20.27
C PRO C 62 -10.38 -34.98 18.86
N ALA C 63 -11.23 -35.22 17.86
CA ALA C 63 -10.83 -35.18 16.45
C ALA C 63 -10.12 -33.87 16.09
N ALA C 64 -10.82 -32.75 16.21
CA ALA C 64 -10.24 -31.44 15.90
C ALA C 64 -9.00 -31.18 16.74
N LEU C 65 -9.01 -31.65 17.99
CA LEU C 65 -7.89 -31.46 18.91
C LEU C 65 -6.75 -32.28 18.35
N GLU C 66 -7.04 -33.53 18.03
CA GLU C 66 -6.07 -34.44 17.47
C GLU C 66 -5.37 -33.79 16.28
N GLU C 67 -6.16 -33.16 15.41
CA GLU C 67 -5.64 -32.49 14.20
C GLU C 67 -4.77 -31.29 14.57
N PHE C 68 -5.07 -30.68 15.71
CA PHE C 68 -4.31 -29.53 16.20
C PHE C 68 -2.92 -30.02 16.55
N LYS C 69 -2.88 -31.18 17.21
CA LYS C 69 -1.64 -31.83 17.63
C LYS C 69 -0.69 -32.12 16.46
N LYS C 70 -1.24 -32.54 15.33
CA LYS C 70 -0.43 -32.85 14.15
C LYS C 70 0.34 -31.61 13.68
N GLY C 71 0.01 -30.46 14.25
CA GLY C 71 0.68 -29.23 13.90
C GLY C 71 0.89 -28.96 12.41
N ARG C 72 -0.19 -29.08 11.64
CA ARG C 72 -0.14 -28.85 10.21
C ARG C 72 -0.65 -27.46 9.87
N VAL C 73 -0.06 -26.86 8.84
CA VAL C 73 -0.46 -25.53 8.41
C VAL C 73 -1.23 -25.69 7.10
N TYR C 74 -2.15 -24.78 6.84
CA TYR C 74 -2.92 -24.84 5.61
C TYR C 74 -2.50 -23.75 4.66
N VAL C 75 -2.01 -24.16 3.49
CA VAL C 75 -1.59 -23.21 2.49
C VAL C 75 -2.70 -23.18 1.45
N TYR C 76 -3.09 -21.98 1.07
CA TYR C 76 -4.17 -21.80 0.11
C TYR C 76 -3.71 -21.07 -1.14
N GLU C 77 -4.07 -21.63 -2.30
CA GLU C 77 -3.73 -21.04 -3.59
C GLU C 77 -4.94 -20.29 -4.15
N GLY C 78 -4.70 -19.15 -4.78
CA GLY C 78 -5.79 -18.40 -5.38
C GLY C 78 -5.28 -17.39 -6.39
N ASN C 79 -6.12 -16.92 -7.31
CA ASN C 79 -5.64 -15.91 -8.25
C ASN C 79 -6.33 -14.58 -8.01
N TYR C 80 -5.69 -13.50 -8.45
CA TYR C 80 -6.21 -12.17 -8.23
C TYR C 80 -7.59 -11.86 -8.76
N GLU C 81 -8.10 -12.67 -9.69
CA GLU C 81 -9.40 -12.40 -10.27
C GLU C 81 -10.56 -13.27 -9.81
N LEU C 82 -10.27 -14.47 -9.33
CA LEU C 82 -11.31 -15.41 -8.89
C LEU C 82 -11.32 -15.67 -7.40
N THR C 83 -10.44 -14.97 -6.68
CA THR C 83 -10.35 -15.13 -5.25
C THR C 83 -10.72 -13.85 -4.58
N ASP C 84 -11.80 -13.90 -3.81
CA ASP C 84 -12.28 -12.72 -3.09
C ASP C 84 -12.04 -12.92 -1.61
N LEU C 85 -12.16 -11.85 -0.85
CA LEU C 85 -11.98 -11.91 0.60
C LEU C 85 -12.92 -12.92 1.28
N VAL C 86 -14.16 -13.00 0.85
CA VAL C 86 -15.08 -13.92 1.49
C VAL C 86 -14.53 -15.35 1.53
N TYR C 87 -13.87 -15.79 0.47
CA TYR C 87 -13.38 -17.14 0.52
C TYR C 87 -11.92 -17.24 0.99
N MET C 88 -11.46 -16.13 1.55
CA MET C 88 -10.13 -16.01 2.14
C MET C 88 -10.41 -15.86 3.64
N ASP C 89 -11.69 -15.63 3.95
CA ASP C 89 -12.15 -15.46 5.32
C ASP C 89 -11.76 -14.07 5.82
N GLU C 90 -11.72 -13.12 4.88
CA GLU C 90 -11.35 -11.74 5.16
C GLU C 90 -12.47 -10.74 4.90
N GLU C 91 -13.70 -11.23 4.91
CA GLU C 91 -14.90 -10.41 4.67
C GLU C 91 -16.14 -11.28 4.92
N PRO C 92 -17.19 -10.72 5.52
CA PRO C 92 -18.39 -11.50 5.79
C PRO C 92 -19.06 -11.98 4.52
N PRO C 93 -19.67 -13.17 4.56
CA PRO C 93 -20.33 -13.70 3.38
C PRO C 93 -21.67 -13.01 3.11
N ARG C 94 -22.11 -13.07 1.86
CA ARG C 94 -23.39 -12.51 1.46
C ARG C 94 -24.11 -13.65 0.75
N GLY C 95 -25.35 -13.91 1.09
CA GLY C 95 -26.04 -14.99 0.41
C GLY C 95 -27.30 -15.50 1.08
N PRO C 96 -27.86 -16.61 0.60
CA PRO C 96 -27.37 -17.42 -0.53
C PRO C 96 -27.59 -16.69 -1.84
N ASP C 97 -26.84 -17.09 -2.86
CA ASP C 97 -26.97 -16.52 -4.20
C ASP C 97 -28.33 -16.96 -4.70
N ARG C 98 -29.18 -15.97 -5.00
CA ARG C 98 -30.54 -16.20 -5.46
C ARG C 98 -30.67 -17.25 -6.54
N GLU C 99 -29.83 -17.20 -7.57
CA GLU C 99 -29.95 -18.20 -8.63
C GLU C 99 -29.87 -19.59 -8.04
N ALA C 100 -28.78 -19.88 -7.33
CA ALA C 100 -28.60 -21.19 -6.72
C ALA C 100 -29.75 -21.55 -5.80
N LEU C 101 -30.23 -20.55 -5.05
CA LEU C 101 -31.33 -20.78 -4.12
C LEU C 101 -32.56 -21.31 -4.85
N GLU C 102 -32.94 -20.62 -5.92
CA GLU C 102 -34.10 -21.01 -6.71
C GLU C 102 -33.91 -22.39 -7.35
N VAL C 103 -32.76 -22.61 -7.98
CA VAL C 103 -32.47 -23.91 -8.60
C VAL C 103 -32.67 -25.00 -7.55
N ALA C 104 -32.34 -24.67 -6.30
CA ALA C 104 -32.51 -25.59 -5.20
C ALA C 104 -34.00 -25.85 -5.06
N LEU C 105 -34.76 -24.77 -4.87
CA LEU C 105 -36.21 -24.81 -4.74
C LEU C 105 -36.84 -25.65 -5.85
N GLN C 106 -36.47 -25.32 -7.08
CA GLN C 106 -36.97 -26.03 -8.24
C GLN C 106 -36.72 -27.52 -8.06
N ILE C 107 -35.47 -27.90 -7.81
CA ILE C 107 -35.10 -29.31 -7.62
C ILE C 107 -35.97 -29.92 -6.54
N ALA C 108 -36.23 -29.14 -5.49
CA ALA C 108 -37.07 -29.61 -4.38
C ALA C 108 -38.43 -30.08 -4.90
N TYR C 109 -39.21 -29.15 -5.47
CA TYR C 109 -40.55 -29.42 -6.02
C TYR C 109 -40.49 -30.55 -7.04
N LEU C 110 -39.51 -30.43 -7.92
CA LEU C 110 -39.27 -31.40 -8.97
C LEU C 110 -39.13 -32.81 -8.37
N LEU C 111 -38.90 -32.87 -7.06
CA LEU C 111 -38.73 -34.12 -6.31
C LEU C 111 -39.85 -34.32 -5.28
N ASN C 112 -40.91 -33.53 -5.42
CA ASN C 112 -42.05 -33.61 -4.52
C ASN C 112 -41.71 -33.17 -3.09
N ALA C 113 -40.70 -32.35 -2.97
CA ALA C 113 -40.29 -31.86 -1.65
C ALA C 113 -41.08 -30.62 -1.26
N LYS C 114 -41.21 -30.39 0.03
CA LYS C 114 -41.95 -29.24 0.51
C LYS C 114 -40.97 -28.17 1.02
N PRO C 115 -40.62 -27.19 0.18
CA PRO C 115 -39.70 -26.14 0.59
C PRO C 115 -40.04 -25.55 1.94
N VAL C 116 -39.01 -25.14 2.66
CA VAL C 116 -39.15 -24.52 3.97
C VAL C 116 -39.75 -23.13 3.78
N ASP C 117 -40.32 -22.56 4.85
CA ASP C 117 -40.92 -21.23 4.75
C ASP C 117 -39.83 -20.18 4.88
N GLU C 118 -38.90 -20.39 5.79
CA GLU C 118 -37.80 -19.45 5.94
C GLU C 118 -36.50 -20.24 6.14
N VAL C 119 -35.47 -19.86 5.39
CA VAL C 119 -34.18 -20.55 5.46
C VAL C 119 -33.16 -19.94 6.41
N TYR C 120 -32.55 -20.81 7.21
CA TYR C 120 -31.53 -20.43 8.16
C TYR C 120 -30.24 -21.17 7.85
N TYR C 121 -29.13 -20.46 7.76
CA TYR C 121 -27.86 -21.12 7.48
C TYR C 121 -27.07 -21.56 8.71
N MET C 122 -26.45 -22.73 8.58
CA MET C 122 -25.63 -23.30 9.63
C MET C 122 -24.15 -23.30 9.26
N ARG C 123 -23.31 -23.55 10.27
CA ARG C 123 -21.88 -23.66 10.07
C ARG C 123 -21.51 -25.06 10.50
N LYS C 124 -21.21 -25.94 9.56
CA LYS C 124 -20.80 -27.28 9.93
C LYS C 124 -19.28 -27.13 10.14
N ILE C 125 -18.77 -27.59 11.28
CA ILE C 125 -17.35 -27.44 11.55
C ILE C 125 -16.57 -28.42 10.70
N VAL C 126 -15.43 -27.97 10.19
CA VAL C 126 -14.58 -28.80 9.33
C VAL C 126 -13.10 -28.71 9.69
N ILE C 127 -12.53 -29.85 10.04
CA ILE C 127 -11.13 -29.95 10.44
C ILE C 127 -10.07 -29.85 9.32
N ASP C 128 -10.25 -30.61 8.24
CA ASP C 128 -9.36 -30.62 7.07
C ASP C 128 -8.52 -29.41 6.79
N GLY C 129 -9.19 -28.28 6.55
CA GLY C 129 -8.56 -27.04 6.19
C GLY C 129 -9.09 -26.72 4.80
N SER C 130 -9.97 -27.61 4.34
CA SER C 130 -10.61 -27.50 3.03
C SER C 130 -11.61 -26.33 3.03
N ASN C 131 -11.93 -25.83 4.21
CA ASN C 131 -12.83 -24.72 4.37
C ASN C 131 -12.05 -23.66 5.14
N VAL C 132 -11.64 -22.62 4.44
CA VAL C 132 -10.85 -21.56 5.07
C VAL C 132 -11.42 -20.96 6.35
N SER C 133 -12.73 -20.98 6.52
CA SER C 133 -13.31 -20.38 7.73
C SER C 133 -13.43 -21.35 8.89
N GLY C 134 -13.11 -22.61 8.64
CA GLY C 134 -13.18 -23.60 9.69
C GLY C 134 -14.47 -24.38 9.60
N PHE C 135 -15.37 -23.89 8.76
CA PHE C 135 -16.66 -24.54 8.61
C PHE C 135 -17.25 -24.42 7.21
N GLN C 136 -18.29 -25.21 6.97
CA GLN C 136 -19.01 -25.17 5.71
C GLN C 136 -20.40 -24.63 5.97
N ARG C 137 -20.76 -23.55 5.29
CA ARG C 137 -22.08 -22.98 5.44
C ARG C 137 -23.10 -23.90 4.76
N THR C 138 -24.09 -24.38 5.53
CA THR C 138 -25.13 -25.28 5.00
C THR C 138 -26.52 -24.85 5.44
N ALA C 139 -27.54 -25.36 4.75
CA ALA C 139 -28.92 -25.05 5.10
C ALA C 139 -29.89 -26.07 4.54
N ILE C 140 -30.97 -26.30 5.26
CA ILE C 140 -32.01 -27.20 4.78
C ILE C 140 -32.95 -26.29 4.01
N ILE C 141 -33.40 -26.76 2.85
CA ILE C 141 -34.26 -25.96 2.03
C ILE C 141 -35.62 -26.59 1.75
N ALA C 142 -35.64 -27.92 1.71
CA ALA C 142 -36.88 -28.64 1.47
C ALA C 142 -36.87 -29.92 2.28
N THR C 143 -38.05 -30.48 2.49
CA THR C 143 -38.16 -31.71 3.26
C THR C 143 -39.26 -32.63 2.79
N ASP C 144 -39.20 -33.86 3.26
CA ASP C 144 -40.19 -34.87 2.96
C ASP C 144 -40.66 -34.94 1.51
N GLY C 145 -39.72 -35.17 0.60
CA GLY C 145 -40.06 -35.32 -0.80
C GLY C 145 -40.20 -36.82 -0.98
N LYS C 146 -40.36 -37.30 -2.22
CA LYS C 146 -40.47 -38.74 -2.44
C LYS C 146 -40.39 -39.08 -3.91
N VAL C 147 -39.76 -40.21 -4.19
CA VAL C 147 -39.59 -40.71 -5.55
C VAL C 147 -40.37 -42.00 -5.65
N GLU C 148 -41.30 -42.05 -6.59
CA GLU C 148 -42.13 -43.23 -6.78
C GLU C 148 -41.30 -44.30 -7.45
N THR C 149 -41.63 -45.57 -7.17
CA THR C 149 -40.88 -46.66 -7.79
C THR C 149 -41.63 -47.98 -7.81
N PRO C 150 -41.24 -48.90 -8.73
CA PRO C 150 -41.85 -50.21 -8.89
C PRO C 150 -41.98 -50.99 -7.60
N TRP C 151 -41.07 -50.75 -6.65
CA TRP C 151 -41.11 -51.46 -5.38
C TRP C 151 -41.79 -50.69 -4.27
N GLY C 152 -42.25 -49.49 -4.59
CA GLY C 152 -42.91 -48.67 -3.58
C GLY C 152 -42.22 -47.32 -3.54
N ALA C 153 -42.87 -46.34 -2.93
CA ALA C 153 -42.27 -45.01 -2.87
C ALA C 153 -41.13 -44.95 -1.86
N VAL C 154 -40.09 -44.22 -2.24
CA VAL C 154 -38.91 -44.01 -1.40
C VAL C 154 -38.88 -42.54 -1.03
N GLY C 155 -38.57 -42.25 0.22
CA GLY C 155 -38.55 -40.86 0.62
C GLY C 155 -37.26 -40.08 0.49
N ILE C 156 -37.39 -38.75 0.56
CA ILE C 156 -36.27 -37.83 0.50
C ILE C 156 -36.46 -36.90 1.71
N PRO C 157 -35.94 -37.32 2.87
CA PRO C 157 -36.04 -36.55 4.12
C PRO C 157 -35.51 -35.12 4.08
N THR C 158 -34.43 -34.91 3.35
CA THR C 158 -33.82 -33.58 3.30
C THR C 158 -33.17 -33.14 2.00
N ILE C 159 -33.33 -31.86 1.69
CA ILE C 159 -32.70 -31.27 0.52
C ILE C 159 -31.96 -30.06 1.08
N CYS C 160 -30.65 -29.99 0.82
CA CYS C 160 -29.82 -28.91 1.34
C CYS C 160 -28.96 -28.22 0.31
N LEU C 161 -28.73 -26.93 0.53
CA LEU C 161 -27.88 -26.13 -0.33
C LEU C 161 -26.70 -25.71 0.56
N GLU C 162 -25.52 -26.23 0.22
CA GLU C 162 -24.31 -25.95 0.99
C GLU C 162 -23.13 -25.58 0.10
N GLU C 163 -22.05 -25.11 0.73
CA GLU C 163 -20.82 -24.74 0.03
C GLU C 163 -19.94 -25.96 -0.17
N ASP C 164 -19.28 -26.03 -1.32
CA ASP C 164 -18.37 -27.12 -1.61
C ASP C 164 -17.02 -26.64 -1.07
N ALA C 165 -16.15 -27.59 -0.69
CA ALA C 165 -14.84 -27.24 -0.13
C ALA C 165 -13.79 -26.96 -1.19
N ALA C 166 -12.64 -26.44 -0.75
CA ALA C 166 -11.56 -26.11 -1.65
C ALA C 166 -10.98 -27.40 -2.23
N ARG C 167 -10.26 -27.28 -3.33
CA ARG C 167 -9.64 -28.44 -3.95
C ARG C 167 -8.34 -28.71 -3.23
N ILE C 168 -8.01 -29.97 -3.11
CA ILE C 168 -6.77 -30.33 -2.45
C ILE C 168 -5.71 -30.46 -3.50
N ILE C 169 -4.59 -29.81 -3.28
CA ILE C 169 -3.50 -29.86 -4.22
C ILE C 169 -2.44 -30.84 -3.76
N GLU C 170 -2.22 -30.93 -2.46
CA GLU C 170 -1.22 -31.83 -1.91
C GLU C 170 -1.27 -31.84 -0.40
N ARG C 171 -1.06 -33.00 0.21
CA ARG C 171 -1.08 -33.10 1.66
C ARG C 171 0.29 -33.49 2.17
N LYS C 172 1.25 -32.56 2.13
CA LYS C 172 2.57 -32.84 2.66
C LYS C 172 2.36 -33.04 4.16
N ASP C 173 3.34 -33.63 4.84
CA ASP C 173 3.19 -33.83 6.28
C ASP C 173 3.41 -32.45 6.88
N LYS C 174 2.50 -32.03 7.76
CA LYS C 174 2.63 -30.71 8.40
C LYS C 174 2.38 -29.55 7.44
N GLU C 175 1.52 -29.80 6.45
CA GLU C 175 1.18 -28.78 5.48
C GLU C 175 0.33 -29.36 4.36
N VAL C 176 -0.95 -28.97 4.32
CA VAL C 176 -1.85 -29.41 3.27
C VAL C 176 -2.10 -28.19 2.42
N ILE C 177 -1.97 -28.33 1.10
CA ILE C 177 -2.18 -27.23 0.17
C ILE C 177 -3.54 -27.34 -0.50
N TYR C 178 -4.31 -26.26 -0.41
CA TYR C 178 -5.64 -26.24 -1.00
C TYR C 178 -5.84 -25.12 -1.99
N ARG C 179 -6.65 -25.38 -3.02
CA ARG C 179 -6.92 -24.33 -3.99
C ARG C 179 -8.33 -23.79 -3.76
N LEU C 180 -8.41 -22.46 -3.69
CA LEU C 180 -9.65 -21.74 -3.40
C LEU C 180 -10.72 -21.62 -4.47
N ASP C 181 -10.35 -21.75 -5.73
CA ASP C 181 -11.35 -21.61 -6.78
C ASP C 181 -12.61 -22.45 -6.55
N ARG C 182 -12.46 -23.71 -6.13
CA ARG C 182 -13.65 -24.53 -5.92
C ARG C 182 -14.43 -24.17 -4.67
N LEU C 183 -13.76 -23.53 -3.71
CA LEU C 183 -14.41 -23.16 -2.47
C LEU C 183 -15.51 -22.15 -2.72
N GLY C 184 -16.74 -22.53 -2.37
CA GLY C 184 -17.85 -21.61 -2.55
C GLY C 184 -18.84 -22.01 -3.63
N ILE C 185 -18.45 -22.92 -4.50
CA ILE C 185 -19.36 -23.34 -5.55
C ILE C 185 -20.53 -23.96 -4.82
N PRO C 186 -21.76 -23.61 -5.23
CA PRO C 186 -23.02 -24.09 -4.63
C PRO C 186 -23.16 -25.59 -4.77
N LEU C 187 -23.64 -26.23 -3.72
CA LEU C 187 -23.81 -27.66 -3.76
C LEU C 187 -25.23 -28.00 -3.33
N ILE C 188 -25.88 -28.89 -4.06
CA ILE C 188 -27.21 -29.29 -3.67
C ILE C 188 -27.05 -30.73 -3.24
N GLU C 189 -27.49 -31.04 -2.03
CA GLU C 189 -27.40 -32.38 -1.51
C GLU C 189 -28.78 -32.95 -1.31
N ILE C 190 -29.00 -34.14 -1.84
CA ILE C 190 -30.28 -34.80 -1.75
C ILE C 190 -30.01 -36.12 -1.07
N SER C 191 -30.80 -36.42 -0.04
CA SER C 191 -30.63 -37.63 0.74
C SER C 191 -31.87 -38.51 0.89
N THR C 192 -31.71 -39.78 0.57
CA THR C 192 -32.80 -40.75 0.63
C THR C 192 -33.05 -41.14 2.07
N THR C 193 -33.67 -42.30 2.24
CA THR C 193 -33.97 -42.82 3.55
C THR C 193 -33.47 -44.26 3.48
N PRO C 194 -33.05 -44.82 4.61
CA PRO C 194 -32.55 -46.19 4.66
C PRO C 194 -33.51 -47.31 4.28
N ASP C 195 -34.58 -47.02 3.55
CA ASP C 195 -35.55 -48.07 3.21
C ASP C 195 -35.51 -48.74 1.83
N ILE C 196 -34.81 -48.16 0.85
CA ILE C 196 -34.74 -48.82 -0.46
C ILE C 196 -34.43 -50.28 -0.14
N HIS C 197 -35.34 -51.19 -0.47
CA HIS C 197 -35.14 -52.59 -0.14
C HIS C 197 -34.81 -53.50 -1.32
N HIS C 198 -34.29 -52.92 -2.40
CA HIS C 198 -33.91 -53.70 -3.57
C HIS C 198 -32.90 -52.96 -4.41
N PRO C 199 -31.88 -53.66 -4.90
CA PRO C 199 -30.84 -53.03 -5.74
C PRO C 199 -31.40 -52.17 -6.86
N GLU C 200 -32.33 -52.73 -7.63
CA GLU C 200 -32.92 -52.00 -8.75
C GLU C 200 -33.62 -50.72 -8.30
N GLN C 201 -34.46 -50.85 -7.28
CA GLN C 201 -35.17 -49.70 -6.74
C GLN C 201 -34.21 -48.55 -6.49
N ALA C 202 -32.99 -48.89 -6.08
CA ALA C 202 -31.95 -47.92 -5.79
C ALA C 202 -31.60 -47.16 -7.05
N LYS C 203 -31.29 -47.91 -8.10
CA LYS C 203 -30.93 -47.33 -9.38
C LYS C 203 -32.04 -46.41 -9.87
N VAL C 204 -33.27 -46.80 -9.60
CA VAL C 204 -34.41 -46.00 -10.03
C VAL C 204 -34.42 -44.66 -9.31
N VAL C 205 -34.30 -44.66 -7.98
CA VAL C 205 -34.28 -43.42 -7.24
C VAL C 205 -33.07 -42.62 -7.72
N ALA C 206 -31.93 -43.28 -7.73
CA ALA C 206 -30.69 -42.65 -8.18
C ALA C 206 -30.85 -41.99 -9.54
N LYS C 207 -31.52 -42.68 -10.47
CA LYS C 207 -31.70 -42.15 -11.82
C LYS C 207 -32.72 -41.02 -11.89
N PHE C 208 -33.81 -41.14 -11.16
CA PHE C 208 -34.83 -40.10 -11.18
C PHE C 208 -34.24 -38.78 -10.71
N ILE C 209 -33.57 -38.84 -9.56
CA ILE C 209 -32.94 -37.67 -8.96
C ILE C 209 -31.90 -37.10 -9.91
N GLY C 210 -31.10 -37.97 -10.51
CA GLY C 210 -30.11 -37.49 -11.44
C GLY C 210 -30.78 -36.70 -12.54
N ASP C 211 -31.91 -37.21 -13.02
CA ASP C 211 -32.69 -36.57 -14.08
C ASP C 211 -33.34 -35.27 -13.64
N ALA C 212 -33.89 -35.25 -12.43
CA ALA C 212 -34.49 -34.02 -11.92
C ALA C 212 -33.42 -32.96 -12.05
N LEU C 213 -32.19 -33.34 -11.71
CA LEU C 213 -31.07 -32.43 -11.79
C LEU C 213 -30.77 -31.98 -13.21
N ARG C 214 -30.75 -32.91 -14.16
CA ARG C 214 -30.46 -32.49 -15.52
C ARG C 214 -31.50 -31.48 -15.98
N ALA C 215 -32.76 -31.77 -15.64
CA ALA C 215 -33.88 -30.89 -16.00
C ALA C 215 -33.58 -29.42 -15.75
N THR C 216 -33.23 -29.07 -14.52
CA THR C 216 -32.93 -27.69 -14.16
C THR C 216 -32.00 -27.01 -15.15
N LYS C 217 -31.28 -27.80 -15.95
CA LYS C 217 -30.34 -27.29 -16.94
C LYS C 217 -29.34 -26.22 -16.46
N LYS C 218 -29.09 -26.20 -15.15
CA LYS C 218 -28.11 -25.30 -14.58
C LYS C 218 -27.43 -25.97 -13.37
N VAL C 219 -27.09 -27.24 -13.60
CA VAL C 219 -26.40 -28.10 -12.67
C VAL C 219 -25.13 -28.42 -13.44
N LYS C 220 -23.96 -28.26 -12.84
CA LYS C 220 -22.72 -28.51 -13.56
C LYS C 220 -22.61 -29.91 -14.10
N ARG C 221 -22.02 -29.98 -15.28
CA ARG C 221 -21.82 -31.24 -15.97
C ARG C 221 -20.31 -31.36 -16.08
N GLY C 222 -19.79 -32.57 -15.89
CA GLY C 222 -18.36 -32.74 -15.99
C GLY C 222 -17.88 -33.98 -15.26
N LEU C 223 -16.56 -34.07 -15.05
CA LEU C 223 -15.97 -35.21 -14.36
C LEU C 223 -16.34 -35.23 -12.88
N GLY C 224 -15.49 -34.62 -12.06
CA GLY C 224 -15.75 -34.59 -10.64
C GLY C 224 -16.77 -33.53 -10.28
N THR C 225 -18.04 -33.83 -10.56
CA THR C 225 -19.11 -32.88 -10.27
C THR C 225 -20.35 -33.58 -9.73
N ILE C 226 -20.27 -34.89 -9.55
CA ILE C 226 -21.40 -35.65 -9.05
C ILE C 226 -21.00 -36.66 -7.96
N ARG C 227 -21.67 -36.59 -6.82
CA ARG C 227 -21.41 -37.49 -5.73
C ARG C 227 -22.58 -38.42 -5.49
N GLN C 228 -22.39 -39.71 -5.72
CA GLN C 228 -23.42 -40.69 -5.47
C GLN C 228 -22.84 -41.68 -4.48
N ASP C 229 -23.26 -41.58 -3.22
CA ASP C 229 -22.76 -42.46 -2.19
C ASP C 229 -23.92 -43.35 -1.70
N LEU C 230 -23.62 -44.61 -1.41
CA LEU C 230 -24.63 -45.55 -0.93
C LEU C 230 -24.33 -45.98 0.50
N ASN C 231 -25.33 -46.57 1.15
CA ASN C 231 -25.14 -47.11 2.50
C ASN C 231 -26.04 -48.33 2.59
N VAL C 232 -25.41 -49.50 2.46
CA VAL C 232 -26.10 -50.78 2.48
C VAL C 232 -26.08 -51.41 3.84
N SER C 233 -26.94 -52.42 4.02
CA SER C 233 -27.07 -53.15 5.28
C SER C 233 -27.88 -54.45 5.09
N ILE C 234 -27.83 -55.31 6.09
CA ILE C 234 -28.55 -56.58 6.08
C ILE C 234 -28.95 -56.95 7.50
N LYS C 235 -30.04 -57.70 7.65
CA LYS C 235 -30.50 -58.09 8.97
C LYS C 235 -29.39 -58.84 9.70
N GLY C 236 -28.78 -58.21 10.69
CA GLY C 236 -27.72 -58.85 11.45
C GLY C 236 -26.33 -58.52 10.95
N GLY C 237 -26.22 -57.56 10.06
CA GLY C 237 -24.93 -57.16 9.52
C GLY C 237 -24.56 -55.79 10.05
N ALA C 238 -24.19 -54.86 9.18
CA ALA C 238 -23.84 -53.51 9.61
C ALA C 238 -24.00 -52.47 8.51
N ARG C 239 -24.26 -51.23 8.92
CA ARG C 239 -24.41 -50.13 7.98
C ARG C 239 -23.06 -49.80 7.40
N ILE C 240 -22.90 -49.94 6.09
CA ILE C 240 -21.63 -49.66 5.45
C ILE C 240 -21.68 -48.56 4.41
N GLU C 241 -21.01 -47.45 4.70
CA GLU C 241 -20.96 -46.30 3.80
C GLU C 241 -20.06 -46.63 2.60
N ILE C 242 -20.60 -46.55 1.39
CA ILE C 242 -19.83 -46.85 0.18
C ILE C 242 -19.63 -45.60 -0.67
N LYS C 243 -18.43 -45.05 -0.66
CA LYS C 243 -18.17 -43.84 -1.45
C LYS C 243 -17.72 -44.13 -2.86
N GLY C 244 -17.72 -43.07 -3.66
CA GLY C 244 -17.28 -43.16 -5.03
C GLY C 244 -17.98 -44.10 -5.99
N VAL C 245 -19.31 -44.11 -5.99
CA VAL C 245 -20.03 -44.95 -6.92
C VAL C 245 -20.03 -44.14 -8.22
N GLN C 246 -19.15 -44.54 -9.14
CA GLN C 246 -18.94 -43.89 -10.43
C GLN C 246 -20.17 -43.64 -11.31
N GLU C 247 -20.69 -44.69 -11.92
CA GLU C 247 -21.85 -44.55 -12.79
C GLU C 247 -23.11 -45.24 -12.31
N LEU C 248 -24.23 -44.54 -12.49
CA LEU C 248 -25.56 -44.98 -12.12
C LEU C 248 -25.80 -46.47 -12.38
N ASP C 249 -25.28 -46.98 -13.49
CA ASP C 249 -25.49 -48.37 -13.84
C ASP C 249 -24.76 -49.42 -12.98
N MET C 250 -23.96 -48.95 -12.02
CA MET C 250 -23.24 -49.86 -11.13
C MET C 250 -23.99 -50.05 -9.81
N ILE C 251 -24.81 -49.06 -9.49
CA ILE C 251 -25.59 -49.10 -8.26
C ILE C 251 -26.26 -50.44 -7.98
N PRO C 252 -26.85 -51.08 -9.00
CA PRO C 252 -27.46 -52.35 -8.60
C PRO C 252 -26.47 -53.44 -8.25
N ILE C 253 -25.39 -53.57 -9.02
CA ILE C 253 -24.42 -54.63 -8.73
C ILE C 253 -23.62 -54.38 -7.46
N ILE C 254 -23.30 -53.12 -7.18
CA ILE C 254 -22.56 -52.80 -5.98
C ILE C 254 -23.37 -53.26 -4.78
N ILE C 255 -24.62 -52.81 -4.73
CA ILE C 255 -25.51 -53.19 -3.64
C ILE C 255 -25.58 -54.71 -3.54
N GLU C 256 -25.62 -55.38 -4.68
CA GLU C 256 -25.70 -56.84 -4.66
C GLU C 256 -24.43 -57.48 -4.11
N ARG C 257 -23.27 -57.01 -4.57
CA ARG C 257 -22.00 -57.54 -4.13
C ARG C 257 -21.81 -57.31 -2.64
N GLU C 258 -22.28 -56.18 -2.15
CA GLU C 258 -22.17 -55.85 -0.73
C GLU C 258 -22.99 -56.82 0.10
N VAL C 259 -24.24 -57.04 -0.29
CA VAL C 259 -25.10 -57.97 0.42
C VAL C 259 -24.38 -59.31 0.47
N GLU C 260 -23.70 -59.66 -0.63
CA GLU C 260 -22.96 -60.92 -0.67
C GLU C 260 -21.83 -60.90 0.35
N ARG C 261 -21.04 -59.84 0.33
CA ARG C 261 -19.93 -59.69 1.25
C ARG C 261 -20.44 -59.90 2.67
N GLN C 262 -21.37 -59.05 3.09
CA GLN C 262 -21.92 -59.15 4.43
C GLN C 262 -22.55 -60.52 4.70
N LEU C 263 -23.25 -61.06 3.71
CA LEU C 263 -23.87 -62.35 3.91
C LEU C 263 -22.81 -63.42 4.22
N ASN C 264 -21.70 -63.39 3.47
CA ASN C 264 -20.62 -64.35 3.70
C ASN C 264 -19.93 -64.13 5.03
N LEU C 265 -19.55 -62.90 5.32
CA LEU C 265 -18.89 -62.62 6.58
C LEU C 265 -19.67 -63.24 7.73
N LEU C 266 -20.99 -63.08 7.71
CA LEU C 266 -21.84 -63.65 8.75
C LEU C 266 -21.68 -65.16 8.78
N LYS C 267 -21.68 -65.79 7.61
CA LYS C 267 -21.51 -67.23 7.54
C LYS C 267 -20.20 -67.59 8.24
N ILE C 268 -19.15 -66.80 7.98
CA ILE C 268 -17.86 -67.08 8.61
C ILE C 268 -17.95 -66.90 10.12
N ARG C 269 -18.44 -65.73 10.54
CA ARG C 269 -18.58 -65.44 11.97
C ARG C 269 -19.27 -66.60 12.67
N ASP C 270 -20.28 -67.17 12.01
CA ASP C 270 -21.02 -68.28 12.57
C ASP C 270 -20.14 -69.52 12.72
N GLU C 271 -19.29 -69.76 11.75
CA GLU C 271 -18.42 -70.92 11.81
C GLU C 271 -17.48 -70.71 12.98
N LEU C 272 -17.01 -69.48 13.13
CA LEU C 272 -16.11 -69.13 14.23
C LEU C 272 -16.82 -69.35 15.54
N ARG C 273 -17.97 -68.69 15.72
CA ARG C 273 -18.74 -68.84 16.95
C ARG C 273 -18.91 -70.30 17.31
N LYS C 274 -19.16 -71.13 16.29
CA LYS C 274 -19.37 -72.56 16.46
C LYS C 274 -18.09 -73.23 16.97
N ARG C 275 -16.95 -72.83 16.43
CA ARG C 275 -15.69 -73.41 16.88
C ARG C 275 -15.39 -72.89 18.28
N GLY C 276 -15.99 -71.76 18.63
CA GLY C 276 -15.75 -71.19 19.94
C GLY C 276 -14.43 -70.44 20.06
N VAL C 277 -14.43 -69.19 19.61
CA VAL C 277 -13.24 -68.35 19.69
C VAL C 277 -13.73 -66.96 20.04
N LYS C 278 -13.18 -66.39 21.10
CA LYS C 278 -13.60 -65.05 21.51
C LYS C 278 -12.47 -64.10 21.20
N PRO C 279 -12.79 -62.83 20.93
CA PRO C 279 -11.76 -61.84 20.63
C PRO C 279 -10.55 -61.89 21.54
N LYS C 280 -10.77 -62.25 22.80
CA LYS C 280 -9.68 -62.34 23.79
C LYS C 280 -8.69 -63.47 23.47
N ASP C 281 -9.15 -64.45 22.70
CA ASP C 281 -8.30 -65.59 22.32
C ASP C 281 -7.27 -65.20 21.28
N ILE C 282 -7.39 -63.99 20.76
CA ILE C 282 -6.43 -63.49 19.78
C ILE C 282 -5.52 -62.52 20.52
N LYS C 283 -4.50 -63.08 21.17
CA LYS C 283 -3.55 -62.30 21.94
C LYS C 283 -2.70 -61.44 21.03
N GLU C 284 -2.43 -60.20 21.42
CA GLU C 284 -1.60 -59.42 20.55
C GLU C 284 -0.12 -59.59 20.90
N GLU C 285 0.37 -60.77 20.55
CA GLU C 285 1.75 -61.15 20.78
C GLU C 285 2.26 -61.45 19.37
N PHE C 286 3.46 -61.00 19.03
CA PHE C 286 4.00 -61.26 17.70
C PHE C 286 5.21 -62.17 17.74
N TYR C 287 5.11 -63.33 17.11
CA TYR C 287 6.21 -64.28 17.08
C TYR C 287 7.21 -63.86 16.00
N ASP C 288 8.49 -63.82 16.35
CA ASP C 288 9.53 -63.47 15.39
C ASP C 288 9.89 -64.76 14.64
N VAL C 289 9.71 -64.74 13.33
CA VAL C 289 9.97 -65.93 12.50
C VAL C 289 11.00 -65.66 11.40
N THR C 290 11.61 -64.48 11.45
CA THR C 290 12.61 -64.06 10.49
C THR C 290 13.62 -65.19 10.21
N ASP C 291 13.66 -66.16 11.10
CA ASP C 291 14.57 -67.29 11.02
C ASP C 291 14.12 -68.28 9.97
N ILE C 292 12.93 -68.85 10.18
CA ILE C 292 12.38 -69.83 9.24
C ILE C 292 12.40 -69.30 7.80
N PHE C 293 12.74 -68.01 7.65
CA PHE C 293 12.79 -67.38 6.35
C PHE C 293 14.17 -66.85 6.00
N GLU C 294 15.18 -67.32 6.71
CA GLU C 294 16.54 -66.86 6.47
C GLU C 294 17.00 -67.19 5.06
N ASN C 295 16.53 -68.33 4.53
CA ASN C 295 16.90 -68.75 3.19
C ASN C 295 15.66 -69.20 2.43
N THR C 296 14.64 -68.36 2.38
CA THR C 296 13.43 -68.74 1.66
C THR C 296 13.53 -68.29 0.23
N LYS C 297 12.67 -68.82 -0.61
CA LYS C 297 12.72 -68.44 -2.00
C LYS C 297 11.68 -67.41 -2.37
N SER C 298 11.14 -66.72 -1.37
CA SER C 298 10.17 -65.66 -1.63
C SER C 298 10.98 -64.39 -1.84
N LYS C 299 10.98 -63.89 -3.07
CA LYS C 299 11.74 -62.69 -3.36
C LYS C 299 11.37 -61.57 -2.41
N ILE C 300 10.08 -61.48 -2.12
CA ILE C 300 9.51 -60.46 -1.25
C ILE C 300 10.17 -60.42 0.13
N ILE C 301 9.93 -61.47 0.90
CA ILE C 301 10.46 -61.58 2.25
C ILE C 301 11.98 -61.45 2.27
N ALA C 302 12.62 -62.13 1.33
CA ALA C 302 14.07 -62.10 1.24
C ALA C 302 14.63 -60.69 1.20
N ARG C 303 14.01 -59.80 0.43
CA ARG C 303 14.51 -58.43 0.34
C ARG C 303 14.32 -57.70 1.66
N VAL C 304 13.15 -57.88 2.25
CA VAL C 304 12.82 -57.25 3.51
C VAL C 304 13.90 -57.56 4.52
N ILE C 305 14.25 -58.84 4.62
CA ILE C 305 15.29 -59.25 5.58
C ILE C 305 16.65 -58.63 5.31
N LYS C 306 17.13 -58.75 4.08
CA LYS C 306 18.44 -58.19 3.74
C LYS C 306 18.51 -56.70 4.07
N LYS C 307 17.37 -56.02 4.07
CA LYS C 307 17.37 -54.60 4.40
C LYS C 307 17.24 -54.42 5.89
N GLY C 308 17.20 -55.53 6.63
CA GLY C 308 17.09 -55.45 8.07
C GLY C 308 15.66 -55.51 8.59
N GLY C 309 14.80 -56.20 7.85
CA GLY C 309 13.42 -56.31 8.26
C GLY C 309 13.21 -57.61 8.99
N LYS C 310 12.01 -57.80 9.54
CA LYS C 310 11.69 -59.01 10.27
C LYS C 310 10.42 -59.63 9.75
N VAL C 311 10.16 -60.87 10.15
CA VAL C 311 8.96 -61.55 9.74
C VAL C 311 8.22 -61.96 11.00
N LEU C 312 7.27 -61.14 11.43
CA LEU C 312 6.53 -61.46 12.64
C LEU C 312 5.24 -62.19 12.29
N ALA C 313 4.87 -63.15 13.13
CA ALA C 313 3.65 -63.91 12.93
C ALA C 313 2.61 -63.48 13.95
N ILE C 314 1.41 -64.07 13.83
CA ILE C 314 0.27 -63.81 14.68
C ILE C 314 -0.49 -65.11 14.74
N LYS C 315 -0.92 -65.53 15.92
CA LYS C 315 -1.65 -66.79 16.01
C LYS C 315 -3.13 -66.51 16.04
N LEU C 316 -3.86 -67.00 15.05
CA LEU C 316 -5.30 -66.80 14.98
C LEU C 316 -6.02 -68.12 15.19
N PRO C 317 -6.40 -68.40 16.44
CA PRO C 317 -7.09 -69.64 16.79
C PRO C 317 -8.37 -69.95 16.01
N LYS C 318 -8.43 -71.18 15.52
CA LYS C 318 -9.59 -71.67 14.78
C LYS C 318 -10.02 -70.83 13.57
N PHE C 319 -9.06 -70.12 12.97
CA PHE C 319 -9.32 -69.29 11.81
C PHE C 319 -8.85 -69.95 10.52
N ARG C 320 -8.63 -71.26 10.57
CA ARG C 320 -8.14 -71.95 9.39
C ARG C 320 -9.22 -72.19 8.35
N GLY C 321 -8.87 -71.97 7.09
CA GLY C 321 -9.83 -72.16 6.02
C GLY C 321 -10.91 -71.09 6.04
N LEU C 322 -10.77 -70.14 6.95
CA LEU C 322 -11.74 -69.07 7.03
C LEU C 322 -11.14 -67.78 6.53
N ILE C 323 -9.81 -67.69 6.56
CA ILE C 323 -9.14 -66.49 6.09
C ILE C 323 -9.15 -66.53 4.56
N GLY C 324 -9.07 -67.73 4.03
CA GLY C 324 -9.05 -67.89 2.60
C GLY C 324 -10.44 -68.01 1.99
N ARG C 325 -11.48 -68.06 2.82
CA ARG C 325 -12.84 -68.17 2.28
C ARG C 325 -13.22 -66.89 1.57
N GLU C 326 -13.83 -67.05 0.39
CA GLU C 326 -14.25 -65.93 -0.45
C GLU C 326 -15.50 -65.27 0.09
N ILE C 327 -15.52 -63.94 0.11
CA ILE C 327 -16.68 -63.19 0.61
C ILE C 327 -17.34 -62.46 -0.56
N GLN C 328 -16.55 -62.20 -1.59
CA GLN C 328 -17.00 -61.54 -2.79
C GLN C 328 -16.17 -62.14 -3.89
N PRO C 329 -16.73 -62.23 -5.11
CA PRO C 329 -15.96 -62.80 -6.22
C PRO C 329 -14.55 -62.20 -6.21
N GLY C 330 -13.54 -63.05 -5.99
CA GLY C 330 -12.16 -62.58 -6.00
C GLY C 330 -11.61 -61.93 -4.74
N ARG C 331 -12.42 -61.85 -3.69
CA ARG C 331 -11.96 -61.26 -2.43
C ARG C 331 -12.23 -62.23 -1.30
N ARG C 332 -11.27 -62.36 -0.41
CA ARG C 332 -11.38 -63.26 0.73
C ARG C 332 -11.26 -62.48 2.06
N LEU C 333 -11.63 -63.12 3.15
CA LEU C 333 -11.55 -62.50 4.45
C LEU C 333 -10.14 -61.91 4.64
N GLY C 334 -9.14 -62.64 4.17
CA GLY C 334 -7.77 -62.17 4.27
C GLY C 334 -7.54 -60.91 3.49
N THR C 335 -8.38 -60.64 2.49
CA THR C 335 -8.24 -59.43 1.69
C THR C 335 -8.64 -58.26 2.55
N GLU C 336 -9.52 -58.54 3.50
CA GLU C 336 -9.97 -57.53 4.45
C GLU C 336 -8.82 -57.27 5.41
N PHE C 337 -8.23 -58.35 5.94
CA PHE C 337 -7.09 -58.26 6.83
C PHE C 337 -6.04 -57.36 6.16
N ALA C 338 -5.60 -57.83 4.99
CA ALA C 338 -4.60 -57.11 4.22
C ALA C 338 -5.01 -55.65 4.06
N ASP C 339 -6.29 -55.45 3.72
CA ASP C 339 -6.83 -54.10 3.52
C ASP C 339 -6.51 -53.20 4.71
N ARG C 340 -6.95 -53.62 5.90
CA ARG C 340 -6.73 -52.84 7.11
C ARG C 340 -5.24 -52.67 7.40
N ALA C 341 -4.49 -53.74 7.17
CA ALA C 341 -3.05 -53.76 7.39
C ALA C 341 -2.35 -52.73 6.50
N LYS C 342 -2.91 -52.51 5.33
CA LYS C 342 -2.34 -51.59 4.35
C LYS C 342 -2.03 -50.22 4.95
N LYS C 343 -2.58 -49.95 6.13
CA LYS C 343 -2.33 -48.67 6.80
C LYS C 343 -0.86 -48.53 7.16
N TYR C 344 -0.19 -49.67 7.29
CA TYR C 344 1.22 -49.68 7.65
C TYR C 344 2.02 -50.58 6.73
N VAL C 345 1.35 -51.51 6.06
CA VAL C 345 2.09 -52.41 5.21
C VAL C 345 1.48 -52.81 3.88
N PRO C 346 2.32 -52.84 2.84
CA PRO C 346 2.05 -53.19 1.44
C PRO C 346 1.24 -54.47 1.21
N GLY C 347 1.39 -55.44 2.12
CA GLY C 347 0.68 -56.69 1.96
C GLY C 347 0.93 -57.63 3.13
N ILE C 348 0.32 -58.81 3.11
CA ILE C 348 0.49 -59.76 4.20
C ILE C 348 0.41 -61.18 3.67
N PHE C 349 0.90 -62.16 4.43
CA PHE C 349 0.81 -63.54 4.00
C PHE C 349 -0.02 -64.27 5.06
N HIS C 350 -0.84 -65.23 4.65
CA HIS C 350 -1.64 -65.95 5.62
C HIS C 350 -1.71 -67.43 5.27
N ILE C 351 -1.80 -68.27 6.30
CA ILE C 351 -1.81 -69.70 6.15
C ILE C 351 -2.69 -70.33 5.08
N ASP C 352 -3.86 -69.77 4.82
CA ASP C 352 -4.73 -70.39 3.80
C ASP C 352 -4.24 -70.22 2.36
N GLU C 353 -3.57 -69.11 2.07
CA GLU C 353 -3.10 -68.85 0.72
C GLU C 353 -1.77 -69.46 0.31
N LEU C 354 -1.05 -70.11 1.22
CA LEU C 354 0.25 -70.70 0.86
C LEU C 354 0.41 -72.11 1.39
N PRO C 355 1.41 -72.87 0.90
CA PRO C 355 2.49 -72.68 -0.10
C PRO C 355 2.19 -71.80 -1.31
N ASN C 356 3.09 -70.88 -1.59
CA ASN C 356 2.91 -69.98 -2.72
C ASN C 356 3.84 -68.78 -2.61
N TYR C 357 3.90 -67.97 -3.67
CA TYR C 357 4.74 -66.78 -3.69
C TYR C 357 6.19 -67.05 -3.28
N GLY C 358 6.57 -68.33 -3.33
CA GLY C 358 7.93 -68.72 -2.99
C GLY C 358 8.09 -69.30 -1.60
N ILE C 359 6.98 -69.44 -0.88
CA ILE C 359 7.03 -69.99 0.47
C ILE C 359 6.72 -71.48 0.43
N SER C 360 7.71 -72.27 0.84
CA SER C 360 7.62 -73.72 0.84
C SER C 360 6.85 -74.29 2.01
N GLN C 361 6.37 -75.52 1.85
CA GLN C 361 5.64 -76.22 2.90
C GLN C 361 6.53 -76.27 4.11
N GLU C 362 7.83 -76.37 3.88
CA GLU C 362 8.80 -76.43 4.97
C GLU C 362 8.62 -75.17 5.81
N GLU C 363 8.76 -74.01 5.16
CA GLU C 363 8.62 -72.72 5.82
C GLU C 363 7.28 -72.66 6.57
N VAL C 364 6.23 -73.17 5.94
CA VAL C 364 4.89 -73.18 6.52
C VAL C 364 4.76 -74.06 7.76
N ASN C 365 5.28 -75.27 7.69
CA ASN C 365 5.23 -76.18 8.82
C ASN C 365 6.10 -75.68 9.95
N LYS C 366 7.26 -75.11 9.58
CA LYS C 366 8.18 -74.56 10.57
C LYS C 366 7.49 -73.48 11.39
N VAL C 367 6.57 -72.76 10.75
CA VAL C 367 5.81 -71.70 11.43
C VAL C 367 4.67 -72.29 12.24
N ILE C 368 3.99 -73.27 11.66
CA ILE C 368 2.87 -73.93 12.32
C ILE C 368 3.36 -74.48 13.64
N GLU C 369 4.64 -74.83 13.67
CA GLU C 369 5.28 -75.39 14.85
C GLU C 369 5.60 -74.33 15.89
N ARG C 370 6.46 -73.36 15.53
CA ARG C 370 6.84 -72.33 16.48
C ARG C 370 5.67 -71.55 17.07
N LEU C 371 4.48 -71.74 16.51
CA LEU C 371 3.32 -71.04 17.02
C LEU C 371 2.42 -72.06 17.69
N ASN C 372 2.77 -73.33 17.52
CA ASN C 372 2.01 -74.40 18.13
C ASN C 372 0.54 -74.24 17.74
N LEU C 373 0.25 -74.48 16.47
CA LEU C 373 -1.10 -74.35 15.94
C LEU C 373 -1.78 -75.70 15.89
N SER C 374 -3.10 -75.70 16.05
CA SER C 374 -3.87 -76.93 15.98
C SER C 374 -4.25 -77.08 14.52
N GLU C 375 -5.17 -77.98 14.23
CA GLU C 375 -5.60 -78.18 12.86
C GLU C 375 -6.66 -77.13 12.52
N GLU C 376 -7.10 -76.39 13.54
CA GLU C 376 -8.09 -75.35 13.34
C GLU C 376 -7.44 -73.98 13.36
N ASP C 377 -6.34 -73.88 14.11
CA ASP C 377 -5.64 -72.61 14.24
C ASP C 377 -4.85 -72.22 13.00
N ALA C 378 -4.71 -70.92 12.78
CA ALA C 378 -4.01 -70.38 11.63
C ALA C 378 -3.05 -69.27 12.02
N PHE C 379 -2.29 -68.78 11.05
CA PHE C 379 -1.35 -67.69 11.31
C PHE C 379 -1.41 -66.64 10.20
N VAL C 380 -0.72 -65.51 10.42
CA VAL C 380 -0.68 -64.42 9.45
C VAL C 380 0.67 -63.73 9.55
N LEU C 381 1.38 -63.65 8.42
CA LEU C 381 2.68 -63.02 8.43
C LEU C 381 2.66 -61.60 7.92
N VAL C 382 3.78 -60.93 8.15
CA VAL C 382 4.05 -59.58 7.71
C VAL C 382 5.56 -59.45 7.70
N ALA C 383 6.11 -58.99 6.59
CA ALA C 383 7.54 -58.81 6.46
C ALA C 383 7.80 -57.34 6.26
N ALA C 384 8.37 -56.69 7.27
CA ALA C 384 8.69 -55.26 7.18
C ALA C 384 9.57 -54.88 8.35
N GLU C 385 9.85 -53.60 8.52
CA GLU C 385 10.66 -53.19 9.65
C GLU C 385 9.88 -53.65 10.87
N GLU C 386 10.59 -54.04 11.93
CA GLU C 386 9.95 -54.54 13.14
C GLU C 386 8.71 -53.79 13.63
N GLU C 387 8.81 -52.47 13.78
CA GLU C 387 7.66 -51.69 14.24
C GLU C 387 6.50 -51.68 13.24
N LYS C 388 6.77 -51.28 12.00
CA LYS C 388 5.73 -51.26 10.98
C LYS C 388 5.03 -52.61 10.99
N ALA C 389 5.82 -53.67 11.00
CA ALA C 389 5.28 -55.03 11.00
C ALA C 389 4.29 -55.23 12.15
N LYS C 390 4.62 -54.70 13.32
CA LYS C 390 3.77 -54.85 14.49
C LYS C 390 2.46 -54.11 14.29
N ASN C 391 2.56 -52.82 13.97
CA ASN C 391 1.38 -52.02 13.73
C ASN C 391 0.45 -52.67 12.72
N ALA C 392 1.02 -53.31 11.71
CA ALA C 392 0.21 -53.97 10.70
C ALA C 392 -0.48 -55.18 11.32
N LEU C 393 0.30 -55.99 12.03
CA LEU C 393 -0.24 -57.18 12.67
C LEU C 393 -1.26 -56.80 13.73
N ARG C 394 -1.15 -55.58 14.24
CA ARG C 394 -2.10 -55.08 15.22
C ARG C 394 -3.38 -54.86 14.43
N GLU C 395 -3.27 -54.06 13.38
CA GLU C 395 -4.39 -53.77 12.51
C GLU C 395 -5.07 -55.06 12.03
N VAL C 396 -4.28 -56.12 11.81
CA VAL C 396 -4.87 -57.38 11.39
C VAL C 396 -5.63 -58.02 12.55
N ILE C 397 -5.07 -57.94 13.76
CA ILE C 397 -5.67 -58.52 14.95
C ILE C 397 -7.02 -57.86 15.22
N LYS C 398 -7.02 -56.53 15.16
CA LYS C 398 -8.25 -55.79 15.38
C LYS C 398 -9.33 -56.36 14.46
N ARG C 399 -8.97 -56.59 13.18
CA ARG C 399 -9.91 -57.11 12.20
C ARG C 399 -10.32 -58.56 12.48
N ALA C 400 -9.36 -59.43 12.76
CA ALA C 400 -9.70 -60.82 13.05
C ALA C 400 -10.64 -60.83 14.24
N ARG C 401 -10.46 -59.87 15.12
CA ARG C 401 -11.30 -59.76 16.29
C ARG C 401 -12.70 -59.36 15.84
N GLU C 402 -12.78 -58.23 15.16
CA GLU C 402 -14.05 -57.73 14.63
C GLU C 402 -14.80 -58.81 13.88
N ALA C 403 -14.03 -59.69 13.22
CA ALA C 403 -14.58 -60.79 12.41
C ALA C 403 -15.39 -61.82 13.20
N ILE C 404 -15.04 -62.05 14.45
CA ILE C 404 -15.77 -63.01 15.25
C ILE C 404 -17.09 -62.34 15.67
N GLU C 405 -17.09 -61.01 15.79
CA GLU C 405 -18.29 -60.29 16.16
C GLU C 405 -19.26 -60.28 14.98
N GLY C 406 -18.83 -59.71 13.86
CA GLY C 406 -19.66 -59.64 12.67
C GLY C 406 -19.15 -58.70 11.59
N VAL C 407 -20.05 -57.83 11.11
CA VAL C 407 -19.67 -56.90 10.06
C VAL C 407 -19.24 -55.55 10.63
N PRO C 408 -17.94 -55.26 10.55
CA PRO C 408 -17.41 -53.99 11.06
C PRO C 408 -18.01 -52.81 10.34
N GLU C 409 -18.41 -51.78 11.09
CA GLU C 409 -18.94 -50.61 10.43
C GLU C 409 -17.73 -49.90 9.86
N GLU C 410 -17.82 -49.49 8.61
CA GLU C 410 -16.70 -48.81 7.96
C GLU C 410 -17.20 -48.13 6.70
N THR C 411 -16.34 -47.35 6.07
CA THR C 411 -16.73 -46.70 4.84
C THR C 411 -15.80 -47.27 3.78
N ARG C 412 -16.37 -48.04 2.86
CA ARG C 412 -15.58 -48.66 1.81
C ARG C 412 -15.80 -47.89 0.51
N ARG C 413 -14.90 -48.06 -0.45
CA ARG C 413 -15.04 -47.39 -1.74
C ARG C 413 -15.41 -48.38 -2.81
N ALA C 414 -16.03 -47.88 -3.88
CA ALA C 414 -16.45 -48.75 -4.97
C ALA C 414 -15.32 -49.17 -5.92
N LEU C 415 -15.40 -50.39 -6.42
CA LEU C 415 -14.41 -50.91 -7.35
C LEU C 415 -15.04 -51.15 -8.72
N PRO C 416 -14.23 -51.17 -9.78
CA PRO C 416 -14.77 -51.40 -11.12
C PRO C 416 -15.38 -52.79 -11.18
N ASP C 417 -15.09 -53.60 -10.17
CA ASP C 417 -15.59 -54.96 -10.05
C ASP C 417 -17.04 -54.97 -9.64
N GLY C 418 -17.42 -54.00 -8.83
CA GLY C 418 -18.76 -53.94 -8.30
C GLY C 418 -18.56 -54.32 -6.85
N ASN C 419 -17.30 -54.55 -6.52
CA ASN C 419 -16.88 -54.90 -5.19
C ASN C 419 -16.48 -53.66 -4.44
N THR C 420 -16.33 -53.84 -3.14
CA THR C 420 -15.93 -52.76 -2.27
C THR C 420 -14.56 -53.05 -1.69
N GLU C 421 -13.98 -52.03 -1.10
CA GLU C 421 -12.65 -52.11 -0.51
C GLU C 421 -12.62 -51.22 0.73
N TYR C 422 -12.07 -51.70 1.83
CA TYR C 422 -12.02 -50.85 3.01
C TYR C 422 -11.38 -49.53 2.61
N MET C 423 -11.85 -48.43 3.20
CA MET C 423 -11.32 -47.12 2.88
C MET C 423 -10.92 -46.33 4.14
N ARG C 424 -11.84 -46.23 5.10
CA ARG C 424 -11.60 -45.51 6.35
C ARG C 424 -12.75 -45.86 7.29
N PRO C 425 -12.72 -45.36 8.53
CA PRO C 425 -13.82 -45.68 9.46
C PRO C 425 -14.96 -44.67 9.28
N LEU C 426 -16.19 -45.07 9.61
CA LEU C 426 -17.32 -44.15 9.46
C LEU C 426 -16.99 -42.81 10.10
N PRO C 427 -17.40 -41.71 9.46
CA PRO C 427 -17.13 -40.37 9.99
C PRO C 427 -18.02 -40.10 11.20
N GLY C 428 -17.52 -39.28 12.13
CA GLY C 428 -18.30 -38.98 13.32
C GLY C 428 -19.36 -37.93 13.06
N LYS C 429 -20.27 -37.78 14.01
CA LYS C 429 -21.35 -36.79 13.88
C LYS C 429 -20.71 -35.42 13.77
N ALA C 430 -21.27 -34.57 12.91
CA ALA C 430 -20.72 -33.23 12.70
C ALA C 430 -21.25 -32.22 13.70
N ARG C 431 -20.41 -31.25 14.05
CA ARG C 431 -20.83 -30.20 14.97
C ARG C 431 -21.30 -29.00 14.14
N MET C 432 -22.49 -28.50 14.43
CA MET C 432 -23.05 -27.38 13.69
C MET C 432 -23.45 -26.22 14.59
N TYR C 433 -23.44 -25.01 14.04
CA TYR C 433 -23.87 -23.86 14.80
C TYR C 433 -24.15 -22.64 13.91
N PRO C 434 -25.25 -21.94 14.20
CA PRO C 434 -25.76 -20.74 13.51
C PRO C 434 -24.79 -19.85 12.76
N GLU C 435 -25.00 -19.69 11.46
CA GLU C 435 -24.18 -18.82 10.65
C GLU C 435 -24.89 -17.46 10.80
N THR C 436 -24.57 -16.75 11.87
CA THR C 436 -25.22 -15.47 12.15
C THR C 436 -24.92 -14.32 11.21
N ASP C 437 -24.00 -14.53 10.27
CA ASP C 437 -23.64 -13.46 9.31
C ASP C 437 -24.67 -13.27 8.22
N ILE C 438 -25.34 -14.36 7.86
CA ILE C 438 -26.35 -14.33 6.82
C ILE C 438 -27.73 -14.29 7.47
N PRO C 439 -28.53 -13.26 7.16
CA PRO C 439 -29.88 -13.08 7.70
C PRO C 439 -30.76 -14.23 7.25
N PRO C 440 -31.83 -14.51 8.00
CA PRO C 440 -32.72 -15.60 7.60
C PRO C 440 -33.33 -15.22 6.27
N LEU C 441 -33.56 -16.19 5.39
CA LEU C 441 -34.15 -15.83 4.10
C LEU C 441 -35.58 -16.31 4.04
N ARG C 442 -36.51 -15.36 3.96
CA ARG C 442 -37.92 -15.70 3.89
C ARG C 442 -38.28 -16.04 2.45
N ILE C 443 -38.89 -17.20 2.26
CA ILE C 443 -39.32 -17.65 0.94
C ILE C 443 -40.81 -17.36 0.80
N PRO C 444 -41.15 -16.30 0.06
CA PRO C 444 -42.52 -15.85 -0.19
C PRO C 444 -43.40 -16.94 -0.81
N ASP C 445 -44.67 -16.98 -0.41
CA ASP C 445 -45.58 -17.99 -0.95
C ASP C 445 -45.79 -17.78 -2.45
N ASP C 446 -45.61 -16.54 -2.91
CA ASP C 446 -45.78 -16.23 -4.31
C ASP C 446 -44.62 -16.76 -5.13
N LEU C 447 -43.41 -16.74 -4.54
CA LEU C 447 -42.22 -17.25 -5.22
C LEU C 447 -42.29 -18.77 -5.35
N LYS C 448 -42.70 -19.44 -4.27
CA LYS C 448 -42.81 -20.89 -4.28
C LYS C 448 -43.76 -21.32 -5.39
N LYS C 449 -44.90 -20.63 -5.48
CA LYS C 449 -45.89 -20.92 -6.50
C LYS C 449 -45.39 -20.56 -7.89
N LYS C 450 -44.85 -19.34 -8.02
CA LYS C 450 -44.35 -18.89 -9.32
C LYS C 450 -43.25 -19.83 -9.83
N ILE C 451 -42.69 -20.63 -8.94
CA ILE C 451 -41.64 -21.56 -9.30
C ILE C 451 -42.23 -22.97 -9.49
N LYS C 452 -43.05 -23.37 -8.53
CA LYS C 452 -43.69 -24.67 -8.54
C LYS C 452 -44.51 -24.99 -9.79
N GLU C 453 -44.94 -23.95 -10.50
CA GLU C 453 -45.75 -24.14 -11.71
C GLU C 453 -44.92 -24.26 -12.97
N ASN C 454 -43.78 -23.60 -13.00
CA ASN C 454 -42.94 -23.63 -14.19
C ASN C 454 -41.79 -24.62 -14.13
N LEU C 455 -42.06 -25.78 -13.55
CA LEU C 455 -41.03 -26.82 -13.42
C LEU C 455 -40.67 -27.38 -14.79
N PRO C 456 -39.37 -27.59 -15.04
CA PRO C 456 -38.87 -28.12 -16.31
C PRO C 456 -39.37 -29.54 -16.51
N GLU C 457 -39.36 -30.02 -17.74
CA GLU C 457 -39.83 -31.37 -18.01
C GLU C 457 -38.65 -32.32 -17.95
N LEU C 458 -38.82 -33.42 -17.24
CA LEU C 458 -37.75 -34.39 -17.11
C LEU C 458 -37.28 -34.82 -18.50
N PRO C 459 -36.03 -35.29 -18.59
CA PRO C 459 -35.44 -35.74 -19.85
C PRO C 459 -36.22 -36.87 -20.50
N GLN C 460 -36.62 -37.85 -19.70
CA GLN C 460 -37.37 -38.97 -20.24
C GLN C 460 -38.74 -38.53 -20.69
N ALA C 461 -39.39 -37.68 -19.90
CA ALA C 461 -40.70 -37.18 -20.27
C ALA C 461 -40.59 -36.59 -21.68
N LYS C 462 -39.41 -36.08 -22.03
CA LYS C 462 -39.19 -35.51 -23.35
C LYS C 462 -39.12 -36.63 -24.37
N VAL C 463 -38.19 -37.55 -24.16
CA VAL C 463 -38.04 -38.67 -25.08
C VAL C 463 -39.41 -39.28 -25.42
N GLU C 464 -40.24 -39.42 -24.40
CA GLU C 464 -41.58 -39.99 -24.58
C GLU C 464 -42.46 -39.10 -25.43
N ARG C 465 -42.38 -37.79 -25.22
CA ARG C 465 -43.20 -36.88 -26.00
C ARG C 465 -42.75 -36.92 -27.46
N TYR C 466 -41.44 -36.85 -27.68
CA TYR C 466 -40.91 -36.89 -29.02
C TYR C 466 -41.53 -38.06 -29.75
N VAL C 467 -41.68 -39.19 -29.07
CA VAL C 467 -42.26 -40.39 -29.66
C VAL C 467 -43.76 -40.27 -29.92
N LYS C 468 -44.48 -39.56 -29.06
CA LYS C 468 -45.92 -39.38 -29.25
C LYS C 468 -46.15 -38.23 -30.22
N GLU C 469 -46.18 -37.02 -29.68
CA GLU C 469 -46.40 -35.82 -30.49
C GLU C 469 -45.65 -35.78 -31.83
N TYR C 470 -44.33 -35.77 -31.77
CA TYR C 470 -43.49 -35.69 -32.95
C TYR C 470 -43.29 -36.97 -33.75
N LYS C 471 -43.74 -38.09 -33.19
CA LYS C 471 -43.64 -39.38 -33.87
C LYS C 471 -42.25 -39.91 -34.20
N LEU C 472 -41.21 -39.10 -34.05
CA LEU C 472 -39.86 -39.58 -34.38
C LEU C 472 -39.56 -40.91 -33.71
N ASP C 473 -38.69 -41.68 -34.34
CA ASP C 473 -38.31 -43.00 -33.82
C ASP C 473 -37.65 -42.89 -32.46
N ARG C 474 -37.94 -43.87 -31.58
CA ARG C 474 -37.39 -43.88 -30.24
C ARG C 474 -35.87 -43.73 -30.21
N SER C 475 -35.17 -44.65 -30.86
CA SER C 475 -33.72 -44.58 -30.89
C SER C 475 -33.29 -43.12 -31.11
N LEU C 476 -33.99 -42.42 -32.01
CA LEU C 476 -33.67 -41.02 -32.28
C LEU C 476 -34.00 -40.15 -31.07
N ALA C 477 -35.19 -40.35 -30.50
CA ALA C 477 -35.64 -39.60 -29.35
C ALA C 477 -34.65 -39.70 -28.19
N GLN C 478 -34.37 -40.93 -27.76
CA GLN C 478 -33.43 -41.17 -26.66
C GLN C 478 -32.04 -40.62 -26.93
N THR C 479 -31.43 -41.08 -28.01
CA THR C 479 -30.09 -40.63 -28.35
C THR C 479 -29.98 -39.11 -28.32
N LEU C 480 -31.05 -38.42 -28.69
CA LEU C 480 -31.03 -36.96 -28.66
C LEU C 480 -30.87 -36.51 -27.21
N VAL C 481 -31.54 -37.22 -26.31
CA VAL C 481 -31.50 -36.91 -24.89
C VAL C 481 -30.27 -37.49 -24.19
N ASP C 482 -30.04 -38.79 -24.38
CA ASP C 482 -28.90 -39.47 -23.76
C ASP C 482 -27.54 -38.89 -24.14
N ASP C 483 -27.48 -38.12 -25.22
CA ASP C 483 -26.23 -37.52 -25.63
C ASP C 483 -26.31 -36.00 -25.53
N GLU C 484 -27.06 -35.54 -24.54
CA GLU C 484 -27.24 -34.12 -24.27
C GLU C 484 -27.56 -33.24 -25.47
N ARG C 485 -27.76 -33.86 -26.62
CA ARG C 485 -28.06 -33.10 -27.83
C ARG C 485 -29.55 -32.73 -27.88
N ASP C 486 -30.25 -32.97 -26.78
CA ASP C 486 -31.69 -32.69 -26.70
C ASP C 486 -32.00 -31.19 -26.70
N GLU C 487 -31.08 -30.39 -26.20
CA GLU C 487 -31.27 -28.94 -26.16
C GLU C 487 -31.34 -28.41 -27.58
N LEU C 488 -30.27 -28.63 -28.34
CA LEU C 488 -30.18 -28.20 -29.73
C LEU C 488 -31.39 -28.66 -30.53
N PHE C 489 -31.69 -29.95 -30.44
CA PHE C 489 -32.83 -30.54 -31.16
C PHE C 489 -34.09 -29.71 -31.02
N GLU C 490 -34.41 -29.35 -29.79
CA GLU C 490 -35.59 -28.55 -29.51
C GLU C 490 -35.53 -27.23 -30.27
N GLU C 491 -34.31 -26.71 -30.42
CA GLU C 491 -34.08 -25.45 -31.11
C GLU C 491 -34.49 -25.50 -32.59
N LEU C 492 -34.05 -26.54 -33.30
CA LEU C 492 -34.37 -26.69 -34.71
C LEU C 492 -35.88 -26.61 -34.97
N VAL C 493 -36.63 -27.48 -34.30
CA VAL C 493 -38.07 -27.53 -34.44
C VAL C 493 -38.80 -26.24 -34.09
N SER C 494 -38.35 -25.54 -33.06
CA SER C 494 -38.99 -24.29 -32.62
C SER C 494 -39.25 -23.41 -33.83
N MET C 495 -38.42 -23.59 -34.86
CA MET C 495 -38.60 -22.80 -36.06
C MET C 495 -39.73 -23.33 -36.93
N GLY C 496 -40.57 -24.21 -36.37
CA GLY C 496 -41.67 -24.82 -37.11
C GLY C 496 -41.07 -25.63 -38.24
N VAL C 497 -39.75 -25.70 -38.18
CA VAL C 497 -38.91 -26.39 -39.15
C VAL C 497 -38.81 -27.91 -39.11
N LYS C 498 -37.72 -28.41 -39.68
CA LYS C 498 -37.41 -29.84 -39.79
C LYS C 498 -38.28 -30.73 -38.90
N PRO C 499 -39.53 -30.95 -39.30
CA PRO C 499 -40.51 -31.77 -38.55
C PRO C 499 -40.03 -32.52 -37.32
N SER C 500 -39.09 -33.43 -37.52
CA SER C 500 -38.52 -34.22 -36.43
C SER C 500 -37.49 -35.19 -37.02
N LEU C 501 -37.92 -36.01 -37.97
CA LEU C 501 -37.08 -36.99 -38.64
C LEU C 501 -35.80 -36.36 -39.19
N ALA C 502 -35.97 -35.33 -40.02
CA ALA C 502 -34.84 -34.62 -40.60
C ALA C 502 -33.91 -34.25 -39.45
N ALA C 503 -34.39 -33.38 -38.55
CA ALA C 503 -33.60 -32.94 -37.41
C ALA C 503 -32.99 -34.13 -36.65
N SER C 504 -33.84 -34.96 -36.07
CA SER C 504 -33.40 -36.13 -35.32
C SER C 504 -32.30 -36.91 -36.04
N ILE C 505 -32.63 -37.46 -37.21
CA ILE C 505 -31.68 -38.25 -37.99
C ILE C 505 -30.34 -37.54 -38.24
N LEU C 506 -30.40 -36.34 -38.81
CA LEU C 506 -29.18 -35.58 -39.10
C LEU C 506 -28.25 -35.56 -37.89
N VAL C 507 -28.80 -35.26 -36.72
CA VAL C 507 -28.02 -35.19 -35.49
C VAL C 507 -27.51 -36.56 -35.03
N VAL C 508 -28.33 -37.27 -34.26
CA VAL C 508 -27.99 -38.59 -33.73
C VAL C 508 -27.23 -39.54 -34.66
N VAL C 509 -27.62 -39.57 -35.94
CA VAL C 509 -26.98 -40.47 -36.90
C VAL C 509 -25.93 -39.83 -37.85
N LEU C 510 -26.37 -38.89 -38.67
CA LEU C 510 -25.46 -38.24 -39.63
C LEU C 510 -24.16 -37.73 -38.98
N LYS C 511 -24.29 -36.86 -37.99
CA LYS C 511 -23.11 -36.33 -37.30
C LYS C 511 -22.59 -37.35 -36.29
N GLY C 512 -22.19 -38.51 -36.77
CA GLY C 512 -21.67 -39.57 -35.90
C GLY C 512 -20.99 -40.67 -36.73
N THR D 5 58.27 42.30 -0.53
CA THR D 5 58.78 42.21 -1.93
C THR D 5 57.80 41.49 -2.85
N ASP D 6 57.28 42.20 -3.85
CA ASP D 6 56.32 41.62 -4.78
C ASP D 6 56.94 41.29 -6.15
N LYS D 7 56.25 40.46 -6.92
CA LYS D 7 56.71 40.06 -8.24
C LYS D 7 56.39 41.17 -9.23
N PHE D 8 55.25 41.82 -9.04
CA PHE D 8 54.81 42.90 -9.92
C PHE D 8 54.34 44.09 -9.09
N ASN D 9 54.23 45.24 -9.74
CA ASN D 9 53.76 46.45 -9.09
C ASN D 9 52.24 46.43 -9.23
N TYR D 10 51.62 45.50 -8.51
CA TYR D 10 50.17 45.31 -8.54
C TYR D 10 49.35 46.58 -8.55
N GLU D 11 49.97 47.70 -8.19
CA GLU D 11 49.26 48.96 -8.16
C GLU D 11 49.18 49.52 -9.58
N GLU D 12 50.21 49.27 -10.39
CA GLU D 12 50.23 49.74 -11.77
C GLU D 12 49.18 48.95 -12.54
N LEU D 13 49.35 47.63 -12.57
CA LEU D 13 48.43 46.74 -13.25
C LEU D 13 47.06 46.95 -12.60
N GLY D 14 45.99 46.62 -13.31
CA GLY D 14 44.67 46.79 -12.72
C GLY D 14 44.27 45.58 -11.90
N LEU D 15 45.04 45.25 -10.87
CA LEU D 15 44.74 44.09 -10.04
C LEU D 15 43.44 44.23 -9.29
N LYS D 16 42.48 43.40 -9.66
CA LYS D 16 41.19 43.37 -9.02
C LYS D 16 40.97 41.91 -8.67
N VAL D 17 40.88 41.62 -7.38
CA VAL D 17 40.65 40.24 -6.97
C VAL D 17 39.35 40.17 -6.18
N GLY D 18 38.54 39.17 -6.50
CA GLY D 18 37.28 38.98 -5.82
C GLY D 18 37.39 37.63 -5.13
N LEU D 19 36.54 37.38 -4.14
CA LEU D 19 36.64 36.12 -3.44
C LEU D 19 35.25 35.62 -3.03
N GLU D 20 35.02 34.32 -3.20
CA GLU D 20 33.75 33.71 -2.85
C GLU D 20 33.96 32.39 -2.14
N ILE D 21 33.34 32.25 -0.97
CA ILE D 21 33.51 31.05 -0.16
C ILE D 21 32.19 30.37 0.23
N HIS D 22 32.14 29.05 0.04
CA HIS D 22 30.97 28.24 0.39
C HIS D 22 31.41 27.25 1.46
N ARG D 23 30.57 27.01 2.46
CA ARG D 23 30.92 26.07 3.52
C ARG D 23 29.69 25.39 4.12
N GLN D 24 29.76 24.07 4.32
CA GLN D 24 28.62 23.35 4.89
C GLN D 24 28.52 23.67 6.37
N LEU D 25 27.30 23.88 6.86
CA LEU D 25 27.10 24.16 8.28
C LEU D 25 26.74 22.84 8.92
N ASP D 26 27.10 22.65 10.20
CA ASP D 26 26.78 21.40 10.85
C ASP D 26 25.48 21.50 11.62
N THR D 27 24.39 21.61 10.86
CA THR D 27 23.07 21.69 11.44
C THR D 27 22.29 20.60 10.72
N LYS D 28 20.97 20.67 10.78
CA LYS D 28 20.16 19.67 10.08
C LYS D 28 19.97 20.24 8.68
N LYS D 29 19.33 19.49 7.78
CA LYS D 29 19.12 20.00 6.44
C LYS D 29 18.30 21.30 6.48
N LEU D 30 18.74 22.26 5.67
CA LEU D 30 18.14 23.60 5.62
C LEU D 30 16.61 23.75 5.49
N PHE D 31 15.94 22.77 4.88
CA PHE D 31 14.50 22.85 4.74
C PHE D 31 13.78 21.57 5.07
N SER D 32 14.28 20.91 6.12
CA SER D 32 13.72 19.67 6.62
C SER D 32 14.61 19.16 7.76
N PRO D 33 13.99 18.86 8.92
CA PRO D 33 14.61 18.36 10.17
C PRO D 33 15.45 17.11 9.90
N VAL D 34 16.33 17.18 8.90
CA VAL D 34 17.11 16.02 8.57
C VAL D 34 18.59 16.10 8.90
N PRO D 35 19.14 15.00 9.45
CA PRO D 35 20.54 14.82 9.85
C PRO D 35 21.46 14.94 8.65
N SER D 36 22.37 15.91 8.66
CA SER D 36 23.28 16.08 7.55
C SER D 36 24.32 14.97 7.49
N GLU D 37 23.87 13.76 7.76
CA GLU D 37 24.74 12.58 7.72
C GLU D 37 24.87 12.07 6.29
N LEU D 38 26.09 11.87 5.83
CA LEU D 38 26.22 11.30 4.50
C LEU D 38 26.06 9.82 4.79
N SER D 39 25.89 9.02 3.76
CA SER D 39 25.74 7.58 3.93
C SER D 39 26.04 6.93 2.60
N ASP D 40 26.66 5.75 2.64
CA ASP D 40 26.97 5.06 1.40
C ASP D 40 26.01 3.92 1.23
N LYS D 41 25.01 3.86 2.11
CA LYS D 41 24.01 2.82 2.04
C LYS D 41 22.83 3.29 1.19
N VAL D 42 22.65 2.64 0.05
CA VAL D 42 21.58 2.95 -0.91
C VAL D 42 20.47 1.91 -0.75
N GLU D 43 19.34 2.30 -0.17
CA GLU D 43 18.26 1.35 0.06
C GLU D 43 17.15 1.37 -1.01
N PHE D 44 17.14 2.41 -1.82
CA PHE D 44 16.13 2.53 -2.88
C PHE D 44 16.49 3.63 -3.87
N THR D 45 15.94 3.53 -5.07
CA THR D 45 16.25 4.52 -6.07
C THR D 45 15.03 4.92 -6.93
N PHE D 46 14.97 6.18 -7.37
CA PHE D 46 13.86 6.63 -8.20
C PHE D 46 14.26 7.53 -9.37
N GLN D 47 13.46 7.46 -10.44
CA GLN D 47 13.69 8.18 -11.68
C GLN D 47 13.04 9.56 -11.84
N ARG D 48 13.68 10.44 -12.59
CA ARG D 48 13.15 11.79 -12.77
C ARG D 48 13.69 12.57 -13.97
N ARG D 49 12.85 13.43 -14.53
CA ARG D 49 13.24 14.29 -15.65
C ARG D 49 12.89 15.73 -15.27
N LEU D 50 13.62 16.70 -15.80
CA LEU D 50 13.34 18.10 -15.48
C LEU D 50 13.07 18.86 -16.77
N ARG D 51 12.15 19.83 -16.73
CA ARG D 51 11.81 20.57 -17.93
C ARG D 51 12.01 22.06 -17.76
N PRO D 52 12.47 22.75 -18.82
CA PRO D 52 12.71 24.20 -18.82
C PRO D 52 11.40 24.93 -18.62
N THR D 53 11.45 26.17 -18.13
CA THR D 53 10.21 26.89 -17.94
C THR D 53 10.12 28.14 -18.81
N MET D 54 8.92 28.37 -19.34
CA MET D 54 8.63 29.50 -20.22
C MET D 54 8.93 30.82 -19.54
N SER D 55 9.27 31.83 -20.33
CA SER D 55 9.57 33.15 -19.81
C SER D 55 8.33 34.05 -19.82
N GLU D 56 8.49 35.28 -19.34
CA GLU D 56 7.42 36.26 -19.28
C GLU D 56 6.65 36.18 -20.60
N LEU D 57 7.40 36.13 -21.69
CA LEU D 57 6.86 36.07 -23.02
C LEU D 57 7.23 34.80 -23.78
N GLY D 58 6.85 33.68 -23.20
CA GLY D 58 7.07 32.37 -23.80
C GLY D 58 8.38 32.02 -24.48
N GLU D 59 9.51 32.21 -23.81
CA GLU D 59 10.81 31.85 -24.38
C GLU D 59 11.49 30.83 -23.49
N ILE D 60 12.04 29.78 -24.09
CA ILE D 60 12.73 28.74 -23.34
C ILE D 60 14.21 29.05 -23.21
N ASP D 61 14.71 29.11 -21.97
CA ASP D 61 16.12 29.38 -21.74
C ASP D 61 16.95 28.40 -22.56
N PRO D 62 17.80 28.92 -23.47
CA PRO D 62 18.67 28.13 -24.35
C PRO D 62 19.54 27.07 -23.66
N ALA D 63 20.28 27.48 -22.63
CA ALA D 63 21.17 26.57 -21.89
C ALA D 63 20.40 25.38 -21.32
N ALA D 64 19.15 25.63 -20.92
CA ALA D 64 18.30 24.58 -20.35
C ALA D 64 17.66 23.74 -21.46
N LEU D 65 17.25 24.40 -22.54
CA LEU D 65 16.64 23.72 -23.67
C LEU D 65 17.67 22.69 -24.14
N GLU D 66 18.92 23.13 -24.16
CA GLU D 66 20.04 22.30 -24.56
C GLU D 66 20.05 21.03 -23.73
N GLU D 67 20.18 21.18 -22.41
CA GLU D 67 20.20 20.05 -21.48
C GLU D 67 18.99 19.15 -21.72
N PHE D 68 17.87 19.79 -22.02
CA PHE D 68 16.63 19.06 -22.26
C PHE D 68 16.70 18.17 -23.49
N LYS D 69 17.14 18.75 -24.61
CA LYS D 69 17.26 18.02 -25.86
C LYS D 69 18.08 16.74 -25.67
N LYS D 70 19.14 16.84 -24.88
CA LYS D 70 20.01 15.69 -24.62
C LYS D 70 19.22 14.46 -24.20
N GLY D 71 18.05 14.68 -23.62
CA GLY D 71 17.19 13.58 -23.22
C GLY D 71 17.71 12.73 -22.07
N ARG D 72 18.33 13.38 -21.10
CA ARG D 72 18.87 12.67 -19.94
C ARG D 72 17.83 12.45 -18.88
N VAL D 73 17.97 11.35 -18.16
CA VAL D 73 17.06 11.01 -17.09
C VAL D 73 17.84 10.98 -15.77
N TYR D 74 17.30 11.60 -14.73
CA TYR D 74 17.97 11.67 -13.44
C TYR D 74 17.56 10.57 -12.46
N VAL D 75 18.56 9.81 -12.01
CA VAL D 75 18.31 8.74 -11.05
C VAL D 75 18.83 9.18 -9.70
N TYR D 76 17.99 9.05 -8.67
CA TYR D 76 18.38 9.44 -7.31
C TYR D 76 18.42 8.27 -6.36
N GLU D 77 19.49 8.20 -5.58
CA GLU D 77 19.67 7.14 -4.59
C GLU D 77 19.39 7.70 -3.21
N GLY D 78 18.70 6.92 -2.39
CA GLY D 78 18.39 7.37 -1.05
C GLY D 78 18.24 6.18 -0.13
N ASN D 79 18.30 6.42 1.19
CA ASN D 79 18.13 5.32 2.13
C ASN D 79 16.92 5.62 2.99
N TYR D 80 16.14 4.58 3.25
CA TYR D 80 14.91 4.70 4.01
C TYR D 80 14.95 5.59 5.23
N GLU D 81 16.07 5.59 5.95
CA GLU D 81 16.15 6.41 7.14
C GLU D 81 16.57 7.86 6.98
N LEU D 82 17.44 8.15 6.03
CA LEU D 82 17.92 9.53 5.83
C LEU D 82 17.30 10.33 4.68
N THR D 83 16.53 9.66 3.83
CA THR D 83 15.91 10.35 2.72
C THR D 83 14.44 10.61 3.02
N ASP D 84 14.04 11.88 2.95
CA ASP D 84 12.66 12.28 3.21
C ASP D 84 12.00 12.91 2.00
N LEU D 85 10.66 12.91 2.02
CA LEU D 85 9.86 13.47 0.92
C LEU D 85 10.25 14.90 0.53
N VAL D 86 10.68 15.71 1.49
CA VAL D 86 11.05 17.07 1.17
C VAL D 86 12.17 17.17 0.16
N TYR D 87 13.17 16.28 0.22
CA TYR D 87 14.24 16.38 -0.77
C TYR D 87 14.07 15.36 -1.87
N MET D 88 12.81 14.99 -2.04
CA MET D 88 12.38 14.07 -3.09
C MET D 88 11.39 14.91 -3.90
N ASP D 89 11.20 16.15 -3.49
CA ASP D 89 10.27 17.07 -4.15
C ASP D 89 8.88 16.44 -4.07
N GLU D 90 8.60 15.80 -2.93
CA GLU D 90 7.32 15.16 -2.71
C GLU D 90 6.57 15.72 -1.49
N GLU D 91 7.12 16.77 -0.89
CA GLU D 91 6.53 17.43 0.29
C GLU D 91 7.14 18.83 0.37
N PRO D 92 6.31 19.83 0.66
CA PRO D 92 6.83 21.20 0.76
C PRO D 92 7.96 21.38 1.77
N PRO D 93 8.91 22.27 1.46
CA PRO D 93 10.03 22.52 2.37
C PRO D 93 9.60 23.28 3.64
N ARG D 94 10.42 23.16 4.68
CA ARG D 94 10.17 23.84 5.95
C ARG D 94 11.48 24.45 6.42
N GLY D 95 11.54 25.78 6.50
CA GLY D 95 12.77 26.41 6.95
C GLY D 95 12.77 27.93 6.92
N PRO D 96 13.95 28.56 7.02
CA PRO D 96 15.25 27.88 7.15
C PRO D 96 15.40 27.29 8.55
N ASP D 97 16.24 26.25 8.66
CA ASP D 97 16.52 25.60 9.94
C ASP D 97 17.03 26.65 10.90
N ARG D 98 16.47 26.71 12.11
CA ARG D 98 16.89 27.72 13.08
C ARG D 98 18.36 27.71 13.43
N GLU D 99 18.94 26.54 13.71
CA GLU D 99 20.35 26.50 14.02
C GLU D 99 21.09 27.09 12.83
N ALA D 100 21.04 26.40 11.70
CA ALA D 100 21.68 26.88 10.49
C ALA D 100 21.50 28.39 10.31
N LEU D 101 20.29 28.89 10.57
CA LEU D 101 20.04 30.32 10.40
C LEU D 101 20.95 31.07 11.37
N GLU D 102 20.69 30.92 12.67
CA GLU D 102 21.48 31.61 13.70
C GLU D 102 22.96 31.55 13.38
N VAL D 103 23.47 30.35 13.14
CA VAL D 103 24.88 30.16 12.81
C VAL D 103 25.25 31.20 11.77
N ALA D 104 24.39 31.35 10.78
CA ALA D 104 24.61 32.30 9.70
C ALA D 104 24.67 33.72 10.25
N LEU D 105 23.69 34.05 11.09
CA LEU D 105 23.60 35.37 11.70
C LEU D 105 24.88 35.64 12.48
N GLN D 106 25.40 34.58 13.10
CA GLN D 106 26.62 34.69 13.89
C GLN D 106 27.82 34.95 12.98
N ILE D 107 27.96 34.18 11.90
CA ILE D 107 29.07 34.37 10.98
C ILE D 107 29.04 35.75 10.35
N ALA D 108 27.84 36.29 10.20
CA ALA D 108 27.65 37.61 9.62
C ALA D 108 28.27 38.72 10.47
N TYR D 109 28.04 38.68 11.78
CA TYR D 109 28.59 39.68 12.69
C TYR D 109 30.11 39.56 12.74
N LEU D 110 30.61 38.33 12.79
CA LEU D 110 32.05 38.09 12.79
C LEU D 110 32.69 38.77 11.59
N LEU D 111 31.87 39.19 10.63
CA LEU D 111 32.37 39.84 9.42
C LEU D 111 31.85 41.27 9.29
N ASN D 112 31.47 41.84 10.43
CA ASN D 112 30.98 43.22 10.50
C ASN D 112 29.84 43.49 9.53
N ALA D 113 29.16 42.43 9.10
CA ALA D 113 28.06 42.56 8.16
C ALA D 113 26.77 42.88 8.88
N LYS D 114 25.87 43.57 8.18
CA LYS D 114 24.57 43.95 8.74
C LYS D 114 23.48 42.99 8.27
N PRO D 115 22.82 42.29 9.22
CA PRO D 115 21.75 41.34 8.89
C PRO D 115 20.54 42.05 8.32
N VAL D 116 19.69 41.29 7.65
CA VAL D 116 18.48 41.84 7.04
C VAL D 116 17.35 41.79 8.06
N ASP D 117 16.39 42.70 7.95
CA ASP D 117 15.28 42.70 8.90
C ASP D 117 14.33 41.53 8.67
N GLU D 118 14.15 41.15 7.41
CA GLU D 118 13.27 40.03 7.07
C GLU D 118 13.87 39.25 5.91
N VAL D 119 13.97 37.93 6.06
CA VAL D 119 14.55 37.08 5.03
C VAL D 119 13.54 36.47 4.05
N TYR D 120 13.82 36.70 2.77
CA TYR D 120 13.01 36.17 1.68
C TYR D 120 13.83 35.15 0.92
N TYR D 121 13.29 33.95 0.75
CA TYR D 121 14.02 32.93 0.02
C TYR D 121 13.77 32.97 -1.48
N MET D 122 14.78 32.56 -2.25
CA MET D 122 14.69 32.55 -3.70
C MET D 122 14.92 31.14 -4.21
N ARG D 123 14.69 30.95 -5.52
CA ARG D 123 14.91 29.67 -6.16
C ARG D 123 15.82 29.94 -7.34
N LYS D 124 17.04 29.44 -7.28
CA LYS D 124 17.98 29.62 -8.38
C LYS D 124 17.76 28.34 -9.21
N ILE D 125 17.43 28.49 -10.48
CA ILE D 125 17.17 27.31 -11.28
C ILE D 125 18.45 26.52 -11.54
N VAL D 126 18.34 25.21 -11.52
CA VAL D 126 19.51 24.37 -11.76
C VAL D 126 19.26 23.32 -12.83
N ILE D 127 20.05 23.40 -13.89
CA ILE D 127 19.98 22.48 -15.02
C ILE D 127 20.43 21.06 -14.65
N ASP D 128 21.64 20.95 -14.12
CA ASP D 128 22.25 19.68 -13.70
C ASP D 128 21.35 18.50 -13.40
N GLY D 129 20.42 18.71 -12.48
CA GLY D 129 19.54 17.64 -12.03
C GLY D 129 20.06 17.31 -10.64
N SER D 130 21.05 18.10 -10.22
CA SER D 130 21.69 18.00 -8.91
C SER D 130 20.76 18.51 -7.83
N ASN D 131 19.67 19.13 -8.26
CA ASN D 131 18.63 19.65 -7.38
C ASN D 131 17.31 19.03 -7.82
N VAL D 132 16.82 18.07 -7.06
CA VAL D 132 15.57 17.37 -7.36
C VAL D 132 14.41 18.30 -7.69
N SER D 133 14.27 19.40 -6.95
CA SER D 133 13.18 20.33 -7.21
C SER D 133 13.44 21.17 -8.45
N GLY D 134 14.62 21.03 -9.02
CA GLY D 134 14.94 21.78 -10.21
C GLY D 134 15.57 23.10 -9.87
N PHE D 135 15.69 23.38 -8.58
CA PHE D 135 16.29 24.62 -8.13
C PHE D 135 16.89 24.52 -6.73
N GLN D 136 17.77 25.47 -6.42
CA GLN D 136 18.41 25.52 -5.12
C GLN D 136 17.78 26.68 -4.38
N ARG D 137 17.42 26.47 -3.12
CA ARG D 137 16.82 27.55 -2.35
C ARG D 137 17.92 28.40 -1.73
N THR D 138 17.93 29.69 -2.05
CA THR D 138 18.94 30.60 -1.51
C THR D 138 18.27 31.76 -0.81
N ALA D 139 19.08 32.66 -0.23
CA ALA D 139 18.54 33.82 0.47
C ALA D 139 19.66 34.70 0.99
N ILE D 140 19.47 36.01 0.85
CA ILE D 140 20.45 36.96 1.37
C ILE D 140 20.14 37.09 2.84
N ILE D 141 21.19 37.06 3.67
CA ILE D 141 21.00 37.16 5.10
C ILE D 141 21.65 38.41 5.69
N ALA D 142 22.77 38.83 5.11
CA ALA D 142 23.45 40.02 5.59
C ALA D 142 24.21 40.69 4.45
N THR D 143 24.28 42.02 4.53
CA THR D 143 24.96 42.79 3.51
C THR D 143 26.08 43.66 4.08
N ASP D 144 26.85 44.24 3.17
CA ASP D 144 27.96 45.12 3.50
C ASP D 144 28.69 44.82 4.80
N GLY D 145 29.51 43.77 4.76
CA GLY D 145 30.31 43.40 5.91
C GLY D 145 31.71 43.76 5.47
N LYS D 146 32.70 43.64 6.35
CA LYS D 146 34.06 43.97 5.92
C LYS D 146 35.13 43.20 6.65
N VAL D 147 36.30 43.16 6.05
CA VAL D 147 37.43 42.45 6.63
C VAL D 147 38.63 43.40 6.57
N GLU D 148 39.02 43.94 7.73
CA GLU D 148 40.15 44.86 7.83
C GLU D 148 41.44 44.17 7.40
N THR D 149 42.26 44.87 6.63
CA THR D 149 43.52 44.30 6.18
C THR D 149 44.67 45.32 6.12
N PRO D 150 45.92 44.83 6.08
CA PRO D 150 47.12 45.67 6.02
C PRO D 150 47.08 46.65 4.84
N TRP D 151 46.58 46.18 3.71
CA TRP D 151 46.48 47.00 2.51
C TRP D 151 45.16 47.77 2.46
N GLY D 152 44.37 47.64 3.51
CA GLY D 152 43.09 48.32 3.55
C GLY D 152 41.94 47.37 3.75
N ALA D 153 40.74 47.91 3.88
CA ALA D 153 39.55 47.10 4.09
C ALA D 153 38.99 46.53 2.78
N VAL D 154 38.52 45.29 2.86
CA VAL D 154 37.92 44.60 1.73
C VAL D 154 36.46 44.32 2.15
N GLY D 155 35.51 44.72 1.32
CA GLY D 155 34.11 44.51 1.68
C GLY D 155 33.38 43.24 1.29
N ILE D 156 32.46 42.82 2.14
CA ILE D 156 31.65 41.64 1.90
C ILE D 156 30.24 42.11 1.59
N PRO D 157 29.87 42.15 0.30
CA PRO D 157 28.55 42.60 -0.15
C PRO D 157 27.42 41.67 0.29
N THR D 158 27.62 40.38 0.09
CA THR D 158 26.60 39.42 0.43
C THR D 158 27.07 38.26 1.29
N ILE D 159 26.11 37.71 2.03
CA ILE D 159 26.32 36.53 2.86
C ILE D 159 24.98 35.83 2.70
N CYS D 160 25.01 34.62 2.11
CA CYS D 160 23.78 33.88 1.87
C CYS D 160 23.76 32.51 2.54
N LEU D 161 22.55 32.07 2.86
CA LEU D 161 22.33 30.76 3.47
C LEU D 161 21.48 29.98 2.47
N GLU D 162 22.14 29.11 1.71
CA GLU D 162 21.44 28.35 0.68
C GLU D 162 21.56 26.83 0.86
N GLU D 163 21.00 26.09 -0.10
CA GLU D 163 21.03 24.64 -0.08
C GLU D 163 22.19 24.10 -0.92
N ASP D 164 22.80 23.01 -0.47
CA ASP D 164 23.89 22.38 -1.21
C ASP D 164 23.19 21.33 -2.07
N ALA D 165 23.69 21.14 -3.30
CA ALA D 165 23.11 20.17 -4.21
C ALA D 165 23.43 18.76 -3.75
N ALA D 166 23.00 17.76 -4.51
CA ALA D 166 23.29 16.38 -4.14
C ALA D 166 24.62 15.91 -4.75
N ARG D 167 25.09 14.75 -4.29
CA ARG D 167 26.34 14.17 -4.74
C ARG D 167 26.24 13.44 -6.09
N ILE D 168 27.09 13.78 -7.03
CA ILE D 168 27.08 13.08 -8.29
C ILE D 168 27.70 11.72 -8.01
N ILE D 169 27.21 10.67 -8.66
CA ILE D 169 27.73 9.34 -8.42
C ILE D 169 28.27 8.74 -9.70
N GLU D 170 27.57 8.98 -10.80
CA GLU D 170 27.98 8.46 -12.09
C GLU D 170 27.31 9.25 -13.19
N ARG D 171 28.05 9.55 -14.25
CA ARG D 171 27.52 10.32 -15.37
C ARG D 171 27.31 9.48 -16.64
N LYS D 172 26.59 8.37 -16.53
CA LYS D 172 26.32 7.55 -17.71
C LYS D 172 25.69 8.47 -18.76
N ASP D 173 25.66 8.05 -20.01
CA ASP D 173 25.08 8.90 -21.04
C ASP D 173 23.55 8.81 -21.00
N LYS D 174 22.90 9.97 -21.09
CA LYS D 174 21.44 10.03 -21.06
C LYS D 174 20.90 9.56 -19.70
N GLU D 175 21.77 9.57 -18.69
CA GLU D 175 21.36 9.16 -17.35
C GLU D 175 22.40 9.54 -16.33
N VAL D 176 22.04 10.44 -15.43
CA VAL D 176 22.94 10.87 -14.38
C VAL D 176 22.44 10.38 -13.03
N ILE D 177 23.34 9.78 -12.25
CA ILE D 177 22.97 9.28 -10.93
C ILE D 177 23.45 10.24 -9.83
N TYR D 178 22.56 10.52 -8.86
CA TYR D 178 22.88 11.42 -7.75
C TYR D 178 22.47 10.80 -6.41
N ARG D 179 23.22 11.13 -5.36
CA ARG D 179 22.89 10.62 -4.04
C ARG D 179 22.30 11.77 -3.27
N LEU D 180 21.15 11.50 -2.68
CA LEU D 180 20.44 12.52 -1.96
C LEU D 180 21.01 12.97 -0.63
N ASP D 181 21.62 12.07 0.14
CA ASP D 181 22.13 12.49 1.45
C ASP D 181 22.72 13.88 1.48
N ARG D 182 23.52 14.23 0.49
CA ARG D 182 24.13 15.55 0.51
C ARG D 182 23.17 16.68 0.28
N LEU D 183 22.17 16.44 -0.54
CA LEU D 183 21.17 17.46 -0.87
C LEU D 183 20.45 18.00 0.36
N GLY D 184 20.43 19.33 0.45
CA GLY D 184 19.77 19.99 1.56
C GLY D 184 20.67 20.41 2.71
N ILE D 185 21.91 19.91 2.74
CA ILE D 185 22.83 20.29 3.81
C ILE D 185 23.02 21.79 3.66
N PRO D 186 22.93 22.55 4.76
CA PRO D 186 23.09 24.00 4.71
C PRO D 186 24.42 24.41 4.13
N LEU D 187 24.42 25.57 3.48
CA LEU D 187 25.62 26.10 2.85
C LEU D 187 25.70 27.58 3.16
N ILE D 188 26.89 28.05 3.52
CA ILE D 188 27.07 29.46 3.82
C ILE D 188 27.93 30.04 2.71
N GLU D 189 27.43 31.07 2.03
CA GLU D 189 28.16 31.70 0.95
C GLU D 189 28.54 33.13 1.27
N ILE D 190 29.83 33.38 1.21
CA ILE D 190 30.37 34.70 1.50
C ILE D 190 31.07 35.16 0.22
N SER D 191 30.77 36.37 -0.20
CA SER D 191 31.40 36.90 -1.39
C SER D 191 32.05 38.24 -1.07
N THR D 192 33.30 38.37 -1.51
CA THR D 192 34.10 39.56 -1.30
C THR D 192 33.71 40.61 -2.34
N THR D 193 34.64 41.44 -2.74
CA THR D 193 34.40 42.45 -3.74
C THR D 193 35.67 42.46 -4.56
N PRO D 194 35.55 42.64 -5.87
CA PRO D 194 36.76 42.66 -6.72
C PRO D 194 37.72 43.81 -6.41
N ASP D 195 37.50 44.48 -5.28
CA ASP D 195 38.34 45.61 -4.88
C ASP D 195 39.71 45.16 -4.34
N ILE D 196 39.83 43.90 -3.93
CA ILE D 196 41.10 43.39 -3.41
C ILE D 196 42.20 43.64 -4.43
N HIS D 197 43.22 44.38 -4.01
CA HIS D 197 44.32 44.73 -4.88
C HIS D 197 45.70 44.17 -4.50
N HIS D 198 45.73 42.99 -3.88
CA HIS D 198 46.99 42.35 -3.52
C HIS D 198 46.84 40.88 -3.17
N PRO D 199 47.75 40.03 -3.69
CA PRO D 199 47.79 38.58 -3.49
C PRO D 199 47.81 38.13 -2.04
N GLU D 200 48.54 38.85 -1.20
CA GLU D 200 48.60 38.51 0.23
C GLU D 200 47.36 39.07 0.91
N GLN D 201 46.81 40.16 0.36
CA GLN D 201 45.60 40.77 0.91
C GLN D 201 44.46 39.78 0.79
N ALA D 202 44.48 38.99 -0.29
CA ALA D 202 43.45 37.99 -0.51
C ALA D 202 43.58 36.92 0.55
N LYS D 203 44.79 36.39 0.73
CA LYS D 203 45.03 35.36 1.72
C LYS D 203 44.55 35.82 3.09
N VAL D 204 44.72 37.11 3.38
CA VAL D 204 44.29 37.66 4.65
C VAL D 204 42.78 37.49 4.78
N VAL D 205 42.04 38.18 3.90
CA VAL D 205 40.58 38.12 3.89
C VAL D 205 40.12 36.67 3.86
N ALA D 206 40.75 35.88 3.00
CA ALA D 206 40.41 34.47 2.88
C ALA D 206 40.59 33.76 4.22
N LYS D 207 41.76 33.94 4.83
CA LYS D 207 42.05 33.31 6.11
C LYS D 207 41.07 33.75 7.18
N PHE D 208 40.98 35.06 7.40
CA PHE D 208 40.07 35.59 8.41
C PHE D 208 38.70 34.95 8.35
N ILE D 209 38.02 35.08 7.21
CA ILE D 209 36.71 34.47 7.04
C ILE D 209 36.81 33.04 7.52
N GLY D 210 37.84 32.36 7.04
CA GLY D 210 38.06 30.97 7.42
C GLY D 210 38.03 30.77 8.93
N ASP D 211 38.66 31.69 9.66
CA ASP D 211 38.71 31.61 11.12
C ASP D 211 37.33 31.89 11.69
N ALA D 212 36.68 32.94 11.19
CA ALA D 212 35.34 33.33 11.62
C ALA D 212 34.37 32.14 11.55
N LEU D 213 34.49 31.33 10.52
CA LEU D 213 33.62 30.16 10.36
C LEU D 213 33.99 29.10 11.38
N ARG D 214 35.28 28.97 11.67
CA ARG D 214 35.75 27.99 12.64
C ARG D 214 35.27 28.41 14.04
N ALA D 215 35.30 29.71 14.29
CA ALA D 215 34.87 30.28 15.56
C ALA D 215 33.49 29.80 15.99
N THR D 216 32.61 29.58 15.02
CA THR D 216 31.24 29.15 15.30
C THR D 216 31.23 27.72 15.81
N LYS D 217 32.39 27.08 15.69
CA LYS D 217 32.56 25.69 16.11
C LYS D 217 31.29 24.87 15.85
N LYS D 218 30.62 25.22 14.76
CA LYS D 218 29.40 24.55 14.33
C LYS D 218 29.39 24.53 12.79
N VAL D 219 30.58 24.28 12.24
CA VAL D 219 30.82 24.19 10.79
C VAL D 219 31.43 22.83 10.49
N LYS D 220 31.27 22.35 9.27
CA LYS D 220 31.81 21.06 8.92
C LYS D 220 33.26 21.13 8.52
N ARG D 221 34.06 20.27 9.14
CA ARG D 221 35.50 20.20 8.86
C ARG D 221 35.65 18.97 8.00
N GLY D 222 35.24 19.09 6.74
CA GLY D 222 35.35 17.94 5.87
C GLY D 222 36.31 18.12 4.73
N LEU D 223 36.55 17.03 4.02
CA LEU D 223 37.43 17.01 2.87
C LEU D 223 36.78 17.95 1.85
N GLY D 224 35.85 17.42 1.08
CA GLY D 224 35.15 18.24 0.09
C GLY D 224 34.00 18.92 0.80
N THR D 225 34.30 19.98 1.54
CA THR D 225 33.28 20.72 2.28
C THR D 225 33.51 22.22 2.25
N ILE D 226 34.72 22.62 1.87
CA ILE D 226 35.06 24.04 1.83
C ILE D 226 35.36 24.52 0.41
N ARG D 227 34.47 25.34 -0.13
CA ARG D 227 34.64 25.86 -1.47
C ARG D 227 35.10 27.31 -1.47
N GLN D 228 36.24 27.57 -2.09
CA GLN D 228 36.78 28.94 -2.18
C GLN D 228 37.15 29.23 -3.63
N ASP D 229 36.63 30.33 -4.16
CA ASP D 229 36.93 30.67 -5.54
C ASP D 229 37.49 32.08 -5.67
N LEU D 230 38.24 32.29 -6.75
CA LEU D 230 38.86 33.59 -7.02
C LEU D 230 38.55 34.02 -8.43
N ASN D 231 38.43 35.33 -8.63
CA ASN D 231 38.21 35.85 -9.97
C ASN D 231 39.19 37.01 -10.08
N VAL D 232 40.15 36.88 -10.99
CA VAL D 232 41.20 37.87 -11.15
C VAL D 232 41.17 38.63 -12.47
N SER D 233 41.60 39.89 -12.42
CA SER D 233 41.66 40.74 -13.61
C SER D 233 42.75 41.81 -13.47
N ILE D 234 43.16 42.36 -14.61
CA ILE D 234 44.18 43.39 -14.64
C ILE D 234 43.70 44.47 -15.62
N LYS D 235 44.28 45.67 -15.55
CA LYS D 235 43.85 46.71 -16.47
C LYS D 235 44.16 46.25 -17.87
N GLY D 236 43.15 46.23 -18.72
CA GLY D 236 43.32 45.79 -20.09
C GLY D 236 43.40 44.28 -20.15
N GLY D 237 42.89 43.62 -19.10
CA GLY D 237 42.90 42.18 -19.05
C GLY D 237 41.49 41.63 -19.15
N ALA D 238 41.11 40.75 -18.22
CA ALA D 238 39.78 40.16 -18.22
C ALA D 238 39.48 39.44 -16.91
N ARG D 239 38.20 39.42 -16.53
CA ARG D 239 37.76 38.76 -15.30
C ARG D 239 37.78 37.25 -15.48
N ILE D 240 38.74 36.60 -14.83
CA ILE D 240 38.88 35.17 -14.93
C ILE D 240 38.50 34.48 -13.63
N GLU D 241 37.60 33.52 -13.73
CA GLU D 241 37.15 32.76 -12.58
C GLU D 241 38.06 31.57 -12.34
N ILE D 242 38.77 31.57 -11.21
CA ILE D 242 39.63 30.46 -10.87
C ILE D 242 38.86 29.64 -9.85
N LYS D 243 38.40 28.46 -10.26
CA LYS D 243 37.63 27.59 -9.39
C LYS D 243 38.47 26.52 -8.71
N GLY D 244 37.99 26.05 -7.56
CA GLY D 244 38.68 25.01 -6.82
C GLY D 244 40.09 25.28 -6.35
N VAL D 245 40.26 26.35 -5.57
CA VAL D 245 41.57 26.66 -5.03
C VAL D 245 41.72 25.86 -3.75
N GLN D 246 42.71 24.96 -3.73
CA GLN D 246 43.00 24.07 -2.60
C GLN D 246 43.20 24.70 -1.21
N GLU D 247 44.45 24.97 -0.82
CA GLU D 247 44.73 25.54 0.49
C GLU D 247 44.88 27.05 0.54
N LEU D 248 44.60 27.62 1.71
CA LEU D 248 44.68 29.05 1.94
C LEU D 248 46.03 29.66 1.58
N ASP D 249 47.09 28.86 1.69
CA ASP D 249 48.43 29.36 1.38
C ASP D 249 48.73 29.41 -0.12
N MET D 250 47.87 28.77 -0.91
CA MET D 250 48.04 28.75 -2.38
C MET D 250 47.47 30.01 -3.03
N ILE D 251 46.54 30.66 -2.33
CA ILE D 251 45.92 31.88 -2.83
C ILE D 251 46.94 32.90 -3.31
N PRO D 252 47.87 33.31 -2.43
CA PRO D 252 48.89 34.30 -2.82
C PRO D 252 49.55 34.00 -4.17
N ILE D 253 50.08 32.79 -4.32
CA ILE D 253 50.75 32.44 -5.56
C ILE D 253 49.84 32.35 -6.78
N ILE D 254 48.72 31.66 -6.62
CA ILE D 254 47.76 31.50 -7.72
C ILE D 254 47.32 32.84 -8.29
N ILE D 255 47.09 33.82 -7.43
CA ILE D 255 46.68 35.14 -7.87
C ILE D 255 47.80 35.83 -8.65
N GLU D 256 49.04 35.41 -8.41
CA GLU D 256 50.17 36.00 -9.11
C GLU D 256 50.46 35.30 -10.43
N ARG D 257 50.35 33.97 -10.45
CA ARG D 257 50.59 33.21 -11.68
C ARG D 257 49.56 33.60 -12.73
N GLU D 258 48.50 34.26 -12.26
CA GLU D 258 47.44 34.72 -13.15
C GLU D 258 47.83 36.11 -13.64
N VAL D 259 48.16 37.00 -12.72
CA VAL D 259 48.58 38.34 -13.10
C VAL D 259 49.71 38.20 -14.10
N GLU D 260 50.51 37.15 -13.91
CA GLU D 260 51.63 36.88 -14.80
C GLU D 260 51.14 36.39 -16.16
N ARG D 261 50.29 35.36 -16.17
CA ARG D 261 49.77 34.83 -17.43
C ARG D 261 49.08 35.89 -18.26
N GLN D 262 48.27 36.71 -17.60
CA GLN D 262 47.54 37.78 -18.28
C GLN D 262 48.47 38.88 -18.75
N LEU D 263 49.54 39.13 -18.00
CA LEU D 263 50.49 40.17 -18.38
C LEU D 263 51.26 39.74 -19.63
N ASN D 264 51.53 38.44 -19.75
CA ASN D 264 52.25 37.91 -20.91
C ASN D 264 51.33 37.78 -22.12
N LEU D 265 50.11 37.28 -21.91
CA LEU D 265 49.17 37.14 -23.01
C LEU D 265 49.02 38.49 -23.73
N LEU D 266 48.96 39.57 -22.96
CA LEU D 266 48.83 40.88 -23.57
C LEU D 266 50.12 41.25 -24.29
N LYS D 267 51.26 41.02 -23.64
CA LYS D 267 52.53 41.33 -24.27
C LYS D 267 52.64 40.57 -25.59
N ILE D 268 51.68 39.66 -25.82
CA ILE D 268 51.65 38.87 -27.05
C ILE D 268 50.65 39.50 -28.02
N ARG D 269 49.57 40.03 -27.46
CA ARG D 269 48.53 40.68 -28.25
C ARG D 269 49.09 41.95 -28.87
N ASP D 270 49.98 42.62 -28.15
CA ASP D 270 50.60 43.84 -28.63
C ASP D 270 51.52 43.47 -29.78
N GLU D 271 52.12 42.30 -29.66
CA GLU D 271 53.04 41.77 -30.66
C GLU D 271 52.26 41.47 -31.95
N LEU D 272 51.09 40.87 -31.79
CA LEU D 272 50.25 40.54 -32.93
C LEU D 272 49.77 41.83 -33.61
N ARG D 273 49.22 42.76 -32.84
CA ARG D 273 48.75 44.02 -33.39
C ARG D 273 49.85 44.65 -34.21
N LYS D 274 51.07 44.61 -33.70
CA LYS D 274 52.22 45.16 -34.40
C LYS D 274 52.34 44.48 -35.75
N ARG D 275 52.45 43.15 -35.73
CA ARG D 275 52.56 42.36 -36.95
C ARG D 275 51.33 42.59 -37.83
N GLY D 276 50.31 43.21 -37.24
CA GLY D 276 49.09 43.49 -37.97
C GLY D 276 48.31 42.27 -38.42
N VAL D 277 47.65 41.62 -37.49
CA VAL D 277 46.86 40.44 -37.80
C VAL D 277 45.45 40.76 -37.35
N LYS D 278 44.46 40.06 -37.89
CA LYS D 278 43.10 40.34 -37.51
C LYS D 278 42.21 39.10 -37.41
N PRO D 279 41.16 39.18 -36.59
CA PRO D 279 40.20 38.11 -36.36
C PRO D 279 39.69 37.47 -37.66
N LYS D 280 39.39 38.30 -38.65
CA LYS D 280 38.90 37.82 -39.93
C LYS D 280 40.05 37.27 -40.77
N ASP D 281 41.26 37.77 -40.50
CA ASP D 281 42.45 37.34 -41.23
C ASP D 281 42.84 35.91 -40.90
N ILE D 282 41.98 35.17 -40.21
CA ILE D 282 42.25 33.78 -39.86
C ILE D 282 41.16 32.87 -40.40
N LYS D 283 41.17 32.66 -41.72
CA LYS D 283 40.18 31.81 -42.37
C LYS D 283 40.17 30.40 -41.78
N GLU D 284 38.97 29.85 -41.58
CA GLU D 284 38.88 28.49 -41.04
C GLU D 284 38.89 27.45 -42.15
N GLU D 285 40.06 27.28 -42.76
CA GLU D 285 40.27 26.33 -43.84
C GLU D 285 41.18 25.20 -43.37
N PHE D 286 40.81 23.97 -43.71
CA PHE D 286 41.61 22.81 -43.29
C PHE D 286 42.40 22.20 -44.45
N TYR D 287 43.68 21.98 -44.24
CA TYR D 287 44.53 21.37 -45.25
C TYR D 287 44.68 19.89 -44.88
N ASP D 288 44.64 19.01 -45.87
CA ASP D 288 44.76 17.59 -45.61
C ASP D 288 46.21 17.12 -45.76
N VAL D 289 47.11 17.73 -44.98
CA VAL D 289 48.53 17.39 -45.01
C VAL D 289 48.81 15.92 -44.66
N THR D 290 47.76 15.19 -44.30
CA THR D 290 47.86 13.77 -43.91
C THR D 290 49.01 13.03 -44.59
N ASP D 291 48.94 12.95 -45.91
CA ASP D 291 49.94 12.25 -46.72
C ASP D 291 51.39 12.55 -46.33
N ILE D 292 51.72 13.82 -46.17
CA ILE D 292 53.09 14.18 -45.80
C ILE D 292 53.56 13.40 -44.57
N PHE D 293 52.61 12.80 -43.86
CA PHE D 293 52.93 12.03 -42.67
C PHE D 293 52.79 10.52 -42.88
N GLU D 294 52.43 10.11 -44.09
CA GLU D 294 52.28 8.70 -44.39
C GLU D 294 53.46 7.92 -43.79
N ASN D 295 54.65 8.50 -43.89
CA ASN D 295 55.86 7.88 -43.36
C ASN D 295 56.56 8.75 -42.32
N THR D 296 56.10 8.66 -41.07
CA THR D 296 56.68 9.44 -39.99
C THR D 296 57.05 8.57 -38.80
N LYS D 297 58.20 8.87 -38.20
CA LYS D 297 58.70 8.13 -37.06
C LYS D 297 58.05 8.63 -35.78
N SER D 298 56.83 9.16 -35.92
CA SER D 298 56.09 9.66 -34.76
C SER D 298 54.96 8.69 -34.48
N LYS D 299 55.19 7.77 -33.53
CA LYS D 299 54.19 6.77 -33.15
C LYS D 299 52.82 7.41 -33.08
N ILE D 300 52.76 8.52 -32.34
CA ILE D 300 51.55 9.29 -32.10
C ILE D 300 50.66 9.41 -33.34
N ILE D 301 51.12 10.17 -34.32
CA ILE D 301 50.36 10.37 -35.55
C ILE D 301 50.20 9.04 -36.29
N ALA D 302 51.32 8.35 -36.50
CA ALA D 302 51.33 7.07 -37.20
C ALA D 302 50.19 6.16 -36.75
N ARG D 303 49.92 6.12 -35.44
CA ARG D 303 48.85 5.29 -34.91
C ARG D 303 47.51 5.75 -35.47
N VAL D 304 47.31 7.07 -35.43
CA VAL D 304 46.08 7.68 -35.92
C VAL D 304 45.79 7.20 -37.34
N ILE D 305 46.71 7.47 -38.24
CA ILE D 305 46.55 7.09 -39.65
C ILE D 305 46.16 5.62 -39.80
N LYS D 306 47.00 4.74 -39.28
CA LYS D 306 46.78 3.29 -39.35
C LYS D 306 45.40 2.85 -38.92
N LYS D 307 44.72 3.70 -38.15
CA LYS D 307 43.38 3.39 -37.66
C LYS D 307 42.31 4.17 -38.43
N GLY D 308 42.67 4.64 -39.61
CA GLY D 308 41.73 5.39 -40.42
C GLY D 308 41.58 6.81 -39.92
N GLY D 309 42.70 7.47 -39.66
CA GLY D 309 42.68 8.83 -39.16
C GLY D 309 43.42 9.77 -40.10
N LYS D 310 42.99 11.03 -40.13
CA LYS D 310 43.60 12.02 -41.00
C LYS D 310 44.24 13.16 -40.22
N VAL D 311 45.35 13.68 -40.75
CA VAL D 311 46.07 14.77 -40.11
C VAL D 311 45.67 16.05 -40.83
N LEU D 312 45.23 17.05 -40.07
CA LEU D 312 44.83 18.33 -40.67
C LEU D 312 45.67 19.46 -40.11
N ALA D 313 45.82 20.53 -40.90
CA ALA D 313 46.62 21.69 -40.49
C ALA D 313 45.82 22.99 -40.54
N ILE D 314 46.42 24.05 -40.01
CA ILE D 314 45.77 25.37 -39.99
C ILE D 314 46.84 26.44 -40.21
N LYS D 315 46.44 27.52 -40.86
CA LYS D 315 47.36 28.60 -41.16
C LYS D 315 47.13 29.80 -40.23
N LEU D 316 48.14 30.14 -39.44
CA LEU D 316 48.04 31.26 -38.51
C LEU D 316 49.05 32.34 -38.85
N PRO D 317 48.63 33.32 -39.67
CA PRO D 317 49.45 34.45 -40.11
C PRO D 317 50.09 35.28 -39.01
N LYS D 318 51.42 35.32 -39.01
CA LYS D 318 52.18 36.10 -38.04
C LYS D 318 52.10 35.60 -36.60
N PHE D 319 51.93 34.29 -36.43
CA PHE D 319 51.85 33.71 -35.10
C PHE D 319 53.07 32.84 -34.81
N ARG D 320 54.18 33.14 -35.49
CA ARG D 320 55.41 32.38 -35.32
C ARG D 320 56.27 33.01 -34.23
N GLY D 321 56.73 32.15 -33.31
CA GLY D 321 57.55 32.62 -32.21
C GLY D 321 56.70 33.11 -31.06
N LEU D 322 55.38 33.00 -31.21
CA LEU D 322 54.47 33.44 -30.15
C LEU D 322 53.65 32.28 -29.61
N ILE D 323 53.25 31.36 -30.48
CA ILE D 323 52.47 30.21 -30.03
C ILE D 323 53.26 29.42 -29.00
N GLY D 324 54.57 29.37 -29.17
CA GLY D 324 55.42 28.65 -28.25
C GLY D 324 55.94 29.48 -27.09
N ARG D 325 55.54 30.74 -27.04
CA ARG D 325 55.99 31.61 -25.95
C ARG D 325 55.35 31.21 -24.62
N GLU D 326 56.17 31.19 -23.57
CA GLU D 326 55.71 30.83 -22.25
C GLU D 326 55.00 31.99 -21.55
N ILE D 327 53.79 31.73 -21.05
CA ILE D 327 52.98 32.73 -20.35
C ILE D 327 53.08 32.49 -18.84
N GLN D 328 53.15 31.22 -18.46
CA GLN D 328 53.27 30.81 -17.07
C GLN D 328 54.37 29.76 -17.03
N PRO D 329 55.11 29.70 -15.91
CA PRO D 329 56.18 28.71 -15.81
C PRO D 329 55.74 27.31 -16.24
N GLY D 330 56.17 26.89 -17.43
CA GLY D 330 55.84 25.57 -17.93
C GLY D 330 54.68 25.54 -18.92
N ARG D 331 54.00 26.67 -19.08
CA ARG D 331 52.85 26.75 -19.98
C ARG D 331 53.06 27.89 -20.99
N ARG D 332 52.69 27.64 -22.25
CA ARG D 332 52.84 28.64 -23.30
C ARG D 332 51.52 28.80 -24.05
N LEU D 333 51.40 29.89 -24.81
CA LEU D 333 50.18 30.14 -25.56
C LEU D 333 49.70 28.89 -26.31
N GLY D 334 50.63 27.99 -26.62
CA GLY D 334 50.27 26.77 -27.32
C GLY D 334 49.48 25.86 -26.41
N THR D 335 49.88 25.83 -25.14
CA THR D 335 49.21 25.01 -24.12
C THR D 335 47.74 25.44 -24.05
N GLU D 336 47.50 26.74 -24.17
CA GLU D 336 46.15 27.28 -24.13
C GLU D 336 45.38 26.75 -25.33
N PHE D 337 46.08 26.59 -26.46
CA PHE D 337 45.48 26.07 -27.68
C PHE D 337 45.05 24.65 -27.45
N ALA D 338 45.96 23.83 -26.94
CA ALA D 338 45.69 22.43 -26.68
C ALA D 338 44.49 22.24 -25.76
N ASP D 339 44.38 23.10 -24.74
CA ASP D 339 43.26 23.00 -23.79
C ASP D 339 41.92 23.13 -24.50
N ARG D 340 41.71 24.24 -25.21
CA ARG D 340 40.46 24.46 -25.93
C ARG D 340 40.25 23.31 -26.91
N ALA D 341 41.36 22.86 -27.48
CA ALA D 341 41.36 21.76 -28.43
C ALA D 341 40.99 20.43 -27.78
N LYS D 342 41.42 20.24 -26.54
CA LYS D 342 41.16 19.01 -25.81
C LYS D 342 39.67 18.65 -25.83
N LYS D 343 38.83 19.65 -26.06
CA LYS D 343 37.39 19.44 -26.11
C LYS D 343 36.99 18.36 -27.11
N TYR D 344 37.82 18.15 -28.13
CA TYR D 344 37.56 17.16 -29.17
C TYR D 344 38.72 16.22 -29.44
N VAL D 345 39.93 16.67 -29.10
CA VAL D 345 41.12 15.87 -29.32
C VAL D 345 42.05 15.88 -28.10
N PRO D 346 42.73 14.76 -27.84
CA PRO D 346 43.65 14.65 -26.70
C PRO D 346 44.82 15.65 -26.72
N GLY D 347 45.10 16.23 -27.89
CA GLY D 347 46.19 17.19 -27.96
C GLY D 347 46.43 17.78 -29.34
N ILE D 348 47.42 18.65 -29.43
CA ILE D 348 47.75 19.30 -30.69
C ILE D 348 49.26 19.43 -30.90
N PHE D 349 49.65 19.82 -32.12
CA PHE D 349 51.04 20.02 -32.48
C PHE D 349 51.13 21.37 -33.19
N HIS D 350 52.07 22.22 -32.78
CA HIS D 350 52.23 23.51 -33.44
C HIS D 350 53.66 23.69 -33.94
N ILE D 351 53.83 24.51 -34.96
CA ILE D 351 55.12 24.76 -35.58
C ILE D 351 56.27 25.11 -34.62
N ASP D 352 55.98 25.85 -33.54
CA ASP D 352 57.03 26.25 -32.62
C ASP D 352 57.52 25.20 -31.61
N GLU D 353 56.86 24.05 -31.55
CA GLU D 353 57.28 23.01 -30.59
C GLU D 353 58.10 21.92 -31.27
N LEU D 354 57.89 21.74 -32.58
CA LEU D 354 58.66 20.74 -33.32
C LEU D 354 59.67 21.42 -34.22
N PRO D 355 60.55 20.65 -34.89
CA PRO D 355 60.69 19.19 -34.89
C PRO D 355 60.80 18.57 -33.50
N ASN D 356 60.13 17.44 -33.33
CA ASN D 356 60.14 16.71 -32.06
C ASN D 356 59.11 15.59 -32.14
N TYR D 357 58.84 14.97 -31.01
CA TYR D 357 57.87 13.88 -30.90
C TYR D 357 57.92 12.92 -32.10
N GLY D 358 59.12 12.67 -32.61
CA GLY D 358 59.27 11.76 -33.73
C GLY D 358 58.82 12.34 -35.05
N ILE D 359 58.77 13.67 -35.12
CA ILE D 359 58.37 14.36 -36.35
C ILE D 359 59.62 14.96 -36.99
N SER D 360 60.05 14.36 -38.10
CA SER D 360 61.24 14.80 -38.83
C SER D 360 61.15 16.23 -39.34
N GLN D 361 62.27 16.95 -39.23
CA GLN D 361 62.33 18.34 -39.68
C GLN D 361 61.80 18.38 -41.11
N GLU D 362 62.09 17.32 -41.86
CA GLU D 362 61.64 17.21 -43.23
C GLU D 362 60.15 17.51 -43.24
N GLU D 363 59.41 16.67 -42.52
CA GLU D 363 57.97 16.79 -42.40
C GLU D 363 57.54 18.23 -42.11
N VAL D 364 58.28 18.90 -41.23
CA VAL D 364 57.97 20.29 -40.88
C VAL D 364 57.95 21.20 -42.11
N ASN D 365 59.10 21.38 -42.74
CA ASN D 365 59.20 22.22 -43.92
C ASN D 365 58.20 21.82 -44.99
N LYS D 366 58.05 20.51 -45.20
CA LYS D 366 57.12 19.99 -46.19
C LYS D 366 55.69 20.46 -45.95
N VAL D 367 55.39 20.83 -44.71
CA VAL D 367 54.06 21.32 -44.36
C VAL D 367 54.02 22.82 -44.64
N ILE D 368 55.12 23.51 -44.32
CA ILE D 368 55.22 24.94 -44.54
C ILE D 368 54.88 25.27 -45.99
N GLU D 369 55.09 24.29 -46.86
CA GLU D 369 54.83 24.43 -48.28
C GLU D 369 53.37 24.38 -48.68
N ARG D 370 52.75 23.21 -48.56
CA ARG D 370 51.36 23.03 -48.95
C ARG D 370 50.41 24.13 -48.48
N LEU D 371 50.77 24.82 -47.40
CA LEU D 371 49.94 25.91 -46.88
C LEU D 371 50.64 27.25 -47.06
N ASN D 372 51.80 27.21 -47.71
CA ASN D 372 52.61 28.40 -47.98
C ASN D 372 52.72 29.29 -46.74
N LEU D 373 53.81 29.12 -46.01
CA LEU D 373 54.02 29.91 -44.80
C LEU D 373 55.14 30.94 -44.92
N SER D 374 54.91 32.11 -44.32
CA SER D 374 55.89 33.19 -44.34
C SER D 374 56.91 33.02 -43.23
N GLU D 375 57.87 33.93 -43.17
CA GLU D 375 58.92 33.88 -42.14
C GLU D 375 58.31 34.08 -40.76
N GLU D 376 57.00 34.28 -40.71
CA GLU D 376 56.29 34.48 -39.45
C GLU D 376 55.00 33.69 -39.39
N ASP D 377 54.69 32.97 -40.47
CA ASP D 377 53.46 32.18 -40.49
C ASP D 377 53.69 30.86 -39.76
N ALA D 378 52.70 30.44 -39.00
CA ALA D 378 52.77 29.19 -38.24
C ALA D 378 51.59 28.29 -38.56
N PHE D 379 51.58 27.10 -37.96
CA PHE D 379 50.50 26.17 -38.18
C PHE D 379 50.18 25.33 -36.95
N VAL D 380 49.15 24.52 -37.06
CA VAL D 380 48.70 23.64 -35.98
C VAL D 380 48.19 22.34 -36.60
N LEU D 381 48.64 21.22 -36.08
CA LEU D 381 48.23 19.92 -36.61
C LEU D 381 47.44 19.12 -35.60
N VAL D 382 46.40 18.42 -36.07
CA VAL D 382 45.58 17.61 -35.19
C VAL D 382 45.18 16.30 -35.84
N ALA D 383 45.86 15.22 -35.44
CA ALA D 383 45.57 13.91 -36.01
C ALA D 383 44.37 13.30 -35.30
N ALA D 384 43.27 13.15 -36.03
CA ALA D 384 42.07 12.58 -35.45
C ALA D 384 41.09 12.17 -36.53
N GLU D 385 39.96 11.60 -36.10
CA GLU D 385 38.92 11.17 -37.03
C GLU D 385 38.37 12.40 -37.75
N GLU D 386 38.48 12.41 -39.07
CA GLU D 386 38.00 13.50 -39.91
C GLU D 386 37.40 14.70 -39.16
N GLU D 387 36.12 14.60 -38.80
CA GLU D 387 35.43 15.67 -38.09
C GLU D 387 36.09 16.14 -36.80
N LYS D 388 36.53 15.20 -35.96
CA LYS D 388 37.19 15.55 -34.71
C LYS D 388 38.24 16.62 -34.94
N ALA D 389 39.17 16.34 -35.85
CA ALA D 389 40.25 17.27 -36.18
C ALA D 389 39.73 18.61 -36.67
N LYS D 390 38.57 18.61 -37.32
CA LYS D 390 37.97 19.84 -37.83
C LYS D 390 37.52 20.72 -36.68
N ASN D 391 36.64 20.17 -35.84
CA ASN D 391 36.13 20.91 -34.70
C ASN D 391 37.28 21.32 -33.80
N ALA D 392 38.19 20.40 -33.56
CA ALA D 392 39.35 20.67 -32.71
C ALA D 392 40.08 21.90 -33.20
N LEU D 393 40.44 21.91 -34.49
CA LEU D 393 41.15 23.03 -35.09
C LEU D 393 40.30 24.29 -35.05
N ARG D 394 38.99 24.14 -35.20
CA ARG D 394 38.10 25.30 -35.17
C ARG D 394 38.21 25.96 -33.81
N GLU D 395 38.17 25.15 -32.75
CA GLU D 395 38.29 25.66 -31.39
C GLU D 395 39.62 26.35 -31.23
N VAL D 396 40.63 25.84 -31.93
CA VAL D 396 41.97 26.43 -31.88
C VAL D 396 41.85 27.79 -32.55
N ILE D 397 41.03 27.85 -33.59
CA ILE D 397 40.81 29.08 -34.33
C ILE D 397 40.27 30.13 -33.38
N LYS D 398 39.11 29.83 -32.80
CA LYS D 398 38.45 30.72 -31.85
C LYS D 398 39.48 31.39 -30.96
N ARG D 399 40.22 30.60 -30.19
CA ARG D 399 41.24 31.11 -29.29
C ARG D 399 42.24 32.01 -30.03
N ALA D 400 42.88 31.47 -31.06
CA ALA D 400 43.87 32.21 -31.85
C ALA D 400 43.41 33.64 -32.14
N ARG D 401 42.19 33.75 -32.66
CA ARG D 401 41.63 35.06 -32.96
C ARG D 401 41.59 35.88 -31.68
N GLU D 402 40.93 35.33 -30.66
CA GLU D 402 40.83 35.98 -29.35
C GLU D 402 42.18 36.48 -28.85
N ALA D 403 43.23 35.69 -29.11
CA ALA D 403 44.58 36.05 -28.68
C ALA D 403 44.99 37.37 -29.30
N ILE D 404 44.61 37.59 -30.56
CA ILE D 404 44.96 38.82 -31.25
C ILE D 404 44.29 40.00 -30.56
N GLU D 405 43.10 39.75 -30.03
CA GLU D 405 42.33 40.79 -29.36
C GLU D 405 42.71 41.02 -27.89
N GLY D 406 42.94 39.94 -27.14
CA GLY D 406 43.30 40.10 -25.74
C GLY D 406 43.12 38.88 -24.87
N VAL D 407 42.62 39.11 -23.65
CA VAL D 407 42.41 38.02 -22.70
C VAL D 407 40.99 37.45 -22.71
N PRO D 408 40.86 36.18 -23.12
CA PRO D 408 39.55 35.54 -23.15
C PRO D 408 38.95 35.47 -21.75
N GLU D 409 37.74 35.98 -21.60
CA GLU D 409 37.07 35.95 -20.33
C GLU D 409 36.51 34.54 -20.13
N GLU D 410 37.29 33.67 -19.49
CA GLU D 410 36.88 32.29 -19.26
C GLU D 410 36.95 31.88 -17.79
N THR D 411 36.59 30.64 -17.49
CA THR D 411 36.65 30.12 -16.12
C THR D 411 37.71 29.01 -16.06
N ARG D 412 38.79 29.26 -15.32
CA ARG D 412 39.86 28.29 -15.23
C ARG D 412 39.97 27.64 -13.85
N ARG D 413 40.49 26.42 -13.81
CA ARG D 413 40.66 25.70 -12.56
C ARG D 413 42.14 25.76 -12.15
N ALA D 414 42.40 25.85 -10.85
CA ALA D 414 43.77 25.93 -10.36
C ALA D 414 44.50 24.58 -10.41
N LEU D 415 45.81 24.65 -10.54
CA LEU D 415 46.67 23.46 -10.59
C LEU D 415 47.57 23.47 -9.37
N PRO D 416 48.26 22.36 -9.09
CA PRO D 416 49.16 22.25 -7.94
C PRO D 416 50.34 23.22 -8.08
N ASP D 417 50.75 23.45 -9.32
CA ASP D 417 51.86 24.33 -9.64
C ASP D 417 51.55 25.76 -9.23
N GLY D 418 50.29 26.13 -9.36
CA GLY D 418 49.87 27.49 -9.03
C GLY D 418 49.37 28.16 -10.30
N ASN D 419 49.57 27.49 -11.42
CA ASN D 419 49.12 27.97 -12.72
C ASN D 419 47.68 27.51 -12.88
N THR D 420 47.02 27.99 -13.93
CA THR D 420 45.64 27.61 -14.19
C THR D 420 45.54 26.77 -15.45
N GLU D 421 44.36 26.24 -15.69
CA GLU D 421 44.08 25.40 -16.84
C GLU D 421 42.66 25.70 -17.26
N TYR D 422 42.37 25.64 -18.55
CA TYR D 422 41.03 25.94 -19.05
C TYR D 422 39.96 24.93 -18.64
N MET D 423 38.79 25.43 -18.26
CA MET D 423 37.66 24.61 -17.86
C MET D 423 36.45 24.83 -18.78
N ARG D 424 35.78 25.96 -18.61
CA ARG D 424 34.61 26.28 -19.42
C ARG D 424 34.42 27.78 -19.50
N PRO D 425 33.42 28.23 -20.26
CA PRO D 425 33.21 29.68 -20.36
C PRO D 425 32.61 30.22 -19.07
N LEU D 426 32.79 31.51 -18.82
CA LEU D 426 32.25 32.15 -17.62
C LEU D 426 30.78 31.80 -17.53
N PRO D 427 30.34 31.23 -16.40
CA PRO D 427 28.95 30.85 -16.20
C PRO D 427 27.96 31.96 -16.54
N GLY D 428 26.79 31.57 -17.04
CA GLY D 428 25.77 32.56 -17.38
C GLY D 428 25.07 33.07 -16.14
N LYS D 429 24.37 34.20 -16.27
CA LYS D 429 23.65 34.78 -15.14
C LYS D 429 22.53 33.83 -14.74
N ALA D 430 22.37 33.62 -13.45
CA ALA D 430 21.35 32.70 -12.93
C ALA D 430 19.96 33.31 -12.92
N ARG D 431 18.96 32.45 -13.12
CA ARG D 431 17.56 32.86 -13.14
C ARG D 431 16.87 32.40 -11.86
N MET D 432 16.42 33.35 -11.06
CA MET D 432 15.73 33.01 -9.82
C MET D 432 14.33 33.58 -9.77
N TYR D 433 13.50 33.02 -8.89
CA TYR D 433 12.16 33.50 -8.66
C TYR D 433 11.75 33.08 -7.26
N PRO D 434 10.97 33.92 -6.58
CA PRO D 434 10.50 33.69 -5.22
C PRO D 434 10.25 32.24 -4.80
N GLU D 435 10.72 31.89 -3.60
CA GLU D 435 10.48 30.55 -3.05
C GLU D 435 9.24 30.73 -2.22
N THR D 436 8.12 30.63 -2.91
CA THR D 436 6.77 30.79 -2.39
C THR D 436 6.29 29.92 -1.24
N ASP D 437 6.90 28.75 -1.06
CA ASP D 437 6.46 27.86 0.02
C ASP D 437 6.91 28.28 1.41
N ILE D 438 8.07 28.93 1.51
CA ILE D 438 8.55 29.35 2.81
C ILE D 438 8.14 30.79 3.10
N PRO D 439 7.39 31.00 4.20
CA PRO D 439 6.92 32.34 4.62
C PRO D 439 8.14 33.19 4.83
N PRO D 440 8.00 34.50 4.75
CA PRO D 440 9.16 35.36 4.97
C PRO D 440 9.55 35.32 6.45
N LEU D 441 10.84 35.15 6.74
CA LEU D 441 11.27 35.08 8.13
C LEU D 441 11.77 36.43 8.61
N ARG D 442 11.29 36.86 9.76
CA ARG D 442 11.75 38.13 10.30
C ARG D 442 12.76 37.90 11.41
N ILE D 443 13.80 38.74 11.42
CA ILE D 443 14.83 38.63 12.42
C ILE D 443 14.68 39.78 13.41
N PRO D 444 14.10 39.50 14.59
CA PRO D 444 13.89 40.50 15.65
C PRO D 444 15.19 41.12 16.09
N ASP D 445 15.15 42.42 16.39
CA ASP D 445 16.34 43.13 16.86
C ASP D 445 16.71 42.37 18.13
N ASP D 446 15.67 41.87 18.78
CA ASP D 446 15.76 41.08 19.98
C ASP D 446 16.84 40.01 19.76
N LEU D 447 16.64 39.17 18.76
CA LEU D 447 17.57 38.10 18.43
C LEU D 447 18.87 38.62 17.87
N LYS D 448 18.81 39.69 17.08
CA LYS D 448 20.02 40.25 16.51
C LYS D 448 20.99 40.62 17.64
N LYS D 449 20.46 41.27 18.67
CA LYS D 449 21.29 41.69 19.81
C LYS D 449 21.89 40.47 20.53
N LYS D 450 21.04 39.55 20.96
CA LYS D 450 21.51 38.36 21.68
C LYS D 450 22.70 37.72 20.97
N ILE D 451 22.61 37.60 19.65
CA ILE D 451 23.66 36.97 18.85
C ILE D 451 24.89 37.87 18.62
N LYS D 452 24.66 39.18 18.49
CA LYS D 452 25.75 40.12 18.24
C LYS D 452 26.70 40.28 19.42
N GLU D 453 26.21 39.97 20.61
CA GLU D 453 27.02 40.08 21.81
C GLU D 453 27.86 38.82 22.03
N ASN D 454 27.18 37.70 22.23
CA ASN D 454 27.83 36.43 22.47
C ASN D 454 28.61 35.83 21.31
N LEU D 455 29.17 36.67 20.45
CA LEU D 455 29.92 36.17 19.31
C LEU D 455 31.08 35.33 19.81
N PRO D 456 31.38 34.22 19.12
CA PRO D 456 32.48 33.29 19.45
C PRO D 456 33.87 33.90 19.36
N GLU D 457 34.86 33.13 19.77
CA GLU D 457 36.25 33.56 19.78
C GLU D 457 37.02 33.14 18.54
N LEU D 458 37.44 34.10 17.73
CA LEU D 458 38.21 33.78 16.54
C LEU D 458 39.41 32.97 16.99
N PRO D 459 39.81 31.97 16.19
CA PRO D 459 40.95 31.13 16.54
C PRO D 459 42.19 31.88 17.03
N GLN D 460 42.78 32.68 16.16
CA GLN D 460 43.98 33.43 16.50
C GLN D 460 43.85 34.15 17.83
N ALA D 461 42.77 34.93 17.97
CA ALA D 461 42.53 35.68 19.20
C ALA D 461 42.78 34.80 20.41
N LYS D 462 42.32 33.55 20.35
CA LYS D 462 42.52 32.61 21.44
C LYS D 462 44.01 32.40 21.62
N VAL D 463 44.68 32.02 20.53
CA VAL D 463 46.12 31.81 20.57
C VAL D 463 46.76 32.97 21.32
N GLU D 464 46.36 34.17 20.94
CA GLU D 464 46.91 35.38 21.53
C GLU D 464 46.44 35.69 22.95
N ARG D 465 45.48 34.91 23.46
CA ARG D 465 45.01 35.13 24.82
C ARG D 465 45.75 34.11 25.69
N TYR D 466 45.95 32.92 25.16
CA TYR D 466 46.66 31.88 25.87
C TYR D 466 48.05 32.41 26.26
N VAL D 467 48.75 33.00 25.30
CA VAL D 467 50.07 33.56 25.55
C VAL D 467 49.97 34.71 26.56
N LYS D 468 49.24 35.75 26.20
CA LYS D 468 49.10 36.90 27.07
C LYS D 468 48.49 36.61 28.45
N GLU D 469 47.49 35.75 28.52
CA GLU D 469 46.85 35.45 29.79
C GLU D 469 47.48 34.27 30.56
N TYR D 470 47.58 33.11 29.94
CA TYR D 470 48.16 31.95 30.63
C TYR D 470 49.69 31.89 30.54
N LYS D 471 50.27 32.87 29.88
CA LYS D 471 51.72 33.00 29.74
C LYS D 471 52.46 31.82 29.11
N LEU D 472 51.83 31.05 28.23
CA LEU D 472 52.55 29.91 27.66
C LEU D 472 53.23 30.16 26.33
N ASP D 473 54.04 29.18 25.94
CA ASP D 473 54.81 29.24 24.70
C ASP D 473 53.95 29.59 23.50
N ARG D 474 54.47 30.42 22.61
CA ARG D 474 53.73 30.79 21.41
C ARG D 474 53.62 29.54 20.56
N SER D 475 54.68 28.75 20.54
CA SER D 475 54.69 27.51 19.79
C SER D 475 53.53 26.64 20.27
N LEU D 476 53.44 26.46 21.58
CA LEU D 476 52.39 25.64 22.18
C LEU D 476 51.01 26.26 21.98
N ALA D 477 50.89 27.57 22.16
CA ALA D 477 49.61 28.24 21.99
C ALA D 477 49.06 27.96 20.59
N GLN D 478 49.88 28.18 19.57
CA GLN D 478 49.47 27.93 18.18
C GLN D 478 49.12 26.47 17.98
N THR D 479 50.10 25.58 18.11
CA THR D 479 49.90 24.15 17.94
C THR D 479 48.73 23.60 18.77
N LEU D 480 48.31 24.36 19.77
CA LEU D 480 47.21 23.93 20.61
C LEU D 480 45.89 24.17 19.87
N VAL D 481 45.84 25.27 19.12
CA VAL D 481 44.66 25.62 18.35
C VAL D 481 44.77 25.09 16.92
N ASP D 482 45.93 25.32 16.29
CA ASP D 482 46.15 24.85 14.92
C ASP D 482 45.87 23.36 14.81
N ASP D 483 45.80 22.67 15.93
CA ASP D 483 45.52 21.24 15.94
C ASP D 483 44.19 20.93 16.61
N GLU D 484 43.24 21.85 16.45
CA GLU D 484 41.89 21.71 16.99
C GLU D 484 41.77 21.42 18.48
N ARG D 485 42.89 21.30 19.18
CA ARG D 485 42.85 21.03 20.61
C ARG D 485 42.34 22.26 21.37
N ASP D 486 42.08 23.35 20.64
CA ASP D 486 41.59 24.60 21.21
C ASP D 486 40.50 24.39 22.25
N GLU D 487 39.75 23.30 22.10
CA GLU D 487 38.66 22.98 23.02
C GLU D 487 39.18 22.18 24.23
N LEU D 488 39.78 21.03 23.95
CA LEU D 488 40.32 20.16 24.99
C LEU D 488 41.12 20.95 26.02
N PHE D 489 42.00 21.83 25.55
CA PHE D 489 42.82 22.64 26.44
C PHE D 489 41.96 23.50 27.35
N GLU D 490 41.04 24.24 26.75
CA GLU D 490 40.15 25.11 27.52
C GLU D 490 39.39 24.27 28.55
N GLU D 491 38.91 23.10 28.13
CA GLU D 491 38.17 22.19 28.99
C GLU D 491 39.05 21.70 30.15
N LEU D 492 40.31 21.39 29.86
CA LEU D 492 41.25 20.93 30.87
C LEU D 492 41.45 22.06 31.90
N VAL D 493 42.04 23.18 31.45
CA VAL D 493 42.31 24.35 32.31
C VAL D 493 41.05 24.75 33.07
N SER D 494 39.90 24.56 32.43
CA SER D 494 38.62 24.90 33.04
C SER D 494 38.55 24.25 34.41
N MET D 495 39.26 23.14 34.54
CA MET D 495 39.27 22.45 35.82
C MET D 495 40.18 23.17 36.83
N GLY D 496 40.61 24.38 36.48
CA GLY D 496 41.49 25.18 37.32
C GLY D 496 42.79 24.42 37.45
N VAL D 497 42.81 23.33 36.70
CA VAL D 497 43.94 22.44 36.68
C VAL D 497 45.13 22.90 35.86
N LYS D 498 45.87 21.92 35.33
CA LYS D 498 47.06 22.12 34.52
C LYS D 498 47.23 23.56 34.09
N PRO D 499 47.72 24.43 34.98
CA PRO D 499 47.92 25.86 34.66
C PRO D 499 47.74 26.24 33.20
N SER D 500 48.59 25.67 32.35
CA SER D 500 48.56 25.89 30.91
C SER D 500 49.69 25.04 30.35
N LEU D 501 50.84 25.03 31.02
CA LEU D 501 51.97 24.25 30.56
C LEU D 501 51.74 22.77 30.83
N ALA D 502 51.06 22.48 31.94
CA ALA D 502 50.76 21.10 32.29
C ALA D 502 49.92 20.57 31.14
N ALA D 503 48.82 21.27 30.85
CA ALA D 503 47.93 20.89 29.77
C ALA D 503 48.62 21.02 28.41
N SER D 504 48.91 22.26 28.00
CA SER D 504 49.57 22.53 26.73
C SER D 504 50.68 21.51 26.43
N ILE D 505 51.63 21.38 27.37
CA ILE D 505 52.74 20.44 27.18
C ILE D 505 52.18 19.04 26.98
N LEU D 506 51.27 18.63 27.85
CA LEU D 506 50.66 17.31 27.73
C LEU D 506 50.11 17.10 26.32
N VAL D 507 49.02 17.80 25.99
CA VAL D 507 48.38 17.71 24.69
C VAL D 507 49.30 17.88 23.48
N VAL D 508 49.69 19.12 23.20
CA VAL D 508 50.56 19.42 22.08
C VAL D 508 51.87 18.63 22.00
N VAL D 509 52.44 18.27 23.14
CA VAL D 509 53.71 17.52 23.17
C VAL D 509 53.59 16.05 23.55
N LEU D 510 53.24 15.79 24.81
CA LEU D 510 53.10 14.43 25.29
C LEU D 510 52.40 13.54 24.26
N LYS D 511 51.11 13.82 24.02
CA LYS D 511 50.33 13.04 23.05
C LYS D 511 51.14 12.64 21.81
N GLY D 512 51.62 13.64 21.06
CA GLY D 512 52.41 13.34 19.87
C GLY D 512 53.58 12.45 20.25
N ASP E . -18.46 -4.52 16.64
CA ASP E . -17.18 -5.12 17.01
C ASP E . -16.49 -4.28 18.08
O ASP E . -15.64 -3.46 17.76
CB ASP E . -16.29 -5.24 15.77
CG ASP E . -14.99 -5.98 16.05
OD1 ASP E . -14.40 -5.77 17.13
OD2 ASP E . -14.56 -6.77 15.19
OXT ASP E . -16.79 -4.45 19.25
N ASP F . -4.56 24.03 -3.82
CA ASP F . -4.32 23.33 -5.06
C ASP F . -5.57 23.38 -5.96
O ASP F . -6.39 22.47 -5.99
CB ASP F . -3.92 21.89 -4.76
CG ASP F . -3.21 21.21 -5.92
OD1 ASP F . -3.70 21.28 -7.07
OD2 ASP F . -2.15 20.58 -5.69
OXT ASP F . -5.75 24.37 -6.67
#